data_4NOB
# 
_entry.id   4NOB 
# 
_audit_conform.dict_name       mmcif_pdbx.dic 
_audit_conform.dict_version    5.397 
_audit_conform.dict_location   http://mmcif.pdb.org/dictionaries/ascii/mmcif_pdbx.dic 
# 
loop_
_database_2.database_id 
_database_2.database_code 
_database_2.pdbx_database_accession 
_database_2.pdbx_DOI 
PDB   4NOB         pdb_00004nob 10.2210/pdb4nob/pdb 
RCSB  RCSB083452   ?            ?                   
WWPDB D_1000083452 ?            ?                   
# 
loop_
_pdbx_audit_revision_history.ordinal 
_pdbx_audit_revision_history.data_content_type 
_pdbx_audit_revision_history.major_revision 
_pdbx_audit_revision_history.minor_revision 
_pdbx_audit_revision_history.revision_date 
1 'Structure model' 1 0 2013-12-04 
2 'Structure model' 1 1 2020-07-29 
3 'Structure model' 1 2 2023-09-20 
4 'Structure model' 1 3 2024-10-16 
# 
loop_
_pdbx_audit_revision_details.ordinal 
_pdbx_audit_revision_details.revision_ordinal 
_pdbx_audit_revision_details.data_content_type 
_pdbx_audit_revision_details.provider 
_pdbx_audit_revision_details.type 
_pdbx_audit_revision_details.description 
_pdbx_audit_revision_details.details 
1 1 'Structure model' repository 'Initial release' ?                          ? 
2 2 'Structure model' repository Remediation       'Carbohydrate remediation' ? 
# 
loop_
_pdbx_audit_revision_group.ordinal 
_pdbx_audit_revision_group.revision_ordinal 
_pdbx_audit_revision_group.data_content_type 
_pdbx_audit_revision_group.group 
1 2 'Structure model' 'Data collection'        
2 2 'Structure model' 'Database references'    
3 2 'Structure model' 'Derived calculations'   
4 2 'Structure model' 'Structure summary'      
5 3 'Structure model' 'Data collection'        
6 3 'Structure model' 'Database references'    
7 3 'Structure model' 'Refinement description' 
8 3 'Structure model' 'Structure summary'      
9 4 'Structure model' 'Structure summary'      
# 
loop_
_pdbx_audit_revision_category.ordinal 
_pdbx_audit_revision_category.revision_ordinal 
_pdbx_audit_revision_category.data_content_type 
_pdbx_audit_revision_category.category 
1  2 'Structure model' chem_comp                     
2  2 'Structure model' entity                        
3  2 'Structure model' pdbx_chem_comp_identifier     
4  2 'Structure model' pdbx_entity_nonpoly           
5  2 'Structure model' pdbx_struct_conn_angle        
6  2 'Structure model' struct_conn                   
7  2 'Structure model' struct_ref_seq_dif            
8  2 'Structure model' struct_site                   
9  2 'Structure model' struct_site_gen               
10 3 'Structure model' chem_comp                     
11 3 'Structure model' chem_comp_atom                
12 3 'Structure model' chem_comp_bond                
13 3 'Structure model' database_2                    
14 3 'Structure model' pdbx_initial_refinement_model 
15 4 'Structure model' pdbx_entry_details            
16 4 'Structure model' pdbx_modification_feature     
# 
loop_
_pdbx_audit_revision_item.ordinal 
_pdbx_audit_revision_item.revision_ordinal 
_pdbx_audit_revision_item.data_content_type 
_pdbx_audit_revision_item.item 
1  2 'Structure model' '_chem_comp.name'                             
2  2 'Structure model' '_chem_comp.type'                             
3  2 'Structure model' '_entity.pdbx_description'                    
4  2 'Structure model' '_pdbx_entity_nonpoly.name'                   
5  2 'Structure model' '_pdbx_struct_conn_angle.ptnr1_auth_comp_id'  
6  2 'Structure model' '_pdbx_struct_conn_angle.ptnr1_auth_seq_id'   
7  2 'Structure model' '_pdbx_struct_conn_angle.ptnr1_label_asym_id' 
8  2 'Structure model' '_pdbx_struct_conn_angle.ptnr1_label_atom_id' 
9  2 'Structure model' '_pdbx_struct_conn_angle.ptnr1_label_comp_id' 
10 2 'Structure model' '_pdbx_struct_conn_angle.ptnr1_label_seq_id'  
11 2 'Structure model' '_pdbx_struct_conn_angle.ptnr3_auth_comp_id'  
12 2 'Structure model' '_pdbx_struct_conn_angle.ptnr3_auth_seq_id'   
13 2 'Structure model' '_pdbx_struct_conn_angle.ptnr3_label_asym_id' 
14 2 'Structure model' '_pdbx_struct_conn_angle.ptnr3_label_atom_id' 
15 2 'Structure model' '_pdbx_struct_conn_angle.ptnr3_label_comp_id' 
16 2 'Structure model' '_pdbx_struct_conn_angle.ptnr3_label_seq_id'  
17 2 'Structure model' '_pdbx_struct_conn_angle.value'               
18 2 'Structure model' '_struct_conn.pdbx_dist_value'                
19 2 'Structure model' '_struct_conn.pdbx_leaving_atom_flag'         
20 2 'Structure model' '_struct_conn.pdbx_role'                      
21 2 'Structure model' '_struct_conn.ptnr1_auth_comp_id'             
22 2 'Structure model' '_struct_conn.ptnr1_auth_seq_id'              
23 2 'Structure model' '_struct_conn.ptnr1_label_asym_id'            
24 2 'Structure model' '_struct_conn.ptnr1_label_atom_id'            
25 2 'Structure model' '_struct_conn.ptnr1_label_comp_id'            
26 2 'Structure model' '_struct_conn.ptnr1_label_seq_id'             
27 2 'Structure model' '_struct_conn.ptnr2_auth_comp_id'             
28 2 'Structure model' '_struct_conn.ptnr2_auth_seq_id'              
29 2 'Structure model' '_struct_conn.ptnr2_label_asym_id'            
30 2 'Structure model' '_struct_conn.ptnr2_label_atom_id'            
31 2 'Structure model' '_struct_conn.ptnr2_label_comp_id'            
32 2 'Structure model' '_struct_ref_seq_dif.details'                 
33 3 'Structure model' '_chem_comp.pdbx_synonyms'                    
34 3 'Structure model' '_database_2.pdbx_DOI'                        
35 3 'Structure model' '_database_2.pdbx_database_accession'         
# 
_pdbx_database_status.entry_id                        4NOB 
_pdbx_database_status.status_code                     REL 
_pdbx_database_status.deposit_site                    RCSB 
_pdbx_database_status.process_site                    RCSB 
_pdbx_database_status.recvd_initial_deposition_date   2013-11-19 
_pdbx_database_status.status_code_sf                  REL 
_pdbx_database_status.status_code_mr                  ? 
_pdbx_database_status.SG_entry                        Y 
_pdbx_database_status.status_code_cs                  ? 
_pdbx_database_status.methods_development_category    ? 
_pdbx_database_status.pdb_format_compatible           Y 
_pdbx_database_status.status_code_nmr_data            ? 
# 
_pdbx_database_related.db_name        TargetTrack 
_pdbx_database_related.db_id          NYSGRC-006220 
_pdbx_database_related.details        . 
_pdbx_database_related.content_type   unspecified 
# 
loop_
_audit_author.name 
_audit_author.pdbx_ordinal 
'Kumar, P.R.'                                               1  
'Banu, R.'                                                  2  
'Bhosle, R.'                                                3  
'Calarese, D.A.'                                            4  
'Celikgil, A.'                                              5  
'Chamala, S.'                                               6  
'Chan, M.K.'                                                7  
'Chowdhury, S.'                                             8  
'Fiser, A.'                                                 9  
'Garforth, S.J.'                                            10 
'Glenn, A.S.'                                               11 
'Hillerich, B.'                                             12 
'Khafizov, K.'                                              13 
'Attonito, J.'                                              14 
'Love, J.D.'                                                15 
'Patel, H.'                                                 16 
'Patel, R.'                                                 17 
'Seidel, R.D.'                                              18 
'Smith, B.'                                                 19 
'Stead, M.'                                                 20 
'Casadevall, A.'                                            21 
'Almo, S.C.'                                                22 
'New York Structural Genomics Research Consortium (NYSGRC)' 23 
'Atoms-to-Animals: The Immune Function Network (IFN)'       24 
# 
_citation.id                        primary 
_citation.title                     'Crystal structure of the 1st Ig domain from mouse Polymeric Immunoglobulin receptor' 
_citation.journal_abbrev            'to be published' 
_citation.journal_volume            ? 
_citation.page_first                ? 
_citation.page_last                 ? 
_citation.year                      ? 
_citation.journal_id_ASTM           ? 
_citation.country                   ? 
_citation.journal_id_ISSN           ? 
_citation.journal_id_CSD            0353 
_citation.book_publisher            ? 
_citation.pdbx_database_id_PubMed   ? 
_citation.pdbx_database_id_DOI      ? 
# 
loop_
_citation_author.citation_id 
_citation_author.name 
_citation_author.ordinal 
_citation_author.identifier_ORCID 
primary 'Kumar, P.R.'    1 ? 
primary 'Casadevall, A.' 2 ? 
primary 'Almo, S.C.'     3 ? 
# 
loop_
_entity.id 
_entity.type 
_entity.src_method 
_entity.pdbx_description 
_entity.formula_weight 
_entity.pdbx_number_of_molecules 
_entity.pdbx_ec 
_entity.pdbx_mutation 
_entity.pdbx_fragment 
_entity.details 
1 polymer     man 'Polymeric immunoglobulin receptor'      13939.219 1   ? ? 'Ig-like V-type 1 domain residues 20-133' ? 
2 non-polymer man 2-acetamido-2-deoxy-beta-D-glucopyranose 221.208   1   ? ? ?                                         ? 
3 non-polymer syn 'MAGNESIUM ION'                          24.305    1   ? ? ?                                         ? 
4 non-polymer syn 1,2-ETHANEDIOL                           62.068    3   ? ? ?                                         ? 
5 water       nat water                                    18.015    110 ? ? ?                                         ? 
# 
_entity_name_com.entity_id   1 
_entity_name_com.name        'PIgR, Poly-Ig receptor, Secretory component' 
# 
_entity_poly.entity_id                      1 
_entity_poly.type                           'polypeptide(L)' 
_entity_poly.nstd_linkage                   no 
_entity_poly.nstd_monomer                   no 
_entity_poly.pdbx_seq_one_letter_code       
;QDYGGSPIFGPQEVSSIEGDSVSITCYYPDTSVNRHTRKYWCRQGASGMCTTLISSNGYLSKEYSGRANLINFPENNTFV
INIEQLTQDDTGSYKCGLGTSNRGLSFDVSLEVSQVPELAENLYFQ
;
_entity_poly.pdbx_seq_one_letter_code_can   
;QDYGGSPIFGPQEVSSIEGDSVSITCYYPDTSVNRHTRKYWCRQGASGMCTTLISSNGYLSKEYSGRANLINFPENNTFV
INIEQLTQDDTGSYKCGLGTSNRGLSFDVSLEVSQVPELAENLYFQ
;
_entity_poly.pdbx_strand_id                 A 
_entity_poly.pdbx_target_identifier         NYSGRC-006220 
# 
loop_
_pdbx_entity_nonpoly.entity_id 
_pdbx_entity_nonpoly.name 
_pdbx_entity_nonpoly.comp_id 
2 2-acetamido-2-deoxy-beta-D-glucopyranose NAG 
3 'MAGNESIUM ION'                          MG  
4 1,2-ETHANEDIOL                           EDO 
5 water                                    HOH 
# 
loop_
_entity_poly_seq.entity_id 
_entity_poly_seq.num 
_entity_poly_seq.mon_id 
_entity_poly_seq.hetero 
1 1   GLN n 
1 2   ASP n 
1 3   TYR n 
1 4   GLY n 
1 5   GLY n 
1 6   SER n 
1 7   PRO n 
1 8   ILE n 
1 9   PHE n 
1 10  GLY n 
1 11  PRO n 
1 12  GLN n 
1 13  GLU n 
1 14  VAL n 
1 15  SER n 
1 16  SER n 
1 17  ILE n 
1 18  GLU n 
1 19  GLY n 
1 20  ASP n 
1 21  SER n 
1 22  VAL n 
1 23  SER n 
1 24  ILE n 
1 25  THR n 
1 26  CYS n 
1 27  TYR n 
1 28  TYR n 
1 29  PRO n 
1 30  ASP n 
1 31  THR n 
1 32  SER n 
1 33  VAL n 
1 34  ASN n 
1 35  ARG n 
1 36  HIS n 
1 37  THR n 
1 38  ARG n 
1 39  LYS n 
1 40  TYR n 
1 41  TRP n 
1 42  CYS n 
1 43  ARG n 
1 44  GLN n 
1 45  GLY n 
1 46  ALA n 
1 47  SER n 
1 48  GLY n 
1 49  MET n 
1 50  CYS n 
1 51  THR n 
1 52  THR n 
1 53  LEU n 
1 54  ILE n 
1 55  SER n 
1 56  SER n 
1 57  ASN n 
1 58  GLY n 
1 59  TYR n 
1 60  LEU n 
1 61  SER n 
1 62  LYS n 
1 63  GLU n 
1 64  TYR n 
1 65  SER n 
1 66  GLY n 
1 67  ARG n 
1 68  ALA n 
1 69  ASN n 
1 70  LEU n 
1 71  ILE n 
1 72  ASN n 
1 73  PHE n 
1 74  PRO n 
1 75  GLU n 
1 76  ASN n 
1 77  ASN n 
1 78  THR n 
1 79  PHE n 
1 80  VAL n 
1 81  ILE n 
1 82  ASN n 
1 83  ILE n 
1 84  GLU n 
1 85  GLN n 
1 86  LEU n 
1 87  THR n 
1 88  GLN n 
1 89  ASP n 
1 90  ASP n 
1 91  THR n 
1 92  GLY n 
1 93  SER n 
1 94  TYR n 
1 95  LYS n 
1 96  CYS n 
1 97  GLY n 
1 98  LEU n 
1 99  GLY n 
1 100 THR n 
1 101 SER n 
1 102 ASN n 
1 103 ARG n 
1 104 GLY n 
1 105 LEU n 
1 106 SER n 
1 107 PHE n 
1 108 ASP n 
1 109 VAL n 
1 110 SER n 
1 111 LEU n 
1 112 GLU n 
1 113 VAL n 
1 114 SER n 
1 115 GLN n 
1 116 VAL n 
1 117 PRO n 
1 118 GLU n 
1 119 LEU n 
1 120 ALA n 
1 121 GLU n 
1 122 ASN n 
1 123 LEU n 
1 124 TYR n 
1 125 PHE n 
1 126 GLN n 
# 
_entity_src_gen.entity_id                          1 
_entity_src_gen.pdbx_src_id                        1 
_entity_src_gen.pdbx_alt_source_flag               sample 
_entity_src_gen.pdbx_seq_type                      ? 
_entity_src_gen.pdbx_beg_seq_num                   ? 
_entity_src_gen.pdbx_end_seq_num                   ? 
_entity_src_gen.gene_src_common_name               mouse 
_entity_src_gen.gene_src_genus                     ? 
_entity_src_gen.pdbx_gene_src_gene                 Pigr 
_entity_src_gen.gene_src_species                   ? 
_entity_src_gen.gene_src_strain                    ? 
_entity_src_gen.gene_src_tissue                    ? 
_entity_src_gen.gene_src_tissue_fraction           ? 
_entity_src_gen.gene_src_details                   ? 
_entity_src_gen.pdbx_gene_src_fragment             ? 
_entity_src_gen.pdbx_gene_src_scientific_name      'Mus musculus' 
_entity_src_gen.pdbx_gene_src_ncbi_taxonomy_id     10090 
_entity_src_gen.pdbx_gene_src_variant              ? 
_entity_src_gen.pdbx_gene_src_cell_line            ? 
_entity_src_gen.pdbx_gene_src_atcc                 ? 
_entity_src_gen.pdbx_gene_src_organ                ? 
_entity_src_gen.pdbx_gene_src_organelle            ? 
_entity_src_gen.pdbx_gene_src_cell                 ? 
_entity_src_gen.pdbx_gene_src_cellular_location    ? 
_entity_src_gen.host_org_common_name               'cabbage looper' 
_entity_src_gen.pdbx_host_org_scientific_name      'Trichoplusia ni' 
_entity_src_gen.pdbx_host_org_ncbi_taxonomy_id     7111 
_entity_src_gen.host_org_genus                     ? 
_entity_src_gen.pdbx_host_org_gene                 ? 
_entity_src_gen.pdbx_host_org_organ                ? 
_entity_src_gen.host_org_species                   ? 
_entity_src_gen.pdbx_host_org_tissue               ? 
_entity_src_gen.pdbx_host_org_tissue_fraction      ? 
_entity_src_gen.pdbx_host_org_strain               Hi5 
_entity_src_gen.pdbx_host_org_variant              ? 
_entity_src_gen.pdbx_host_org_cell_line            ? 
_entity_src_gen.pdbx_host_org_atcc                 ? 
_entity_src_gen.pdbx_host_org_culture_collection   ? 
_entity_src_gen.pdbx_host_org_cell                 ? 
_entity_src_gen.pdbx_host_org_organelle            ? 
_entity_src_gen.pdbx_host_org_cellular_location    ? 
_entity_src_gen.pdbx_host_org_vector_type          Plasmid 
_entity_src_gen.pdbx_host_org_vector               ? 
_entity_src_gen.host_org_details                   ? 
_entity_src_gen.expression_system_id               ? 
_entity_src_gen.plasmid_name                       pIEX 
_entity_src_gen.plasmid_details                    ? 
_entity_src_gen.pdbx_description                   ? 
# 
loop_
_chem_comp.id 
_chem_comp.type 
_chem_comp.mon_nstd_flag 
_chem_comp.name 
_chem_comp.pdbx_synonyms 
_chem_comp.formula 
_chem_comp.formula_weight 
ALA 'L-peptide linking'          y ALANINE                                  ? 'C3 H7 N O2'     89.093  
ARG 'L-peptide linking'          y ARGININE                                 ? 'C6 H15 N4 O2 1' 175.209 
ASN 'L-peptide linking'          y ASPARAGINE                               ? 'C4 H8 N2 O3'    132.118 
ASP 'L-peptide linking'          y 'ASPARTIC ACID'                          ? 'C4 H7 N O4'     133.103 
CYS 'L-peptide linking'          y CYSTEINE                                 ? 'C3 H7 N O2 S'   121.158 
EDO non-polymer                  . 1,2-ETHANEDIOL                           'ETHYLENE GLYCOL' 'C2 H6 O2'       62.068  
GLN 'L-peptide linking'          y GLUTAMINE                                ? 'C5 H10 N2 O3'   146.144 
GLU 'L-peptide linking'          y 'GLUTAMIC ACID'                          ? 'C5 H9 N O4'     147.129 
GLY 'peptide linking'            y GLYCINE                                  ? 'C2 H5 N O2'     75.067  
HIS 'L-peptide linking'          y HISTIDINE                                ? 'C6 H10 N3 O2 1' 156.162 
HOH non-polymer                  . WATER                                    ? 'H2 O'           18.015  
ILE 'L-peptide linking'          y ISOLEUCINE                               ? 'C6 H13 N O2'    131.173 
LEU 'L-peptide linking'          y LEUCINE                                  ? 'C6 H13 N O2'    131.173 
LYS 'L-peptide linking'          y LYSINE                                   ? 'C6 H15 N2 O2 1' 147.195 
MET 'L-peptide linking'          y METHIONINE                               ? 'C5 H11 N O2 S'  149.211 
MG  non-polymer                  . 'MAGNESIUM ION'                          ? 'Mg 2'           24.305  
NAG 'D-saccharide, beta linking' . 2-acetamido-2-deoxy-beta-D-glucopyranose 
;N-acetyl-beta-D-glucosamine; 2-acetamido-2-deoxy-beta-D-glucose; 2-acetamido-2-deoxy-D-glucose; 2-acetamido-2-deoxy-glucose; N-ACETYL-D-GLUCOSAMINE
;
'C8 H15 N O6'    221.208 
PHE 'L-peptide linking'          y PHENYLALANINE                            ? 'C9 H11 N O2'    165.189 
PRO 'L-peptide linking'          y PROLINE                                  ? 'C5 H9 N O2'     115.130 
SER 'L-peptide linking'          y SERINE                                   ? 'C3 H7 N O3'     105.093 
THR 'L-peptide linking'          y THREONINE                                ? 'C4 H9 N O3'     119.119 
TRP 'L-peptide linking'          y TRYPTOPHAN                               ? 'C11 H12 N2 O2'  204.225 
TYR 'L-peptide linking'          y TYROSINE                                 ? 'C9 H11 N O3'    181.189 
VAL 'L-peptide linking'          y VALINE                                   ? 'C5 H11 N O2'    117.146 
# 
loop_
_pdbx_chem_comp_identifier.comp_id 
_pdbx_chem_comp_identifier.type 
_pdbx_chem_comp_identifier.program 
_pdbx_chem_comp_identifier.program_version 
_pdbx_chem_comp_identifier.identifier 
NAG 'CONDENSED IUPAC CARBOHYDRATE SYMBOL' GMML     1.0 DGlcpNAcb                      
NAG 'COMMON NAME'                         GMML     1.0 N-acetyl-b-D-glucopyranosamine 
NAG 'IUPAC CARBOHYDRATE SYMBOL'           PDB-CARE 1.0 b-D-GlcpNAc                    
NAG 'SNFG CARBOHYDRATE SYMBOL'            GMML     1.0 GlcNAc                         
# 
loop_
_pdbx_poly_seq_scheme.asym_id 
_pdbx_poly_seq_scheme.entity_id 
_pdbx_poly_seq_scheme.seq_id 
_pdbx_poly_seq_scheme.mon_id 
_pdbx_poly_seq_scheme.ndb_seq_num 
_pdbx_poly_seq_scheme.pdb_seq_num 
_pdbx_poly_seq_scheme.auth_seq_num 
_pdbx_poly_seq_scheme.pdb_mon_id 
_pdbx_poly_seq_scheme.auth_mon_id 
_pdbx_poly_seq_scheme.pdb_strand_id 
_pdbx_poly_seq_scheme.pdb_ins_code 
_pdbx_poly_seq_scheme.hetero 
A 1 1   GLN 1   15  ?   ?   ?   A . n 
A 1 2   ASP 2   16  ?   ?   ?   A . n 
A 1 3   TYR 3   17  ?   ?   ?   A . n 
A 1 4   GLY 4   18  ?   ?   ?   A . n 
A 1 5   GLY 5   19  19  GLY GLY A . n 
A 1 6   SER 6   20  20  SER SER A . n 
A 1 7   PRO 7   21  21  PRO PRO A . n 
A 1 8   ILE 8   22  22  ILE ILE A . n 
A 1 9   PHE 9   23  23  PHE PHE A . n 
A 1 10  GLY 10  24  24  GLY GLY A . n 
A 1 11  PRO 11  25  25  PRO PRO A . n 
A 1 12  GLN 12  26  26  GLN GLN A . n 
A 1 13  GLU 13  27  27  GLU GLU A . n 
A 1 14  VAL 14  28  28  VAL VAL A . n 
A 1 15  SER 15  29  29  SER SER A . n 
A 1 16  SER 16  30  30  SER SER A . n 
A 1 17  ILE 17  31  31  ILE ILE A . n 
A 1 18  GLU 18  32  32  GLU GLU A . n 
A 1 19  GLY 19  33  33  GLY GLY A . n 
A 1 20  ASP 20  34  34  ASP ASP A . n 
A 1 21  SER 21  35  35  SER SER A . n 
A 1 22  VAL 22  36  36  VAL VAL A . n 
A 1 23  SER 23  37  37  SER SER A . n 
A 1 24  ILE 24  38  38  ILE ILE A . n 
A 1 25  THR 25  39  39  THR THR A . n 
A 1 26  CYS 26  40  40  CYS CYS A . n 
A 1 27  TYR 27  41  41  TYR TYR A . n 
A 1 28  TYR 28  42  42  TYR TYR A . n 
A 1 29  PRO 29  43  43  PRO PRO A . n 
A 1 30  ASP 30  44  44  ASP ASP A . n 
A 1 31  THR 31  45  45  THR THR A . n 
A 1 32  SER 32  46  46  SER SER A . n 
A 1 33  VAL 33  47  47  VAL VAL A . n 
A 1 34  ASN 34  48  48  ASN ASN A . n 
A 1 35  ARG 35  49  49  ARG ARG A . n 
A 1 36  HIS 36  50  50  HIS HIS A . n 
A 1 37  THR 37  51  51  THR THR A . n 
A 1 38  ARG 38  52  52  ARG ARG A . n 
A 1 39  LYS 39  53  53  LYS LYS A . n 
A 1 40  TYR 40  54  54  TYR TYR A . n 
A 1 41  TRP 41  55  55  TRP TRP A . n 
A 1 42  CYS 42  56  56  CYS CYS A . n 
A 1 43  ARG 43  57  57  ARG ARG A . n 
A 1 44  GLN 44  58  58  GLN GLN A . n 
A 1 45  GLY 45  59  59  GLY GLY A . n 
A 1 46  ALA 46  60  60  ALA ALA A . n 
A 1 47  SER 47  61  61  SER SER A . n 
A 1 48  GLY 48  62  62  GLY GLY A . n 
A 1 49  MET 49  63  63  MET MET A . n 
A 1 50  CYS 50  64  64  CYS CYS A . n 
A 1 51  THR 51  65  65  THR THR A . n 
A 1 52  THR 52  66  66  THR THR A . n 
A 1 53  LEU 53  67  67  LEU LEU A . n 
A 1 54  ILE 54  68  68  ILE ILE A . n 
A 1 55  SER 55  69  69  SER SER A . n 
A 1 56  SER 56  70  70  SER SER A . n 
A 1 57  ASN 57  71  71  ASN ASN A . n 
A 1 58  GLY 58  72  72  GLY GLY A . n 
A 1 59  TYR 59  73  73  TYR TYR A . n 
A 1 60  LEU 60  74  74  LEU LEU A . n 
A 1 61  SER 61  75  75  SER SER A . n 
A 1 62  LYS 62  76  76  LYS LYS A . n 
A 1 63  GLU 63  77  77  GLU GLU A . n 
A 1 64  TYR 64  78  78  TYR TYR A . n 
A 1 65  SER 65  79  79  SER SER A . n 
A 1 66  GLY 66  80  80  GLY GLY A . n 
A 1 67  ARG 67  81  81  ARG ARG A . n 
A 1 68  ALA 68  82  82  ALA ALA A . n 
A 1 69  ASN 69  83  83  ASN ASN A . n 
A 1 70  LEU 70  84  84  LEU LEU A . n 
A 1 71  ILE 71  85  85  ILE ILE A . n 
A 1 72  ASN 72  86  86  ASN ASN A . n 
A 1 73  PHE 73  87  87  PHE PHE A . n 
A 1 74  PRO 74  88  88  PRO PRO A . n 
A 1 75  GLU 75  89  89  GLU GLU A . n 
A 1 76  ASN 76  90  90  ASN ASN A . n 
A 1 77  ASN 77  91  91  ASN ASN A . n 
A 1 78  THR 78  92  92  THR THR A . n 
A 1 79  PHE 79  93  93  PHE PHE A . n 
A 1 80  VAL 80  94  94  VAL VAL A . n 
A 1 81  ILE 81  95  95  ILE ILE A . n 
A 1 82  ASN 82  96  96  ASN ASN A . n 
A 1 83  ILE 83  97  97  ILE ILE A . n 
A 1 84  GLU 84  98  98  GLU GLU A . n 
A 1 85  GLN 85  99  99  GLN GLN A . n 
A 1 86  LEU 86  100 100 LEU LEU A . n 
A 1 87  THR 87  101 101 THR THR A . n 
A 1 88  GLN 88  102 102 GLN GLN A . n 
A 1 89  ASP 89  103 103 ASP ASP A . n 
A 1 90  ASP 90  104 104 ASP ASP A . n 
A 1 91  THR 91  105 105 THR THR A . n 
A 1 92  GLY 92  106 106 GLY GLY A . n 
A 1 93  SER 93  107 107 SER SER A . n 
A 1 94  TYR 94  108 108 TYR TYR A . n 
A 1 95  LYS 95  109 109 LYS LYS A . n 
A 1 96  CYS 96  110 110 CYS CYS A . n 
A 1 97  GLY 97  111 111 GLY GLY A . n 
A 1 98  LEU 98  112 112 LEU LEU A . n 
A 1 99  GLY 99  113 113 GLY GLY A . n 
A 1 100 THR 100 114 114 THR THR A . n 
A 1 101 SER 101 115 ?   ?   ?   A . n 
A 1 102 ASN 102 116 ?   ?   ?   A . n 
A 1 103 ARG 103 117 ?   ?   ?   A . n 
A 1 104 GLY 104 118 118 GLY GLY A . n 
A 1 105 LEU 105 119 119 LEU LEU A . n 
A 1 106 SER 106 120 120 SER SER A . n 
A 1 107 PHE 107 121 121 PHE PHE A . n 
A 1 108 ASP 108 122 122 ASP ASP A . n 
A 1 109 VAL 109 123 123 VAL VAL A . n 
A 1 110 SER 110 124 124 SER SER A . n 
A 1 111 LEU 111 125 125 LEU LEU A . n 
A 1 112 GLU 112 126 126 GLU GLU A . n 
A 1 113 VAL 113 127 127 VAL VAL A . n 
A 1 114 SER 114 128 128 SER SER A . n 
A 1 115 GLN 115 129 129 GLN GLN A . n 
A 1 116 VAL 116 130 130 VAL VAL A . n 
A 1 117 PRO 117 131 131 PRO PRO A . n 
A 1 118 GLU 118 132 132 GLU GLU A . n 
A 1 119 LEU 119 133 133 LEU LEU A . n 
A 1 120 ALA 120 134 ?   ?   ?   A . n 
A 1 121 GLU 121 135 ?   ?   ?   A . n 
A 1 122 ASN 122 136 ?   ?   ?   A . n 
A 1 123 LEU 123 137 ?   ?   ?   A . n 
A 1 124 TYR 124 138 ?   ?   ?   A . n 
A 1 125 PHE 125 139 ?   ?   ?   A . n 
A 1 126 GLN 126 140 ?   ?   ?   A . n 
# 
loop_
_pdbx_nonpoly_scheme.asym_id 
_pdbx_nonpoly_scheme.entity_id 
_pdbx_nonpoly_scheme.mon_id 
_pdbx_nonpoly_scheme.ndb_seq_num 
_pdbx_nonpoly_scheme.pdb_seq_num 
_pdbx_nonpoly_scheme.auth_seq_num 
_pdbx_nonpoly_scheme.pdb_mon_id 
_pdbx_nonpoly_scheme.auth_mon_id 
_pdbx_nonpoly_scheme.pdb_strand_id 
_pdbx_nonpoly_scheme.pdb_ins_code 
B 2 NAG 1   201 1   NAG NAG A . 
C 3 MG  1   202 1   MG  MG  A . 
D 4 EDO 1   203 1   EDO EDO A . 
E 4 EDO 1   204 2   EDO EDO A . 
F 4 EDO 1   205 3   EDO EDO A . 
G 5 HOH 1   301 1   HOH HOH A . 
G 5 HOH 2   302 2   HOH HOH A . 
G 5 HOH 3   303 3   HOH HOH A . 
G 5 HOH 4   304 4   HOH HOH A . 
G 5 HOH 5   305 5   HOH HOH A . 
G 5 HOH 6   306 6   HOH HOH A . 
G 5 HOH 7   307 7   HOH HOH A . 
G 5 HOH 8   308 8   HOH HOH A . 
G 5 HOH 9   309 9   HOH HOH A . 
G 5 HOH 10  310 10  HOH HOH A . 
G 5 HOH 11  311 11  HOH HOH A . 
G 5 HOH 12  312 12  HOH HOH A . 
G 5 HOH 13  313 13  HOH HOH A . 
G 5 HOH 14  314 14  HOH HOH A . 
G 5 HOH 15  315 15  HOH HOH A . 
G 5 HOH 16  316 17  HOH HOH A . 
G 5 HOH 17  317 18  HOH HOH A . 
G 5 HOH 18  318 19  HOH HOH A . 
G 5 HOH 19  319 20  HOH HOH A . 
G 5 HOH 20  320 21  HOH HOH A . 
G 5 HOH 21  321 23  HOH HOH A . 
G 5 HOH 22  322 24  HOH HOH A . 
G 5 HOH 23  323 26  HOH HOH A . 
G 5 HOH 24  324 27  HOH HOH A . 
G 5 HOH 25  325 28  HOH HOH A . 
G 5 HOH 26  326 29  HOH HOH A . 
G 5 HOH 27  327 30  HOH HOH A . 
G 5 HOH 28  328 31  HOH HOH A . 
G 5 HOH 29  329 32  HOH HOH A . 
G 5 HOH 30  330 33  HOH HOH A . 
G 5 HOH 31  331 35  HOH HOH A . 
G 5 HOH 32  332 36  HOH HOH A . 
G 5 HOH 33  333 37  HOH HOH A . 
G 5 HOH 34  334 39  HOH HOH A . 
G 5 HOH 35  335 40  HOH HOH A . 
G 5 HOH 36  336 41  HOH HOH A . 
G 5 HOH 37  337 42  HOH HOH A . 
G 5 HOH 38  338 43  HOH HOH A . 
G 5 HOH 39  339 44  HOH HOH A . 
G 5 HOH 40  340 45  HOH HOH A . 
G 5 HOH 41  341 46  HOH HOH A . 
G 5 HOH 42  342 47  HOH HOH A . 
G 5 HOH 43  343 48  HOH HOH A . 
G 5 HOH 44  344 49  HOH HOH A . 
G 5 HOH 45  345 50  HOH HOH A . 
G 5 HOH 46  346 51  HOH HOH A . 
G 5 HOH 47  347 52  HOH HOH A . 
G 5 HOH 48  348 53  HOH HOH A . 
G 5 HOH 49  349 55  HOH HOH A . 
G 5 HOH 50  350 56  HOH HOH A . 
G 5 HOH 51  351 57  HOH HOH A . 
G 5 HOH 52  352 58  HOH HOH A . 
G 5 HOH 53  353 59  HOH HOH A . 
G 5 HOH 54  354 60  HOH HOH A . 
G 5 HOH 55  355 63  HOH HOH A . 
G 5 HOH 56  356 64  HOH HOH A . 
G 5 HOH 57  357 65  HOH HOH A . 
G 5 HOH 58  358 67  HOH HOH A . 
G 5 HOH 59  359 68  HOH HOH A . 
G 5 HOH 60  360 70  HOH HOH A . 
G 5 HOH 61  361 72  HOH HOH A . 
G 5 HOH 62  362 74  HOH HOH A . 
G 5 HOH 63  363 75  HOH HOH A . 
G 5 HOH 64  364 76  HOH HOH A . 
G 5 HOH 65  365 77  HOH HOH A . 
G 5 HOH 66  366 78  HOH HOH A . 
G 5 HOH 67  367 79  HOH HOH A . 
G 5 HOH 68  368 80  HOH HOH A . 
G 5 HOH 69  369 82  HOH HOH A . 
G 5 HOH 70  370 83  HOH HOH A . 
G 5 HOH 71  371 84  HOH HOH A . 
G 5 HOH 72  372 85  HOH HOH A . 
G 5 HOH 73  373 86  HOH HOH A . 
G 5 HOH 74  374 87  HOH HOH A . 
G 5 HOH 75  375 88  HOH HOH A . 
G 5 HOH 76  376 89  HOH HOH A . 
G 5 HOH 77  377 90  HOH HOH A . 
G 5 HOH 78  378 91  HOH HOH A . 
G 5 HOH 79  379 93  HOH HOH A . 
G 5 HOH 80  380 94  HOH HOH A . 
G 5 HOH 81  381 95  HOH HOH A . 
G 5 HOH 82  382 96  HOH HOH A . 
G 5 HOH 83  383 97  HOH HOH A . 
G 5 HOH 84  384 99  HOH HOH A . 
G 5 HOH 85  385 100 HOH HOH A . 
G 5 HOH 86  386 102 HOH HOH A . 
G 5 HOH 87  387 104 HOH HOH A . 
G 5 HOH 88  388 105 HOH HOH A . 
G 5 HOH 89  389 106 HOH HOH A . 
G 5 HOH 90  390 107 HOH HOH A . 
G 5 HOH 91  391 108 HOH HOH A . 
G 5 HOH 92  392 109 HOH HOH A . 
G 5 HOH 93  393 110 HOH HOH A . 
G 5 HOH 94  394 111 HOH HOH A . 
G 5 HOH 95  395 112 HOH HOH A . 
G 5 HOH 96  396 113 HOH HOH A . 
G 5 HOH 97  397 115 HOH HOH A . 
G 5 HOH 98  398 116 HOH HOH A . 
G 5 HOH 99  399 117 HOH HOH A . 
G 5 HOH 100 400 118 HOH HOH A . 
G 5 HOH 101 401 122 HOH HOH A . 
G 5 HOH 102 402 123 HOH HOH A . 
G 5 HOH 103 403 124 HOH HOH A . 
G 5 HOH 104 404 125 HOH HOH A . 
G 5 HOH 105 405 126 HOH HOH A . 
G 5 HOH 106 406 127 HOH HOH A . 
G 5 HOH 107 407 128 HOH HOH A . 
G 5 HOH 108 408 129 HOH HOH A . 
G 5 HOH 109 409 130 HOH HOH A . 
G 5 HOH 110 410 132 HOH HOH A . 
# 
loop_
_software.pdbx_ordinal 
_software.name 
_software.version 
_software.date 
_software.type 
_software.contact_author 
_software.contact_author_email 
_software.classification 
_software.location 
_software.language 
_software.citation_id 
1 SCALEPACK   .    ?                program 'Zbyszek Otwinowski' hkl@hkl-xray.com         'data scaling'    
http://www.hkl-xray.com/                     ?          ? 
2 REFMAC      .    ?                program 'Garib N. Murshudov' garib@ysbl.york.ac.uk    refinement        
http://www.ccp4.ac.uk/dist/html/refmac5.html Fortran_77 ? 
3 PDB_EXTRACT 3.11 'April 22, 2011' package PDB                  deposit@deposit.rcsb.org 'data extraction' 
http://sw-tools.pdb.org/apps/PDB_EXTRACT/    C++        ? 
4 CBASS       .    ?                ?       ?                    ?                        'data collection' ? ?          ? 
5 HKL-3000    .    ?                ?       ?                    ?                        'data reduction'  ? ?          ? 
6 MOLREP      .    ?                ?       ?                    ?                        phasing           ? ?          ? 
# 
_cell.length_a           40.275 
_cell.length_b           46.803 
_cell.length_c           62.062 
_cell.angle_alpha        90.000 
_cell.angle_beta         90.000 
_cell.angle_gamma        90.000 
_cell.entry_id           4NOB 
_cell.pdbx_unique_axis   ? 
_cell.Z_PDB              4 
_cell.length_a_esd       ? 
_cell.length_b_esd       ? 
_cell.length_c_esd       ? 
_cell.angle_alpha_esd    ? 
_cell.angle_beta_esd     ? 
_cell.angle_gamma_esd    ? 
# 
_symmetry.space_group_name_H-M             'P 21 21 21' 
_symmetry.entry_id                         4NOB 
_symmetry.Int_Tables_number                19 
_symmetry.pdbx_full_space_group_name_H-M   ? 
_symmetry.cell_setting                     ? 
_symmetry.space_group_name_Hall            ? 
# 
_exptl.crystals_number   1 
_exptl.entry_id          4NOB 
_exptl.method            'X-RAY DIFFRACTION' 
# 
_exptl_crystal.id                    1 
_exptl_crystal.density_Matthews      2.10 
_exptl_crystal.density_meas          ? 
_exptl_crystal.density_percent_sol   41.38 
_exptl_crystal.description           ? 
_exptl_crystal.F_000                 ? 
_exptl_crystal.preparation           ? 
# 
_exptl_crystal_grow.crystal_id      1 
_exptl_crystal_grow.method          'VAPOR DIFFUSION, SITTING DROP' 
_exptl_crystal_grow.pH              5.5 
_exptl_crystal_grow.temp            298 
_exptl_crystal_grow.pdbx_details    
;Protein (20 mM Hepes, pH 7.5, 150 mM NaCl, 5% glycerol), Reservoir (0.2M MgCl2, 0.1M Bis-Tris-HCl, 25% (v/v) PEG 3350), Cryoprotection (33% Ethylene glycol), Vapor Diffusion, Sitting Drop, temperature 298K
;
_exptl_crystal_grow.temp_details    ? 
_exptl_crystal_grow.pdbx_pH_range   ? 
# 
_diffrn.id                     1 
_diffrn.ambient_temp           100 
_diffrn.ambient_temp_details   ? 
_diffrn.crystal_id             1 
# 
_diffrn_detector.diffrn_id              1 
_diffrn_detector.detector               PIXEL 
_diffrn_detector.type                   'DECTRIS PILATUS 6M' 
_diffrn_detector.pdbx_collection_date   2013-10-24 
_diffrn_detector.details                MIRRORS 
# 
_diffrn_radiation.diffrn_id                        1 
_diffrn_radiation.pdbx_diffrn_protocol             'SINGLE WAVELENGTH' 
_diffrn_radiation.monochromator                    'Si(111)' 
_diffrn_radiation.wavelength_id                    1 
_diffrn_radiation.pdbx_monochromatic_or_laue_m_l   M 
_diffrn_radiation.pdbx_scattering_type             x-ray 
# 
_diffrn_radiation_wavelength.id           1 
_diffrn_radiation_wavelength.wavelength   1.0750 
_diffrn_radiation_wavelength.wt           1.0 
# 
_diffrn_source.diffrn_id                   1 
_diffrn_source.source                      SYNCHROTRON 
_diffrn_source.type                        'NSLS BEAMLINE X25' 
_diffrn_source.pdbx_wavelength_list        1.0750 
_diffrn_source.pdbx_wavelength             ? 
_diffrn_source.pdbx_synchrotron_site       NSLS 
_diffrn_source.pdbx_synchrotron_beamline   X25 
# 
_reflns.entry_id                     4NOB 
_reflns.d_resolution_high            1.510 
_reflns.d_resolution_low             50.000 
_reflns.number_obs                   18980 
_reflns.pdbx_Rmerge_I_obs            0.077 
_reflns.pdbx_netI_over_sigmaI        8.100 
_reflns.pdbx_chi_squared             0.974 
_reflns.pdbx_redundancy              11.900 
_reflns.percent_possible_obs         99.400 
_reflns.observed_criterion_sigma_F   ? 
_reflns.observed_criterion_sigma_I   ? 
_reflns.number_all                   ? 
_reflns.pdbx_Rsym_value              ? 
_reflns.B_iso_Wilson_estimate        ? 
_reflns.R_free_details               ? 
_reflns.limit_h_max                  ? 
_reflns.limit_h_min                  ? 
_reflns.limit_k_max                  ? 
_reflns.limit_k_min                  ? 
_reflns.limit_l_max                  ? 
_reflns.limit_l_min                  ? 
_reflns.observed_criterion_F_max     ? 
_reflns.observed_criterion_F_min     ? 
_reflns.pdbx_scaling_rejects         ? 
_reflns.pdbx_ordinal                 1 
_reflns.pdbx_diffrn_id               1 
# 
loop_
_reflns_shell.d_res_high 
_reflns_shell.d_res_low 
_reflns_shell.number_measured_obs 
_reflns_shell.number_measured_all 
_reflns_shell.number_unique_obs 
_reflns_shell.Rmerge_I_obs 
_reflns_shell.meanI_over_sigI_obs 
_reflns_shell.pdbx_Rsym_value 
_reflns_shell.pdbx_chi_squared 
_reflns_shell.pdbx_redundancy 
_reflns_shell.percent_possible_obs 
_reflns_shell.number_unique_all 
_reflns_shell.percent_possible_all 
_reflns_shell.pdbx_ordinal 
_reflns_shell.pdbx_diffrn_id 
1.510 1.540  ? ? ? 0.353 ? ? 1.043 8.000  ? 853  93.300  1  1 
1.540 1.560  ? ? ? 0.330 ? ? 1.058 9.400  ? 923  97.800  2  1 
1.560 1.590  ? ? ? 0.307 ? ? 1.083 10.800 ? 930  100.000 3  1 
1.590 1.630  ? ? ? 0.291 ? ? 1.043 12.200 ? 932  98.600  4  1 
1.630 1.660  ? ? ? 0.251 ? ? 1.087 12.300 ? 916  100.000 5  1 
1.660 1.700  ? ? ? 0.230 ? ? 1.046 12.000 ? 942  99.300  6  1 
1.700 1.740  ? ? ? 0.211 ? ? 1.097 12.500 ? 944  100.000 7  1 
1.740 1.790  ? ? ? 0.187 ? ? 1.118 12.500 ? 928  99.500  8  1 
1.790 1.840  ? ? ? 0.161 ? ? 1.119 12.200 ? 950  99.800  9  1 
1.840 1.900  ? ? ? 0.141 ? ? 1.078 12.700 ? 943  100.000 10 1 
1.900 1.970  ? ? ? 0.118 ? ? 1.052 12.100 ? 934  99.800  11 1 
1.970 2.050  ? ? ? 0.102 ? ? 1.026 12.200 ? 952  100.000 12 1 
2.050 2.140  ? ? ? 0.094 ? ? 0.989 12.300 ? 958  100.000 13 1 
2.140 2.260  ? ? ? 0.082 ? ? 0.910 12.500 ? 950  100.000 14 1 
2.260 2.400  ? ? ? 0.077 ? ? 0.867 12.600 ? 964  100.000 15 1 
2.400 2.580  ? ? ? 0.070 ? ? 0.769 12.400 ? 955  99.900  16 1 
2.580 2.840  ? ? ? 0.063 ? ? 0.726 12.400 ? 968  100.000 17 1 
2.840 3.250  ? ? ? 0.059 ? ? 0.695 13.000 ? 976  100.000 18 1 
3.250 4.100  ? ? ? 0.059 ? ? 0.734 12.300 ? 995  100.000 19 1 
4.100 50.000 ? ? ? 0.068 ? ? 1.069 11.500 ? 1067 99.900  20 1 
# 
_refine.entry_id                                 4NOB 
_refine.ls_d_res_high                            1.5100 
_refine.ls_d_res_low                             37.3700 
_refine.pdbx_ls_sigma_F                          0.000 
_refine.pdbx_data_cutoff_high_absF               ? 
_refine.pdbx_data_cutoff_low_absF                ? 
_refine.ls_percent_reflns_obs                    96.4800 
_refine.ls_number_reflns_obs                     18374 
_refine.ls_number_reflns_all                     ? 
_refine.pdbx_ls_cross_valid_method               THROUGHOUT 
_refine.pdbx_R_Free_selection_details            RANDOM 
_refine.details                                  
'HYDROGENS HAVE BEEN ADDED IN THE RIDING POSITIONS U VALUES      : REFINED INDIVIDUALLY' 
_refine.ls_R_factor_all                          ? 
_refine.ls_R_factor_obs                          0.1625 
_refine.ls_R_factor_R_work                       0.1610 
_refine.ls_wR_factor_R_work                      0.1745 
_refine.ls_R_factor_R_free                       0.1891 
_refine.ls_wR_factor_R_free                      0.2109 
_refine.ls_percent_reflns_R_free                 5.1000 
_refine.ls_number_reflns_R_free                  945 
_refine.ls_R_factor_R_free_error                 ? 
_refine.B_iso_mean                               17.0010 
_refine.solvent_model_param_bsol                 ? 
_refine.solvent_model_param_ksol                 ? 
_refine.pdbx_isotropic_thermal_model             ? 
_refine.aniso_B[1][1]                            -0.2400 
_refine.aniso_B[2][2]                            -0.3200 
_refine.aniso_B[3][3]                            0.5600 
_refine.aniso_B[1][2]                            -0.0000 
_refine.aniso_B[1][3]                            0.0000 
_refine.aniso_B[2][3]                            0.0000 
_refine.correlation_coeff_Fo_to_Fc               0.9650 
_refine.correlation_coeff_Fo_to_Fc_free          0.9570 
_refine.overall_SU_R_Cruickshank_DPI             0.0684 
_refine.overall_SU_R_free                        0.0704 
_refine.pdbx_overall_ESU_R                       0.0680 
_refine.pdbx_overall_ESU_R_Free                  0.0700 
_refine.overall_SU_ML                            0.0400 
_refine.overall_SU_B                             1.0590 
_refine.solvent_model_details                    MASK 
_refine.pdbx_solvent_vdw_probe_radii             1.2000 
_refine.pdbx_solvent_ion_probe_radii             0.8000 
_refine.pdbx_solvent_shrinkage_radii             0.8000 
_refine.ls_number_parameters                     ? 
_refine.ls_number_restraints                     ? 
_refine.pdbx_starting_model                      1XED 
_refine.pdbx_method_to_determine_struct          'MOLECULAR REPLACEMENT' 
_refine.pdbx_stereochemistry_target_values       'MAXIMUM LIKELIHOOD' 
_refine.pdbx_stereochem_target_val_spec_case     ? 
_refine.overall_FOM_work_R_set                   0.8837 
_refine.B_iso_max                                82.960 
_refine.B_iso_min                                8.440 
_refine.pdbx_overall_phase_error                 ? 
_refine.occupancy_max                            1.000 
_refine.occupancy_min                            0.500 
_refine.pdbx_ls_sigma_I                          ? 
_refine.ls_redundancy_reflns_obs                 ? 
_refine.ls_R_factor_R_free_error_details         ? 
_refine.pdbx_data_cutoff_high_rms_absF           ? 
_refine.overall_FOM_free_R_set                   ? 
_refine.pdbx_diffrn_id                           1 
_refine.pdbx_refine_id                           'X-RAY DIFFRACTION' 
_refine.pdbx_TLS_residual_ADP_flag               ? 
_refine.pdbx_overall_SU_R_free_Cruickshank_DPI   ? 
_refine.pdbx_overall_SU_R_Blow_DPI               ? 
_refine.pdbx_overall_SU_R_free_Blow_DPI          ? 
# 
_refine_hist.pdbx_refine_id                   'X-RAY DIFFRACTION' 
_refine_hist.cycle_id                         LAST 
_refine_hist.pdbx_number_atoms_protein        858 
_refine_hist.pdbx_number_atoms_nucleic_acid   0 
_refine_hist.pdbx_number_atoms_ligand         27 
_refine_hist.number_atoms_solvent             110 
_refine_hist.number_atoms_total               995 
_refine_hist.d_res_high                       1.5100 
_refine_hist.d_res_low                        37.3700 
# 
loop_
_refine_ls_restr.type 
_refine_ls_restr.number 
_refine_ls_restr.dev_ideal 
_refine_ls_restr.dev_ideal_target 
_refine_ls_restr.weight 
_refine_ls_restr.pdbx_restraint_function 
_refine_ls_restr.pdbx_refine_id 
r_bond_refined_d       907  0.023  0.020  ? ? 'X-RAY DIFFRACTION' 
r_bond_other_d         817  0.001  0.020  ? ? 'X-RAY DIFFRACTION' 
r_angle_refined_deg    1227 2.214  1.977  ? ? 'X-RAY DIFFRACTION' 
r_angle_other_deg      1880 0.947  3.004  ? ? 'X-RAY DIFFRACTION' 
r_dihedral_angle_1_deg 112  5.685  5.000  ? ? 'X-RAY DIFFRACTION' 
r_dihedral_angle_2_deg 40   36.652 25.000 ? ? 'X-RAY DIFFRACTION' 
r_dihedral_angle_3_deg 141  12.295 15.000 ? ? 'X-RAY DIFFRACTION' 
r_dihedral_angle_4_deg 4    16.227 15.000 ? ? 'X-RAY DIFFRACTION' 
r_chiral_restr         137  0.138  0.200  ? ? 'X-RAY DIFFRACTION' 
r_gen_planes_refined   1029 0.012  0.021  ? ? 'X-RAY DIFFRACTION' 
r_gen_planes_other     201  0.001  0.020  ? ? 'X-RAY DIFFRACTION' 
r_mcbond_it            451  1.933  1.326  ? ? 'X-RAY DIFFRACTION' 
r_mcbond_other         450  1.930  1.321  ? ? 'X-RAY DIFFRACTION' 
r_mcangle_it           562  3.184  1.968  ? ? 'X-RAY DIFFRACTION' 
# 
_refine_ls_shell.d_res_high                       1.5090 
_refine_ls_shell.d_res_low                        1.5480 
_refine_ls_shell.pdbx_total_number_of_bins_used   20 
_refine_ls_shell.percent_reflns_obs               73.6600 
_refine_ls_shell.number_reflns_R_work             968 
_refine_ls_shell.R_factor_all                     ? 
_refine_ls_shell.R_factor_R_work                  0.1710 
_refine_ls_shell.R_factor_R_free                  0.2270 
_refine_ls_shell.percent_reflns_R_free            ? 
_refine_ls_shell.number_reflns_R_free             39 
_refine_ls_shell.R_factor_R_free_error            ? 
_refine_ls_shell.number_reflns_all                1007 
_refine_ls_shell.number_reflns_obs                ? 
_refine_ls_shell.redundancy_reflns_obs            ? 
_refine_ls_shell.pdbx_refine_id                   'X-RAY DIFFRACTION' 
# 
_struct.entry_id                  4NOB 
_struct.title                     
'Crystal structure of the 1st Ig domain from mouse Polymeric Immunoglobulin receptor [PSI-NYSGRC-006220]' 
_struct.pdbx_model_details        ? 
_struct.pdbx_CASP_flag            ? 
_struct.pdbx_model_type_details   ? 
# 
_struct_keywords.entry_id        4NOB 
_struct_keywords.text            
;Immune system, ortholog, Ig domain, Structural genomics, PSI-Biology, New York Structural Genomics Research Consortium, NYSGRC, Immune Function Network, IFN, Atoms-to-Animals: The Immune Function Network
;
_struct_keywords.pdbx_keywords   'IMMUNE SYSTEM' 
# 
loop_
_struct_asym.id 
_struct_asym.pdbx_blank_PDB_chainid_flag 
_struct_asym.pdbx_modified 
_struct_asym.entity_id 
_struct_asym.details 
A N N 1 ? 
B N N 2 ? 
C N N 3 ? 
D N N 4 ? 
E N N 4 ? 
F N N 4 ? 
G N N 5 ? 
# 
_struct_ref.id                         1 
_struct_ref.db_name                    UNP 
_struct_ref.db_code                    PIGR_MOUSE 
_struct_ref.pdbx_db_accession          O70570 
_struct_ref.entity_id                  1 
_struct_ref.pdbx_seq_one_letter_code   
;SPIFGPQEVSSIEGDSVSITCYYPDTSVNRHTRKYWCRQGASGMCTTLISSNGYLSKEYSGRANLINFPENNTFVINIEQ
LTQDDTGSYKCGLGTSNRGLSFDVSLEVSQVPEL
;
_struct_ref.pdbx_align_begin           20 
_struct_ref.pdbx_db_isoform            ? 
# 
_struct_ref_seq.align_id                      1 
_struct_ref_seq.ref_id                        1 
_struct_ref_seq.pdbx_PDB_id_code              4NOB 
_struct_ref_seq.pdbx_strand_id                A 
_struct_ref_seq.seq_align_beg                 6 
_struct_ref_seq.pdbx_seq_align_beg_ins_code   ? 
_struct_ref_seq.seq_align_end                 119 
_struct_ref_seq.pdbx_seq_align_end_ins_code   ? 
_struct_ref_seq.pdbx_db_accession             O70570 
_struct_ref_seq.db_align_beg                  20 
_struct_ref_seq.pdbx_db_align_beg_ins_code    ? 
_struct_ref_seq.db_align_end                  133 
_struct_ref_seq.pdbx_db_align_end_ins_code    ? 
_struct_ref_seq.pdbx_auth_seq_align_beg       20 
_struct_ref_seq.pdbx_auth_seq_align_end       133 
# 
loop_
_struct_ref_seq_dif.align_id 
_struct_ref_seq_dif.pdbx_pdb_id_code 
_struct_ref_seq_dif.mon_id 
_struct_ref_seq_dif.pdbx_pdb_strand_id 
_struct_ref_seq_dif.seq_num 
_struct_ref_seq_dif.pdbx_pdb_ins_code 
_struct_ref_seq_dif.pdbx_seq_db_name 
_struct_ref_seq_dif.pdbx_seq_db_accession_code 
_struct_ref_seq_dif.db_mon_id 
_struct_ref_seq_dif.pdbx_seq_db_seq_num 
_struct_ref_seq_dif.details 
_struct_ref_seq_dif.pdbx_auth_seq_num 
_struct_ref_seq_dif.pdbx_ordinal 
1 4NOB GLN A 1   ? UNP O70570 ? ? 'expression tag' 15  1  
1 4NOB ASP A 2   ? UNP O70570 ? ? 'expression tag' 16  2  
1 4NOB TYR A 3   ? UNP O70570 ? ? 'expression tag' 17  3  
1 4NOB GLY A 4   ? UNP O70570 ? ? 'expression tag' 18  4  
1 4NOB GLY A 5   ? UNP O70570 ? ? 'expression tag' 19  5  
1 4NOB ALA A 120 ? UNP O70570 ? ? 'expression tag' 134 6  
1 4NOB GLU A 121 ? UNP O70570 ? ? 'expression tag' 135 7  
1 4NOB ASN A 122 ? UNP O70570 ? ? 'expression tag' 136 8  
1 4NOB LEU A 123 ? UNP O70570 ? ? 'expression tag' 137 9  
1 4NOB TYR A 124 ? UNP O70570 ? ? 'expression tag' 138 10 
1 4NOB PHE A 125 ? UNP O70570 ? ? 'expression tag' 139 11 
1 4NOB GLN A 126 ? UNP O70570 ? ? 'expression tag' 140 12 
# 
_pdbx_struct_assembly.id                   1 
_pdbx_struct_assembly.details              author_and_software_defined_assembly 
_pdbx_struct_assembly.method_details       PISA 
_pdbx_struct_assembly.oligomeric_details   monomeric 
_pdbx_struct_assembly.oligomeric_count     1 
# 
_pdbx_struct_assembly_gen.assembly_id       1 
_pdbx_struct_assembly_gen.oper_expression   1 
_pdbx_struct_assembly_gen.asym_id_list      A,B,C,D,E,F,G 
# 
_pdbx_struct_oper_list.id                   1 
_pdbx_struct_oper_list.type                 'identity operation' 
_pdbx_struct_oper_list.name                 1_555 
_pdbx_struct_oper_list.symmetry_operation   x,y,z 
_pdbx_struct_oper_list.matrix[1][1]         1.0000000000 
_pdbx_struct_oper_list.matrix[1][2]         0.0000000000 
_pdbx_struct_oper_list.matrix[1][3]         0.0000000000 
_pdbx_struct_oper_list.vector[1]            0.0000000000 
_pdbx_struct_oper_list.matrix[2][1]         0.0000000000 
_pdbx_struct_oper_list.matrix[2][2]         1.0000000000 
_pdbx_struct_oper_list.matrix[2][3]         0.0000000000 
_pdbx_struct_oper_list.vector[2]            0.0000000000 
_pdbx_struct_oper_list.matrix[3][1]         0.0000000000 
_pdbx_struct_oper_list.matrix[3][2]         0.0000000000 
_pdbx_struct_oper_list.matrix[3][3]         1.0000000000 
_pdbx_struct_oper_list.vector[3]            0.0000000000 
# 
_struct_biol.id        1 
_struct_biol.details   ? 
# 
loop_
_struct_conf.conf_type_id 
_struct_conf.id 
_struct_conf.pdbx_PDB_helix_id 
_struct_conf.beg_label_comp_id 
_struct_conf.beg_label_asym_id 
_struct_conf.beg_label_seq_id 
_struct_conf.pdbx_beg_PDB_ins_code 
_struct_conf.end_label_comp_id 
_struct_conf.end_label_asym_id 
_struct_conf.end_label_seq_id 
_struct_conf.pdbx_end_PDB_ins_code 
_struct_conf.beg_auth_comp_id 
_struct_conf.beg_auth_asym_id 
_struct_conf.beg_auth_seq_id 
_struct_conf.end_auth_comp_id 
_struct_conf.end_auth_asym_id 
_struct_conf.end_auth_seq_id 
_struct_conf.pdbx_PDB_helix_class 
_struct_conf.details 
_struct_conf.pdbx_PDB_helix_length 
HELX_P HELX_P1 1 THR A 31 ? THR A 37 ? THR A 45  THR A 51  1 ? 7 
HELX_P HELX_P2 2 LYS A 62 ? SER A 65 ? LYS A 76  SER A 79  5 ? 4 
HELX_P HELX_P3 3 PRO A 74 ? ASN A 76 ? PRO A 88  ASN A 90  5 ? 3 
HELX_P HELX_P4 4 THR A 87 ? THR A 91 ? THR A 101 THR A 105 5 ? 5 
# 
_struct_conf_type.id          HELX_P 
_struct_conf_type.criteria    ? 
_struct_conf_type.reference   ? 
# 
loop_
_struct_conn.id 
_struct_conn.conn_type_id 
_struct_conn.pdbx_leaving_atom_flag 
_struct_conn.pdbx_PDB_id 
_struct_conn.ptnr1_label_asym_id 
_struct_conn.ptnr1_label_comp_id 
_struct_conn.ptnr1_label_seq_id 
_struct_conn.ptnr1_label_atom_id 
_struct_conn.pdbx_ptnr1_label_alt_id 
_struct_conn.pdbx_ptnr1_PDB_ins_code 
_struct_conn.pdbx_ptnr1_standard_comp_id 
_struct_conn.ptnr1_symmetry 
_struct_conn.ptnr2_label_asym_id 
_struct_conn.ptnr2_label_comp_id 
_struct_conn.ptnr2_label_seq_id 
_struct_conn.ptnr2_label_atom_id 
_struct_conn.pdbx_ptnr2_label_alt_id 
_struct_conn.pdbx_ptnr2_PDB_ins_code 
_struct_conn.ptnr1_auth_asym_id 
_struct_conn.ptnr1_auth_comp_id 
_struct_conn.ptnr1_auth_seq_id 
_struct_conn.ptnr2_auth_asym_id 
_struct_conn.ptnr2_auth_comp_id 
_struct_conn.ptnr2_auth_seq_id 
_struct_conn.ptnr2_symmetry 
_struct_conn.pdbx_ptnr3_label_atom_id 
_struct_conn.pdbx_ptnr3_label_seq_id 
_struct_conn.pdbx_ptnr3_label_comp_id 
_struct_conn.pdbx_ptnr3_label_asym_id 
_struct_conn.pdbx_ptnr3_label_alt_id 
_struct_conn.pdbx_ptnr3_PDB_ins_code 
_struct_conn.details 
_struct_conn.pdbx_dist_value 
_struct_conn.pdbx_value_order 
_struct_conn.pdbx_role 
disulf1 disulf ?   ? A CYS 26  SG  ? ? ? 1_555 A CYS 96 SG ? ? A CYS 40  A CYS 110 1_555 ? ? ? ? ? ? ? 2.030 ? ?               
disulf2 disulf ?   ? A CYS 42  SG  ? ? ? 1_555 A CYS 50 SG ? ? A CYS 56  A CYS 64  1_555 ? ? ? ? ? ? ? 2.087 ? ?               
covale1 covale one ? A ASN 76  ND2 ? ? ? 1_555 B NAG .  C1 ? ? A ASN 90  A NAG 201 1_555 ? ? ? ? ? ? ? 1.430 ? N-Glycosylation 
metalc1 metalc ?   ? A GLU 112 OE2 ? ? ? 1_555 C MG  .  MG ? ? A GLU 126 A MG  202 1_555 ? ? ? ? ? ? ? 2.127 ? ?               
metalc2 metalc ?   ? C MG  .   MG  ? ? ? 1_555 G HOH .  O  ? ? A MG  202 A HOH 350 1_555 ? ? ? ? ? ? ? 1.954 ? ?               
metalc3 metalc ?   ? C MG  .   MG  ? ? ? 1_555 G HOH .  O  ? ? A MG  202 A HOH 362 1_555 ? ? ? ? ? ? ? 1.990 ? ?               
metalc4 metalc ?   ? C MG  .   MG  ? ? ? 1_555 G HOH .  O  ? ? A MG  202 A HOH 363 1_555 ? ? ? ? ? ? ? 2.140 ? ?               
metalc5 metalc ?   ? C MG  .   MG  ? ? ? 1_555 G HOH .  O  ? ? A MG  202 A HOH 370 1_555 ? ? ? ? ? ? ? 2.109 ? ?               
# 
loop_
_struct_conn_type.id 
_struct_conn_type.criteria 
_struct_conn_type.reference 
disulf ? ? 
covale ? ? 
metalc ? ? 
# 
loop_
_pdbx_struct_conn_angle.id 
_pdbx_struct_conn_angle.ptnr1_label_atom_id 
_pdbx_struct_conn_angle.ptnr1_label_alt_id 
_pdbx_struct_conn_angle.ptnr1_label_asym_id 
_pdbx_struct_conn_angle.ptnr1_label_comp_id 
_pdbx_struct_conn_angle.ptnr1_label_seq_id 
_pdbx_struct_conn_angle.ptnr1_auth_atom_id 
_pdbx_struct_conn_angle.ptnr1_auth_asym_id 
_pdbx_struct_conn_angle.ptnr1_auth_comp_id 
_pdbx_struct_conn_angle.ptnr1_auth_seq_id 
_pdbx_struct_conn_angle.ptnr1_PDB_ins_code 
_pdbx_struct_conn_angle.ptnr1_symmetry 
_pdbx_struct_conn_angle.ptnr2_label_atom_id 
_pdbx_struct_conn_angle.ptnr2_label_alt_id 
_pdbx_struct_conn_angle.ptnr2_label_asym_id 
_pdbx_struct_conn_angle.ptnr2_label_comp_id 
_pdbx_struct_conn_angle.ptnr2_label_seq_id 
_pdbx_struct_conn_angle.ptnr2_auth_atom_id 
_pdbx_struct_conn_angle.ptnr2_auth_asym_id 
_pdbx_struct_conn_angle.ptnr2_auth_comp_id 
_pdbx_struct_conn_angle.ptnr2_auth_seq_id 
_pdbx_struct_conn_angle.ptnr2_PDB_ins_code 
_pdbx_struct_conn_angle.ptnr2_symmetry 
_pdbx_struct_conn_angle.ptnr3_label_atom_id 
_pdbx_struct_conn_angle.ptnr3_label_alt_id 
_pdbx_struct_conn_angle.ptnr3_label_asym_id 
_pdbx_struct_conn_angle.ptnr3_label_comp_id 
_pdbx_struct_conn_angle.ptnr3_label_seq_id 
_pdbx_struct_conn_angle.ptnr3_auth_atom_id 
_pdbx_struct_conn_angle.ptnr3_auth_asym_id 
_pdbx_struct_conn_angle.ptnr3_auth_comp_id 
_pdbx_struct_conn_angle.ptnr3_auth_seq_id 
_pdbx_struct_conn_angle.ptnr3_PDB_ins_code 
_pdbx_struct_conn_angle.ptnr3_symmetry 
_pdbx_struct_conn_angle.value 
_pdbx_struct_conn_angle.value_esd 
1  OE2 ? A GLU 112 ? A GLU 126 ? 1_555 MG ? C MG . ? A MG 202 ? 1_555 O ? G HOH . ? A HOH 350 ? 1_555 95.4  ? 
2  OE2 ? A GLU 112 ? A GLU 126 ? 1_555 MG ? C MG . ? A MG 202 ? 1_555 O ? G HOH . ? A HOH 362 ? 1_555 91.9  ? 
3  O   ? G HOH .   ? A HOH 350 ? 1_555 MG ? C MG . ? A MG 202 ? 1_555 O ? G HOH . ? A HOH 362 ? 1_555 98.8  ? 
4  OE2 ? A GLU 112 ? A GLU 126 ? 1_555 MG ? C MG . ? A MG 202 ? 1_555 O ? G HOH . ? A HOH 363 ? 1_555 86.6  ? 
5  O   ? G HOH .   ? A HOH 350 ? 1_555 MG ? C MG . ? A MG 202 ? 1_555 O ? G HOH . ? A HOH 363 ? 1_555 169.2 ? 
6  O   ? G HOH .   ? A HOH 362 ? 1_555 MG ? C MG . ? A MG 202 ? 1_555 O ? G HOH . ? A HOH 363 ? 1_555 91.7  ? 
7  OE2 ? A GLU 112 ? A GLU 126 ? 1_555 MG ? C MG . ? A MG 202 ? 1_555 O ? G HOH . ? A HOH 370 ? 1_555 81.3  ? 
8  O   ? G HOH .   ? A HOH 350 ? 1_555 MG ? C MG . ? A MG 202 ? 1_555 O ? G HOH . ? A HOH 370 ? 1_555 90.7  ? 
9  O   ? G HOH .   ? A HOH 362 ? 1_555 MG ? C MG . ? A MG 202 ? 1_555 O ? G HOH . ? A HOH 370 ? 1_555 168.8 ? 
10 O   ? G HOH .   ? A HOH 363 ? 1_555 MG ? C MG . ? A MG 202 ? 1_555 O ? G HOH . ? A HOH 370 ? 1_555 79.0  ? 
# 
loop_
_pdbx_modification_feature.ordinal 
_pdbx_modification_feature.label_comp_id 
_pdbx_modification_feature.label_asym_id 
_pdbx_modification_feature.label_seq_id 
_pdbx_modification_feature.label_alt_id 
_pdbx_modification_feature.modified_residue_label_comp_id 
_pdbx_modification_feature.modified_residue_label_asym_id 
_pdbx_modification_feature.modified_residue_label_seq_id 
_pdbx_modification_feature.modified_residue_label_alt_id 
_pdbx_modification_feature.auth_comp_id 
_pdbx_modification_feature.auth_asym_id 
_pdbx_modification_feature.auth_seq_id 
_pdbx_modification_feature.PDB_ins_code 
_pdbx_modification_feature.symmetry 
_pdbx_modification_feature.modified_residue_auth_comp_id 
_pdbx_modification_feature.modified_residue_auth_asym_id 
_pdbx_modification_feature.modified_residue_auth_seq_id 
_pdbx_modification_feature.modified_residue_PDB_ins_code 
_pdbx_modification_feature.modified_residue_symmetry 
_pdbx_modification_feature.comp_id_linking_atom 
_pdbx_modification_feature.modified_residue_id_linking_atom 
_pdbx_modification_feature.modified_residue_id 
_pdbx_modification_feature.ref_pcm_id 
_pdbx_modification_feature.ref_comp_id 
_pdbx_modification_feature.type 
_pdbx_modification_feature.category 
1 NAG B .  ? ASN A 76 ? NAG A 201 ? 1_555 ASN A 90  ? 1_555 C1 ND2 ASN 1 NAG N-Glycosylation Carbohydrate       
2 CYS A 26 ? CYS A 96 ? CYS A 40  ? 1_555 CYS A 110 ? 1_555 SG SG  .   . .   None            'Disulfide bridge' 
3 CYS A 42 ? CYS A 50 ? CYS A 56  ? 1_555 CYS A 64  ? 1_555 SG SG  .   . .   None            'Disulfide bridge' 
# 
loop_
_struct_sheet.id 
_struct_sheet.type 
_struct_sheet.number_strands 
_struct_sheet.details 
A ? 6 ? 
B ? 3 ? 
# 
loop_
_struct_sheet_order.sheet_id 
_struct_sheet_order.range_id_1 
_struct_sheet_order.range_id_2 
_struct_sheet_order.offset 
_struct_sheet_order.sense 
A 1 2 ? parallel      
A 2 3 ? anti-parallel 
A 3 4 ? anti-parallel 
A 4 5 ? anti-parallel 
A 5 6 ? anti-parallel 
B 1 2 ? anti-parallel 
B 2 3 ? anti-parallel 
# 
loop_
_struct_sheet_range.sheet_id 
_struct_sheet_range.id 
_struct_sheet_range.beg_label_comp_id 
_struct_sheet_range.beg_label_asym_id 
_struct_sheet_range.beg_label_seq_id 
_struct_sheet_range.pdbx_beg_PDB_ins_code 
_struct_sheet_range.end_label_comp_id 
_struct_sheet_range.end_label_asym_id 
_struct_sheet_range.end_label_seq_id 
_struct_sheet_range.pdbx_end_PDB_ins_code 
_struct_sheet_range.beg_auth_comp_id 
_struct_sheet_range.beg_auth_asym_id 
_struct_sheet_range.beg_auth_seq_id 
_struct_sheet_range.end_auth_comp_id 
_struct_sheet_range.end_auth_asym_id 
_struct_sheet_range.end_auth_seq_id 
A 1 GLU A 13  ? ILE A 17  ? GLU A 27  ILE A 31  
A 2 LEU A 105 ? SER A 114 ? LEU A 119 SER A 128 
A 3 GLY A 92  ? LEU A 98  ? GLY A 106 LEU A 112 
A 4 LYS A 39  ? GLN A 44  ? LYS A 53  GLN A 58  
A 5 CYS A 50  ? SER A 55  ? CYS A 64  SER A 69  
A 6 TYR A 59  ? LEU A 60  ? TYR A 73  LEU A 74  
B 1 VAL A 22  ? TYR A 27  ? VAL A 36  TYR A 41  
B 2 THR A 78  ? ILE A 83  ? THR A 92  ILE A 97  
B 3 ALA A 68  ? PHE A 73  ? ALA A 82  PHE A 87  
# 
loop_
_pdbx_struct_sheet_hbond.sheet_id 
_pdbx_struct_sheet_hbond.range_id_1 
_pdbx_struct_sheet_hbond.range_id_2 
_pdbx_struct_sheet_hbond.range_1_label_atom_id 
_pdbx_struct_sheet_hbond.range_1_label_comp_id 
_pdbx_struct_sheet_hbond.range_1_label_asym_id 
_pdbx_struct_sheet_hbond.range_1_label_seq_id 
_pdbx_struct_sheet_hbond.range_1_PDB_ins_code 
_pdbx_struct_sheet_hbond.range_1_auth_atom_id 
_pdbx_struct_sheet_hbond.range_1_auth_comp_id 
_pdbx_struct_sheet_hbond.range_1_auth_asym_id 
_pdbx_struct_sheet_hbond.range_1_auth_seq_id 
_pdbx_struct_sheet_hbond.range_2_label_atom_id 
_pdbx_struct_sheet_hbond.range_2_label_comp_id 
_pdbx_struct_sheet_hbond.range_2_label_asym_id 
_pdbx_struct_sheet_hbond.range_2_label_seq_id 
_pdbx_struct_sheet_hbond.range_2_PDB_ins_code 
_pdbx_struct_sheet_hbond.range_2_auth_atom_id 
_pdbx_struct_sheet_hbond.range_2_auth_comp_id 
_pdbx_struct_sheet_hbond.range_2_auth_asym_id 
_pdbx_struct_sheet_hbond.range_2_auth_seq_id 
A 1 2 N VAL A 14  ? N VAL A 28  O SER A 110 ? O SER A 124 
A 2 3 O VAL A 109 ? O VAL A 123 N TYR A 94  ? N TYR A 108 
A 3 4 O SER A 93  ? O SER A 107 N GLN A 44  ? N GLN A 58  
A 4 5 N TRP A 41  ? N TRP A 55  O LEU A 53  ? O LEU A 67  
A 5 6 N SER A 55  ? N SER A 69  O TYR A 59  ? O TYR A 73  
B 1 2 N ILE A 24  ? N ILE A 38  O ILE A 81  ? O ILE A 95  
B 2 3 O THR A 78  ? O THR A 92  N PHE A 73  ? N PHE A 87  
# 
_pdbx_entry_details.entry_id                   4NOB 
_pdbx_entry_details.compound_details           ? 
_pdbx_entry_details.source_details             ? 
_pdbx_entry_details.nonpolymer_details         ? 
_pdbx_entry_details.sequence_details           ? 
_pdbx_entry_details.has_ligand_of_interest     ? 
_pdbx_entry_details.has_protein_modification   Y 
# 
loop_
_pdbx_validate_close_contact.id 
_pdbx_validate_close_contact.PDB_model_num 
_pdbx_validate_close_contact.auth_atom_id_1 
_pdbx_validate_close_contact.auth_asym_id_1 
_pdbx_validate_close_contact.auth_comp_id_1 
_pdbx_validate_close_contact.auth_seq_id_1 
_pdbx_validate_close_contact.PDB_ins_code_1 
_pdbx_validate_close_contact.label_alt_id_1 
_pdbx_validate_close_contact.auth_atom_id_2 
_pdbx_validate_close_contact.auth_asym_id_2 
_pdbx_validate_close_contact.auth_comp_id_2 
_pdbx_validate_close_contact.auth_seq_id_2 
_pdbx_validate_close_contact.PDB_ins_code_2 
_pdbx_validate_close_contact.label_alt_id_2 
_pdbx_validate_close_contact.dist 
1 1 OE1 A GLU 27 ? ? O A HOH 391 ? ? 1.89 
2 1 OG  A SER 61 ? ? O A HOH 387 ? ? 2.00 
# 
_pdbx_validate_rmsd_bond.id                        1 
_pdbx_validate_rmsd_bond.PDB_model_num             1 
_pdbx_validate_rmsd_bond.auth_atom_id_1            CD 
_pdbx_validate_rmsd_bond.auth_asym_id_1            A 
_pdbx_validate_rmsd_bond.auth_comp_id_1            GLU 
_pdbx_validate_rmsd_bond.auth_seq_id_1             98 
_pdbx_validate_rmsd_bond.PDB_ins_code_1            ? 
_pdbx_validate_rmsd_bond.label_alt_id_1            ? 
_pdbx_validate_rmsd_bond.auth_atom_id_2            OE2 
_pdbx_validate_rmsd_bond.auth_asym_id_2            A 
_pdbx_validate_rmsd_bond.auth_comp_id_2            GLU 
_pdbx_validate_rmsd_bond.auth_seq_id_2             98 
_pdbx_validate_rmsd_bond.PDB_ins_code_2            ? 
_pdbx_validate_rmsd_bond.label_alt_id_2            ? 
_pdbx_validate_rmsd_bond.bond_value                1.319 
_pdbx_validate_rmsd_bond.bond_target_value         1.252 
_pdbx_validate_rmsd_bond.bond_deviation            0.067 
_pdbx_validate_rmsd_bond.bond_standard_deviation   0.011 
_pdbx_validate_rmsd_bond.linker_flag               N 
# 
loop_
_pdbx_validate_rmsd_angle.id 
_pdbx_validate_rmsd_angle.PDB_model_num 
_pdbx_validate_rmsd_angle.auth_atom_id_1 
_pdbx_validate_rmsd_angle.auth_asym_id_1 
_pdbx_validate_rmsd_angle.auth_comp_id_1 
_pdbx_validate_rmsd_angle.auth_seq_id_1 
_pdbx_validate_rmsd_angle.PDB_ins_code_1 
_pdbx_validate_rmsd_angle.label_alt_id_1 
_pdbx_validate_rmsd_angle.auth_atom_id_2 
_pdbx_validate_rmsd_angle.auth_asym_id_2 
_pdbx_validate_rmsd_angle.auth_comp_id_2 
_pdbx_validate_rmsd_angle.auth_seq_id_2 
_pdbx_validate_rmsd_angle.PDB_ins_code_2 
_pdbx_validate_rmsd_angle.label_alt_id_2 
_pdbx_validate_rmsd_angle.auth_atom_id_3 
_pdbx_validate_rmsd_angle.auth_asym_id_3 
_pdbx_validate_rmsd_angle.auth_comp_id_3 
_pdbx_validate_rmsd_angle.auth_seq_id_3 
_pdbx_validate_rmsd_angle.PDB_ins_code_3 
_pdbx_validate_rmsd_angle.label_alt_id_3 
_pdbx_validate_rmsd_angle.angle_value 
_pdbx_validate_rmsd_angle.angle_target_value 
_pdbx_validate_rmsd_angle.angle_deviation 
_pdbx_validate_rmsd_angle.angle_standard_deviation 
_pdbx_validate_rmsd_angle.linker_flag 
1 1 CB A ASP 44  ? ? CG A ASP 44  ? ? OD2 A ASP 44  ? ? 111.24 118.30 -7.06 0.90 N 
2 1 NE A ARG 52  ? ? CZ A ARG 52  ? ? NH1 A ARG 52  ? ? 124.88 120.30 4.58  0.50 N 
3 1 NE A ARG 52  ? ? CZ A ARG 52  ? ? NH2 A ARG 52  ? ? 115.93 120.30 -4.37 0.50 N 
4 1 CB A ASP 122 ? ? CG A ASP 122 ? ? OD1 A ASP 122 ? ? 125.49 118.30 7.19  0.90 N 
5 1 CB A ASP 122 ? ? CG A ASP 122 ? ? OD2 A ASP 122 ? ? 112.09 118.30 -6.21 0.90 N 
# 
_pdbx_validate_torsion.id              1 
_pdbx_validate_torsion.PDB_model_num   1 
_pdbx_validate_torsion.auth_comp_id    ARG 
_pdbx_validate_torsion.auth_asym_id    A 
_pdbx_validate_torsion.auth_seq_id     81 
_pdbx_validate_torsion.PDB_ins_code    ? 
_pdbx_validate_torsion.label_alt_id    ? 
_pdbx_validate_torsion.phi             -147.36 
_pdbx_validate_torsion.psi             13.10 
# 
loop_
_pdbx_SG_project.id 
_pdbx_SG_project.project_name 
_pdbx_SG_project.full_name_of_center 
_pdbx_SG_project.initial_of_center 
1 PSI:Biology 'New York Structural Genomics Research Consortium' NYSGRC 
2 PSI:Biology 'Atoms-to-Animals: The Immune Function Network'    IFN    
# 
_pdbx_struct_mod_residue.id               1 
_pdbx_struct_mod_residue.label_asym_id    A 
_pdbx_struct_mod_residue.label_comp_id    ASN 
_pdbx_struct_mod_residue.label_seq_id     76 
_pdbx_struct_mod_residue.auth_asym_id     A 
_pdbx_struct_mod_residue.auth_comp_id     ASN 
_pdbx_struct_mod_residue.auth_seq_id      90 
_pdbx_struct_mod_residue.PDB_ins_code     ? 
_pdbx_struct_mod_residue.parent_comp_id   ASN 
_pdbx_struct_mod_residue.details          'GLYCOSYLATION SITE' 
# 
loop_
_pdbx_unobs_or_zero_occ_residues.id 
_pdbx_unobs_or_zero_occ_residues.PDB_model_num 
_pdbx_unobs_or_zero_occ_residues.polymer_flag 
_pdbx_unobs_or_zero_occ_residues.occupancy_flag 
_pdbx_unobs_or_zero_occ_residues.auth_asym_id 
_pdbx_unobs_or_zero_occ_residues.auth_comp_id 
_pdbx_unobs_or_zero_occ_residues.auth_seq_id 
_pdbx_unobs_or_zero_occ_residues.PDB_ins_code 
_pdbx_unobs_or_zero_occ_residues.label_asym_id 
_pdbx_unobs_or_zero_occ_residues.label_comp_id 
_pdbx_unobs_or_zero_occ_residues.label_seq_id 
1  1 Y 1 A GLN 15  ? A GLN 1   
2  1 Y 1 A ASP 16  ? A ASP 2   
3  1 Y 1 A TYR 17  ? A TYR 3   
4  1 Y 1 A GLY 18  ? A GLY 4   
5  1 Y 1 A SER 115 ? A SER 101 
6  1 Y 1 A ASN 116 ? A ASN 102 
7  1 Y 1 A ARG 117 ? A ARG 103 
8  1 Y 1 A ALA 134 ? A ALA 120 
9  1 Y 1 A GLU 135 ? A GLU 121 
10 1 Y 1 A ASN 136 ? A ASN 122 
11 1 Y 1 A LEU 137 ? A LEU 123 
12 1 Y 1 A TYR 138 ? A TYR 124 
13 1 Y 1 A PHE 139 ? A PHE 125 
14 1 Y 1 A GLN 140 ? A GLN 126 
# 
loop_
_chem_comp_atom.comp_id 
_chem_comp_atom.atom_id 
_chem_comp_atom.type_symbol 
_chem_comp_atom.pdbx_aromatic_flag 
_chem_comp_atom.pdbx_stereo_config 
_chem_comp_atom.pdbx_ordinal 
ALA N    N  N N 1   
ALA CA   C  N S 2   
ALA C    C  N N 3   
ALA O    O  N N 4   
ALA CB   C  N N 5   
ALA OXT  O  N N 6   
ALA H    H  N N 7   
ALA H2   H  N N 8   
ALA HA   H  N N 9   
ALA HB1  H  N N 10  
ALA HB2  H  N N 11  
ALA HB3  H  N N 12  
ALA HXT  H  N N 13  
ARG N    N  N N 14  
ARG CA   C  N S 15  
ARG C    C  N N 16  
ARG O    O  N N 17  
ARG CB   C  N N 18  
ARG CG   C  N N 19  
ARG CD   C  N N 20  
ARG NE   N  N N 21  
ARG CZ   C  N N 22  
ARG NH1  N  N N 23  
ARG NH2  N  N N 24  
ARG OXT  O  N N 25  
ARG H    H  N N 26  
ARG H2   H  N N 27  
ARG HA   H  N N 28  
ARG HB2  H  N N 29  
ARG HB3  H  N N 30  
ARG HG2  H  N N 31  
ARG HG3  H  N N 32  
ARG HD2  H  N N 33  
ARG HD3  H  N N 34  
ARG HE   H  N N 35  
ARG HH11 H  N N 36  
ARG HH12 H  N N 37  
ARG HH21 H  N N 38  
ARG HH22 H  N N 39  
ARG HXT  H  N N 40  
ASN N    N  N N 41  
ASN CA   C  N S 42  
ASN C    C  N N 43  
ASN O    O  N N 44  
ASN CB   C  N N 45  
ASN CG   C  N N 46  
ASN OD1  O  N N 47  
ASN ND2  N  N N 48  
ASN OXT  O  N N 49  
ASN H    H  N N 50  
ASN H2   H  N N 51  
ASN HA   H  N N 52  
ASN HB2  H  N N 53  
ASN HB3  H  N N 54  
ASN HD21 H  N N 55  
ASN HD22 H  N N 56  
ASN HXT  H  N N 57  
ASP N    N  N N 58  
ASP CA   C  N S 59  
ASP C    C  N N 60  
ASP O    O  N N 61  
ASP CB   C  N N 62  
ASP CG   C  N N 63  
ASP OD1  O  N N 64  
ASP OD2  O  N N 65  
ASP OXT  O  N N 66  
ASP H    H  N N 67  
ASP H2   H  N N 68  
ASP HA   H  N N 69  
ASP HB2  H  N N 70  
ASP HB3  H  N N 71  
ASP HD2  H  N N 72  
ASP HXT  H  N N 73  
CYS N    N  N N 74  
CYS CA   C  N R 75  
CYS C    C  N N 76  
CYS O    O  N N 77  
CYS CB   C  N N 78  
CYS SG   S  N N 79  
CYS OXT  O  N N 80  
CYS H    H  N N 81  
CYS H2   H  N N 82  
CYS HA   H  N N 83  
CYS HB2  H  N N 84  
CYS HB3  H  N N 85  
CYS HG   H  N N 86  
CYS HXT  H  N N 87  
EDO C1   C  N N 88  
EDO O1   O  N N 89  
EDO C2   C  N N 90  
EDO O2   O  N N 91  
EDO H11  H  N N 92  
EDO H12  H  N N 93  
EDO HO1  H  N N 94  
EDO H21  H  N N 95  
EDO H22  H  N N 96  
EDO HO2  H  N N 97  
GLN N    N  N N 98  
GLN CA   C  N S 99  
GLN C    C  N N 100 
GLN O    O  N N 101 
GLN CB   C  N N 102 
GLN CG   C  N N 103 
GLN CD   C  N N 104 
GLN OE1  O  N N 105 
GLN NE2  N  N N 106 
GLN OXT  O  N N 107 
GLN H    H  N N 108 
GLN H2   H  N N 109 
GLN HA   H  N N 110 
GLN HB2  H  N N 111 
GLN HB3  H  N N 112 
GLN HG2  H  N N 113 
GLN HG3  H  N N 114 
GLN HE21 H  N N 115 
GLN HE22 H  N N 116 
GLN HXT  H  N N 117 
GLU N    N  N N 118 
GLU CA   C  N S 119 
GLU C    C  N N 120 
GLU O    O  N N 121 
GLU CB   C  N N 122 
GLU CG   C  N N 123 
GLU CD   C  N N 124 
GLU OE1  O  N N 125 
GLU OE2  O  N N 126 
GLU OXT  O  N N 127 
GLU H    H  N N 128 
GLU H2   H  N N 129 
GLU HA   H  N N 130 
GLU HB2  H  N N 131 
GLU HB3  H  N N 132 
GLU HG2  H  N N 133 
GLU HG3  H  N N 134 
GLU HE2  H  N N 135 
GLU HXT  H  N N 136 
GLY N    N  N N 137 
GLY CA   C  N N 138 
GLY C    C  N N 139 
GLY O    O  N N 140 
GLY OXT  O  N N 141 
GLY H    H  N N 142 
GLY H2   H  N N 143 
GLY HA2  H  N N 144 
GLY HA3  H  N N 145 
GLY HXT  H  N N 146 
HIS N    N  N N 147 
HIS CA   C  N S 148 
HIS C    C  N N 149 
HIS O    O  N N 150 
HIS CB   C  N N 151 
HIS CG   C  Y N 152 
HIS ND1  N  Y N 153 
HIS CD2  C  Y N 154 
HIS CE1  C  Y N 155 
HIS NE2  N  Y N 156 
HIS OXT  O  N N 157 
HIS H    H  N N 158 
HIS H2   H  N N 159 
HIS HA   H  N N 160 
HIS HB2  H  N N 161 
HIS HB3  H  N N 162 
HIS HD1  H  N N 163 
HIS HD2  H  N N 164 
HIS HE1  H  N N 165 
HIS HE2  H  N N 166 
HIS HXT  H  N N 167 
HOH O    O  N N 168 
HOH H1   H  N N 169 
HOH H2   H  N N 170 
ILE N    N  N N 171 
ILE CA   C  N S 172 
ILE C    C  N N 173 
ILE O    O  N N 174 
ILE CB   C  N S 175 
ILE CG1  C  N N 176 
ILE CG2  C  N N 177 
ILE CD1  C  N N 178 
ILE OXT  O  N N 179 
ILE H    H  N N 180 
ILE H2   H  N N 181 
ILE HA   H  N N 182 
ILE HB   H  N N 183 
ILE HG12 H  N N 184 
ILE HG13 H  N N 185 
ILE HG21 H  N N 186 
ILE HG22 H  N N 187 
ILE HG23 H  N N 188 
ILE HD11 H  N N 189 
ILE HD12 H  N N 190 
ILE HD13 H  N N 191 
ILE HXT  H  N N 192 
LEU N    N  N N 193 
LEU CA   C  N S 194 
LEU C    C  N N 195 
LEU O    O  N N 196 
LEU CB   C  N N 197 
LEU CG   C  N N 198 
LEU CD1  C  N N 199 
LEU CD2  C  N N 200 
LEU OXT  O  N N 201 
LEU H    H  N N 202 
LEU H2   H  N N 203 
LEU HA   H  N N 204 
LEU HB2  H  N N 205 
LEU HB3  H  N N 206 
LEU HG   H  N N 207 
LEU HD11 H  N N 208 
LEU HD12 H  N N 209 
LEU HD13 H  N N 210 
LEU HD21 H  N N 211 
LEU HD22 H  N N 212 
LEU HD23 H  N N 213 
LEU HXT  H  N N 214 
LYS N    N  N N 215 
LYS CA   C  N S 216 
LYS C    C  N N 217 
LYS O    O  N N 218 
LYS CB   C  N N 219 
LYS CG   C  N N 220 
LYS CD   C  N N 221 
LYS CE   C  N N 222 
LYS NZ   N  N N 223 
LYS OXT  O  N N 224 
LYS H    H  N N 225 
LYS H2   H  N N 226 
LYS HA   H  N N 227 
LYS HB2  H  N N 228 
LYS HB3  H  N N 229 
LYS HG2  H  N N 230 
LYS HG3  H  N N 231 
LYS HD2  H  N N 232 
LYS HD3  H  N N 233 
LYS HE2  H  N N 234 
LYS HE3  H  N N 235 
LYS HZ1  H  N N 236 
LYS HZ2  H  N N 237 
LYS HZ3  H  N N 238 
LYS HXT  H  N N 239 
MET N    N  N N 240 
MET CA   C  N S 241 
MET C    C  N N 242 
MET O    O  N N 243 
MET CB   C  N N 244 
MET CG   C  N N 245 
MET SD   S  N N 246 
MET CE   C  N N 247 
MET OXT  O  N N 248 
MET H    H  N N 249 
MET H2   H  N N 250 
MET HA   H  N N 251 
MET HB2  H  N N 252 
MET HB3  H  N N 253 
MET HG2  H  N N 254 
MET HG3  H  N N 255 
MET HE1  H  N N 256 
MET HE2  H  N N 257 
MET HE3  H  N N 258 
MET HXT  H  N N 259 
MG  MG   MG N N 260 
NAG C1   C  N R 261 
NAG C2   C  N R 262 
NAG C3   C  N R 263 
NAG C4   C  N S 264 
NAG C5   C  N R 265 
NAG C6   C  N N 266 
NAG C7   C  N N 267 
NAG C8   C  N N 268 
NAG N2   N  N N 269 
NAG O1   O  N N 270 
NAG O3   O  N N 271 
NAG O4   O  N N 272 
NAG O5   O  N N 273 
NAG O6   O  N N 274 
NAG O7   O  N N 275 
NAG H1   H  N N 276 
NAG H2   H  N N 277 
NAG H3   H  N N 278 
NAG H4   H  N N 279 
NAG H5   H  N N 280 
NAG H61  H  N N 281 
NAG H62  H  N N 282 
NAG H81  H  N N 283 
NAG H82  H  N N 284 
NAG H83  H  N N 285 
NAG HN2  H  N N 286 
NAG HO1  H  N N 287 
NAG HO3  H  N N 288 
NAG HO4  H  N N 289 
NAG HO6  H  N N 290 
PHE N    N  N N 291 
PHE CA   C  N S 292 
PHE C    C  N N 293 
PHE O    O  N N 294 
PHE CB   C  N N 295 
PHE CG   C  Y N 296 
PHE CD1  C  Y N 297 
PHE CD2  C  Y N 298 
PHE CE1  C  Y N 299 
PHE CE2  C  Y N 300 
PHE CZ   C  Y N 301 
PHE OXT  O  N N 302 
PHE H    H  N N 303 
PHE H2   H  N N 304 
PHE HA   H  N N 305 
PHE HB2  H  N N 306 
PHE HB3  H  N N 307 
PHE HD1  H  N N 308 
PHE HD2  H  N N 309 
PHE HE1  H  N N 310 
PHE HE2  H  N N 311 
PHE HZ   H  N N 312 
PHE HXT  H  N N 313 
PRO N    N  N N 314 
PRO CA   C  N S 315 
PRO C    C  N N 316 
PRO O    O  N N 317 
PRO CB   C  N N 318 
PRO CG   C  N N 319 
PRO CD   C  N N 320 
PRO OXT  O  N N 321 
PRO H    H  N N 322 
PRO HA   H  N N 323 
PRO HB2  H  N N 324 
PRO HB3  H  N N 325 
PRO HG2  H  N N 326 
PRO HG3  H  N N 327 
PRO HD2  H  N N 328 
PRO HD3  H  N N 329 
PRO HXT  H  N N 330 
SER N    N  N N 331 
SER CA   C  N S 332 
SER C    C  N N 333 
SER O    O  N N 334 
SER CB   C  N N 335 
SER OG   O  N N 336 
SER OXT  O  N N 337 
SER H    H  N N 338 
SER H2   H  N N 339 
SER HA   H  N N 340 
SER HB2  H  N N 341 
SER HB3  H  N N 342 
SER HG   H  N N 343 
SER HXT  H  N N 344 
THR N    N  N N 345 
THR CA   C  N S 346 
THR C    C  N N 347 
THR O    O  N N 348 
THR CB   C  N R 349 
THR OG1  O  N N 350 
THR CG2  C  N N 351 
THR OXT  O  N N 352 
THR H    H  N N 353 
THR H2   H  N N 354 
THR HA   H  N N 355 
THR HB   H  N N 356 
THR HG1  H  N N 357 
THR HG21 H  N N 358 
THR HG22 H  N N 359 
THR HG23 H  N N 360 
THR HXT  H  N N 361 
TRP N    N  N N 362 
TRP CA   C  N S 363 
TRP C    C  N N 364 
TRP O    O  N N 365 
TRP CB   C  N N 366 
TRP CG   C  Y N 367 
TRP CD1  C  Y N 368 
TRP CD2  C  Y N 369 
TRP NE1  N  Y N 370 
TRP CE2  C  Y N 371 
TRP CE3  C  Y N 372 
TRP CZ2  C  Y N 373 
TRP CZ3  C  Y N 374 
TRP CH2  C  Y N 375 
TRP OXT  O  N N 376 
TRP H    H  N N 377 
TRP H2   H  N N 378 
TRP HA   H  N N 379 
TRP HB2  H  N N 380 
TRP HB3  H  N N 381 
TRP HD1  H  N N 382 
TRP HE1  H  N N 383 
TRP HE3  H  N N 384 
TRP HZ2  H  N N 385 
TRP HZ3  H  N N 386 
TRP HH2  H  N N 387 
TRP HXT  H  N N 388 
TYR N    N  N N 389 
TYR CA   C  N S 390 
TYR C    C  N N 391 
TYR O    O  N N 392 
TYR CB   C  N N 393 
TYR CG   C  Y N 394 
TYR CD1  C  Y N 395 
TYR CD2  C  Y N 396 
TYR CE1  C  Y N 397 
TYR CE2  C  Y N 398 
TYR CZ   C  Y N 399 
TYR OH   O  N N 400 
TYR OXT  O  N N 401 
TYR H    H  N N 402 
TYR H2   H  N N 403 
TYR HA   H  N N 404 
TYR HB2  H  N N 405 
TYR HB3  H  N N 406 
TYR HD1  H  N N 407 
TYR HD2  H  N N 408 
TYR HE1  H  N N 409 
TYR HE2  H  N N 410 
TYR HH   H  N N 411 
TYR HXT  H  N N 412 
VAL N    N  N N 413 
VAL CA   C  N S 414 
VAL C    C  N N 415 
VAL O    O  N N 416 
VAL CB   C  N N 417 
VAL CG1  C  N N 418 
VAL CG2  C  N N 419 
VAL OXT  O  N N 420 
VAL H    H  N N 421 
VAL H2   H  N N 422 
VAL HA   H  N N 423 
VAL HB   H  N N 424 
VAL HG11 H  N N 425 
VAL HG12 H  N N 426 
VAL HG13 H  N N 427 
VAL HG21 H  N N 428 
VAL HG22 H  N N 429 
VAL HG23 H  N N 430 
VAL HXT  H  N N 431 
# 
loop_
_chem_comp_bond.comp_id 
_chem_comp_bond.atom_id_1 
_chem_comp_bond.atom_id_2 
_chem_comp_bond.value_order 
_chem_comp_bond.pdbx_aromatic_flag 
_chem_comp_bond.pdbx_stereo_config 
_chem_comp_bond.pdbx_ordinal 
ALA N   CA   sing N N 1   
ALA N   H    sing N N 2   
ALA N   H2   sing N N 3   
ALA CA  C    sing N N 4   
ALA CA  CB   sing N N 5   
ALA CA  HA   sing N N 6   
ALA C   O    doub N N 7   
ALA C   OXT  sing N N 8   
ALA CB  HB1  sing N N 9   
ALA CB  HB2  sing N N 10  
ALA CB  HB3  sing N N 11  
ALA OXT HXT  sing N N 12  
ARG N   CA   sing N N 13  
ARG N   H    sing N N 14  
ARG N   H2   sing N N 15  
ARG CA  C    sing N N 16  
ARG CA  CB   sing N N 17  
ARG CA  HA   sing N N 18  
ARG C   O    doub N N 19  
ARG C   OXT  sing N N 20  
ARG CB  CG   sing N N 21  
ARG CB  HB2  sing N N 22  
ARG CB  HB3  sing N N 23  
ARG CG  CD   sing N N 24  
ARG CG  HG2  sing N N 25  
ARG CG  HG3  sing N N 26  
ARG CD  NE   sing N N 27  
ARG CD  HD2  sing N N 28  
ARG CD  HD3  sing N N 29  
ARG NE  CZ   sing N N 30  
ARG NE  HE   sing N N 31  
ARG CZ  NH1  sing N N 32  
ARG CZ  NH2  doub N N 33  
ARG NH1 HH11 sing N N 34  
ARG NH1 HH12 sing N N 35  
ARG NH2 HH21 sing N N 36  
ARG NH2 HH22 sing N N 37  
ARG OXT HXT  sing N N 38  
ASN N   CA   sing N N 39  
ASN N   H    sing N N 40  
ASN N   H2   sing N N 41  
ASN CA  C    sing N N 42  
ASN CA  CB   sing N N 43  
ASN CA  HA   sing N N 44  
ASN C   O    doub N N 45  
ASN C   OXT  sing N N 46  
ASN CB  CG   sing N N 47  
ASN CB  HB2  sing N N 48  
ASN CB  HB3  sing N N 49  
ASN CG  OD1  doub N N 50  
ASN CG  ND2  sing N N 51  
ASN ND2 HD21 sing N N 52  
ASN ND2 HD22 sing N N 53  
ASN OXT HXT  sing N N 54  
ASP N   CA   sing N N 55  
ASP N   H    sing N N 56  
ASP N   H2   sing N N 57  
ASP CA  C    sing N N 58  
ASP CA  CB   sing N N 59  
ASP CA  HA   sing N N 60  
ASP C   O    doub N N 61  
ASP C   OXT  sing N N 62  
ASP CB  CG   sing N N 63  
ASP CB  HB2  sing N N 64  
ASP CB  HB3  sing N N 65  
ASP CG  OD1  doub N N 66  
ASP CG  OD2  sing N N 67  
ASP OD2 HD2  sing N N 68  
ASP OXT HXT  sing N N 69  
CYS N   CA   sing N N 70  
CYS N   H    sing N N 71  
CYS N   H2   sing N N 72  
CYS CA  C    sing N N 73  
CYS CA  CB   sing N N 74  
CYS CA  HA   sing N N 75  
CYS C   O    doub N N 76  
CYS C   OXT  sing N N 77  
CYS CB  SG   sing N N 78  
CYS CB  HB2  sing N N 79  
CYS CB  HB3  sing N N 80  
CYS SG  HG   sing N N 81  
CYS OXT HXT  sing N N 82  
EDO C1  O1   sing N N 83  
EDO C1  C2   sing N N 84  
EDO C1  H11  sing N N 85  
EDO C1  H12  sing N N 86  
EDO O1  HO1  sing N N 87  
EDO C2  O2   sing N N 88  
EDO C2  H21  sing N N 89  
EDO C2  H22  sing N N 90  
EDO O2  HO2  sing N N 91  
GLN N   CA   sing N N 92  
GLN N   H    sing N N 93  
GLN N   H2   sing N N 94  
GLN CA  C    sing N N 95  
GLN CA  CB   sing N N 96  
GLN CA  HA   sing N N 97  
GLN C   O    doub N N 98  
GLN C   OXT  sing N N 99  
GLN CB  CG   sing N N 100 
GLN CB  HB2  sing N N 101 
GLN CB  HB3  sing N N 102 
GLN CG  CD   sing N N 103 
GLN CG  HG2  sing N N 104 
GLN CG  HG3  sing N N 105 
GLN CD  OE1  doub N N 106 
GLN CD  NE2  sing N N 107 
GLN NE2 HE21 sing N N 108 
GLN NE2 HE22 sing N N 109 
GLN OXT HXT  sing N N 110 
GLU N   CA   sing N N 111 
GLU N   H    sing N N 112 
GLU N   H2   sing N N 113 
GLU CA  C    sing N N 114 
GLU CA  CB   sing N N 115 
GLU CA  HA   sing N N 116 
GLU C   O    doub N N 117 
GLU C   OXT  sing N N 118 
GLU CB  CG   sing N N 119 
GLU CB  HB2  sing N N 120 
GLU CB  HB3  sing N N 121 
GLU CG  CD   sing N N 122 
GLU CG  HG2  sing N N 123 
GLU CG  HG3  sing N N 124 
GLU CD  OE1  doub N N 125 
GLU CD  OE2  sing N N 126 
GLU OE2 HE2  sing N N 127 
GLU OXT HXT  sing N N 128 
GLY N   CA   sing N N 129 
GLY N   H    sing N N 130 
GLY N   H2   sing N N 131 
GLY CA  C    sing N N 132 
GLY CA  HA2  sing N N 133 
GLY CA  HA3  sing N N 134 
GLY C   O    doub N N 135 
GLY C   OXT  sing N N 136 
GLY OXT HXT  sing N N 137 
HIS N   CA   sing N N 138 
HIS N   H    sing N N 139 
HIS N   H2   sing N N 140 
HIS CA  C    sing N N 141 
HIS CA  CB   sing N N 142 
HIS CA  HA   sing N N 143 
HIS C   O    doub N N 144 
HIS C   OXT  sing N N 145 
HIS CB  CG   sing N N 146 
HIS CB  HB2  sing N N 147 
HIS CB  HB3  sing N N 148 
HIS CG  ND1  sing Y N 149 
HIS CG  CD2  doub Y N 150 
HIS ND1 CE1  doub Y N 151 
HIS ND1 HD1  sing N N 152 
HIS CD2 NE2  sing Y N 153 
HIS CD2 HD2  sing N N 154 
HIS CE1 NE2  sing Y N 155 
HIS CE1 HE1  sing N N 156 
HIS NE2 HE2  sing N N 157 
HIS OXT HXT  sing N N 158 
HOH O   H1   sing N N 159 
HOH O   H2   sing N N 160 
ILE N   CA   sing N N 161 
ILE N   H    sing N N 162 
ILE N   H2   sing N N 163 
ILE CA  C    sing N N 164 
ILE CA  CB   sing N N 165 
ILE CA  HA   sing N N 166 
ILE C   O    doub N N 167 
ILE C   OXT  sing N N 168 
ILE CB  CG1  sing N N 169 
ILE CB  CG2  sing N N 170 
ILE CB  HB   sing N N 171 
ILE CG1 CD1  sing N N 172 
ILE CG1 HG12 sing N N 173 
ILE CG1 HG13 sing N N 174 
ILE CG2 HG21 sing N N 175 
ILE CG2 HG22 sing N N 176 
ILE CG2 HG23 sing N N 177 
ILE CD1 HD11 sing N N 178 
ILE CD1 HD12 sing N N 179 
ILE CD1 HD13 sing N N 180 
ILE OXT HXT  sing N N 181 
LEU N   CA   sing N N 182 
LEU N   H    sing N N 183 
LEU N   H2   sing N N 184 
LEU CA  C    sing N N 185 
LEU CA  CB   sing N N 186 
LEU CA  HA   sing N N 187 
LEU C   O    doub N N 188 
LEU C   OXT  sing N N 189 
LEU CB  CG   sing N N 190 
LEU CB  HB2  sing N N 191 
LEU CB  HB3  sing N N 192 
LEU CG  CD1  sing N N 193 
LEU CG  CD2  sing N N 194 
LEU CG  HG   sing N N 195 
LEU CD1 HD11 sing N N 196 
LEU CD1 HD12 sing N N 197 
LEU CD1 HD13 sing N N 198 
LEU CD2 HD21 sing N N 199 
LEU CD2 HD22 sing N N 200 
LEU CD2 HD23 sing N N 201 
LEU OXT HXT  sing N N 202 
LYS N   CA   sing N N 203 
LYS N   H    sing N N 204 
LYS N   H2   sing N N 205 
LYS CA  C    sing N N 206 
LYS CA  CB   sing N N 207 
LYS CA  HA   sing N N 208 
LYS C   O    doub N N 209 
LYS C   OXT  sing N N 210 
LYS CB  CG   sing N N 211 
LYS CB  HB2  sing N N 212 
LYS CB  HB3  sing N N 213 
LYS CG  CD   sing N N 214 
LYS CG  HG2  sing N N 215 
LYS CG  HG3  sing N N 216 
LYS CD  CE   sing N N 217 
LYS CD  HD2  sing N N 218 
LYS CD  HD3  sing N N 219 
LYS CE  NZ   sing N N 220 
LYS CE  HE2  sing N N 221 
LYS CE  HE3  sing N N 222 
LYS NZ  HZ1  sing N N 223 
LYS NZ  HZ2  sing N N 224 
LYS NZ  HZ3  sing N N 225 
LYS OXT HXT  sing N N 226 
MET N   CA   sing N N 227 
MET N   H    sing N N 228 
MET N   H2   sing N N 229 
MET CA  C    sing N N 230 
MET CA  CB   sing N N 231 
MET CA  HA   sing N N 232 
MET C   O    doub N N 233 
MET C   OXT  sing N N 234 
MET CB  CG   sing N N 235 
MET CB  HB2  sing N N 236 
MET CB  HB3  sing N N 237 
MET CG  SD   sing N N 238 
MET CG  HG2  sing N N 239 
MET CG  HG3  sing N N 240 
MET SD  CE   sing N N 241 
MET CE  HE1  sing N N 242 
MET CE  HE2  sing N N 243 
MET CE  HE3  sing N N 244 
MET OXT HXT  sing N N 245 
NAG C1  C2   sing N N 246 
NAG C1  O1   sing N N 247 
NAG C1  O5   sing N N 248 
NAG C1  H1   sing N N 249 
NAG C2  C3   sing N N 250 
NAG C2  N2   sing N N 251 
NAG C2  H2   sing N N 252 
NAG C3  C4   sing N N 253 
NAG C3  O3   sing N N 254 
NAG C3  H3   sing N N 255 
NAG C4  C5   sing N N 256 
NAG C4  O4   sing N N 257 
NAG C4  H4   sing N N 258 
NAG C5  C6   sing N N 259 
NAG C5  O5   sing N N 260 
NAG C5  H5   sing N N 261 
NAG C6  O6   sing N N 262 
NAG C6  H61  sing N N 263 
NAG C6  H62  sing N N 264 
NAG C7  C8   sing N N 265 
NAG C7  N2   sing N N 266 
NAG C7  O7   doub N N 267 
NAG C8  H81  sing N N 268 
NAG C8  H82  sing N N 269 
NAG C8  H83  sing N N 270 
NAG N2  HN2  sing N N 271 
NAG O1  HO1  sing N N 272 
NAG O3  HO3  sing N N 273 
NAG O4  HO4  sing N N 274 
NAG O6  HO6  sing N N 275 
PHE N   CA   sing N N 276 
PHE N   H    sing N N 277 
PHE N   H2   sing N N 278 
PHE CA  C    sing N N 279 
PHE CA  CB   sing N N 280 
PHE CA  HA   sing N N 281 
PHE C   O    doub N N 282 
PHE C   OXT  sing N N 283 
PHE CB  CG   sing N N 284 
PHE CB  HB2  sing N N 285 
PHE CB  HB3  sing N N 286 
PHE CG  CD1  doub Y N 287 
PHE CG  CD2  sing Y N 288 
PHE CD1 CE1  sing Y N 289 
PHE CD1 HD1  sing N N 290 
PHE CD2 CE2  doub Y N 291 
PHE CD2 HD2  sing N N 292 
PHE CE1 CZ   doub Y N 293 
PHE CE1 HE1  sing N N 294 
PHE CE2 CZ   sing Y N 295 
PHE CE2 HE2  sing N N 296 
PHE CZ  HZ   sing N N 297 
PHE OXT HXT  sing N N 298 
PRO N   CA   sing N N 299 
PRO N   CD   sing N N 300 
PRO N   H    sing N N 301 
PRO CA  C    sing N N 302 
PRO CA  CB   sing N N 303 
PRO CA  HA   sing N N 304 
PRO C   O    doub N N 305 
PRO C   OXT  sing N N 306 
PRO CB  CG   sing N N 307 
PRO CB  HB2  sing N N 308 
PRO CB  HB3  sing N N 309 
PRO CG  CD   sing N N 310 
PRO CG  HG2  sing N N 311 
PRO CG  HG3  sing N N 312 
PRO CD  HD2  sing N N 313 
PRO CD  HD3  sing N N 314 
PRO OXT HXT  sing N N 315 
SER N   CA   sing N N 316 
SER N   H    sing N N 317 
SER N   H2   sing N N 318 
SER CA  C    sing N N 319 
SER CA  CB   sing N N 320 
SER CA  HA   sing N N 321 
SER C   O    doub N N 322 
SER C   OXT  sing N N 323 
SER CB  OG   sing N N 324 
SER CB  HB2  sing N N 325 
SER CB  HB3  sing N N 326 
SER OG  HG   sing N N 327 
SER OXT HXT  sing N N 328 
THR N   CA   sing N N 329 
THR N   H    sing N N 330 
THR N   H2   sing N N 331 
THR CA  C    sing N N 332 
THR CA  CB   sing N N 333 
THR CA  HA   sing N N 334 
THR C   O    doub N N 335 
THR C   OXT  sing N N 336 
THR CB  OG1  sing N N 337 
THR CB  CG2  sing N N 338 
THR CB  HB   sing N N 339 
THR OG1 HG1  sing N N 340 
THR CG2 HG21 sing N N 341 
THR CG2 HG22 sing N N 342 
THR CG2 HG23 sing N N 343 
THR OXT HXT  sing N N 344 
TRP N   CA   sing N N 345 
TRP N   H    sing N N 346 
TRP N   H2   sing N N 347 
TRP CA  C    sing N N 348 
TRP CA  CB   sing N N 349 
TRP CA  HA   sing N N 350 
TRP C   O    doub N N 351 
TRP C   OXT  sing N N 352 
TRP CB  CG   sing N N 353 
TRP CB  HB2  sing N N 354 
TRP CB  HB3  sing N N 355 
TRP CG  CD1  doub Y N 356 
TRP CG  CD2  sing Y N 357 
TRP CD1 NE1  sing Y N 358 
TRP CD1 HD1  sing N N 359 
TRP CD2 CE2  doub Y N 360 
TRP CD2 CE3  sing Y N 361 
TRP NE1 CE2  sing Y N 362 
TRP NE1 HE1  sing N N 363 
TRP CE2 CZ2  sing Y N 364 
TRP CE3 CZ3  doub Y N 365 
TRP CE3 HE3  sing N N 366 
TRP CZ2 CH2  doub Y N 367 
TRP CZ2 HZ2  sing N N 368 
TRP CZ3 CH2  sing Y N 369 
TRP CZ3 HZ3  sing N N 370 
TRP CH2 HH2  sing N N 371 
TRP OXT HXT  sing N N 372 
TYR N   CA   sing N N 373 
TYR N   H    sing N N 374 
TYR N   H2   sing N N 375 
TYR CA  C    sing N N 376 
TYR CA  CB   sing N N 377 
TYR CA  HA   sing N N 378 
TYR C   O    doub N N 379 
TYR C   OXT  sing N N 380 
TYR CB  CG   sing N N 381 
TYR CB  HB2  sing N N 382 
TYR CB  HB3  sing N N 383 
TYR CG  CD1  doub Y N 384 
TYR CG  CD2  sing Y N 385 
TYR CD1 CE1  sing Y N 386 
TYR CD1 HD1  sing N N 387 
TYR CD2 CE2  doub Y N 388 
TYR CD2 HD2  sing N N 389 
TYR CE1 CZ   doub Y N 390 
TYR CE1 HE1  sing N N 391 
TYR CE2 CZ   sing Y N 392 
TYR CE2 HE2  sing N N 393 
TYR CZ  OH   sing N N 394 
TYR OH  HH   sing N N 395 
TYR OXT HXT  sing N N 396 
VAL N   CA   sing N N 397 
VAL N   H    sing N N 398 
VAL N   H2   sing N N 399 
VAL CA  C    sing N N 400 
VAL CA  CB   sing N N 401 
VAL CA  HA   sing N N 402 
VAL C   O    doub N N 403 
VAL C   OXT  sing N N 404 
VAL CB  CG1  sing N N 405 
VAL CB  CG2  sing N N 406 
VAL CB  HB   sing N N 407 
VAL CG1 HG11 sing N N 408 
VAL CG1 HG12 sing N N 409 
VAL CG1 HG13 sing N N 410 
VAL CG2 HG21 sing N N 411 
VAL CG2 HG22 sing N N 412 
VAL CG2 HG23 sing N N 413 
VAL OXT HXT  sing N N 414 
# 
_pdbx_initial_refinement_model.id               1 
_pdbx_initial_refinement_model.entity_id_list   ? 
_pdbx_initial_refinement_model.type             'experimental model' 
_pdbx_initial_refinement_model.source_name      PDB 
_pdbx_initial_refinement_model.accession_code   1XED 
_pdbx_initial_refinement_model.details          ? 
# 
_atom_sites.entry_id                    4NOB 
_atom_sites.fract_transf_matrix[1][1]   0.01392982 
_atom_sites.fract_transf_matrix[1][2]   -0.01956332 
_atom_sites.fract_transf_matrix[1][3]   -0.00630205 
_atom_sites.fract_transf_matrix[2][1]   0.01734674 
_atom_sites.fract_transf_matrix[2][2]   0.00991203 
_atom_sites.fract_transf_matrix[2][3]   0.00757286 
_atom_sites.fract_transf_matrix[3][1]   -0.00260252 
_atom_sites.fract_transf_matrix[3][2]   -0.00652448 
_atom_sites.fract_transf_matrix[3][3]   0.01450127 
_atom_sites.fract_transf_vector[1]      0.397384 
_atom_sites.fract_transf_vector[2]      0.457824 
_atom_sites.fract_transf_vector[3]      0.219298 
# 
loop_
_atom_type.symbol 
C  
MG 
N  
O  
S  
# 
loop_
_atom_site.group_PDB 
_atom_site.id 
_atom_site.type_symbol 
_atom_site.label_atom_id 
_atom_site.label_alt_id 
_atom_site.label_comp_id 
_atom_site.label_asym_id 
_atom_site.label_entity_id 
_atom_site.label_seq_id 
_atom_site.pdbx_PDB_ins_code 
_atom_site.Cartn_x 
_atom_site.Cartn_y 
_atom_site.Cartn_z 
_atom_site.occupancy 
_atom_site.B_iso_or_equiv 
_atom_site.pdbx_formal_charge 
_atom_site.auth_seq_id 
_atom_site.auth_comp_id 
_atom_site.auth_asym_id 
_atom_site.auth_atom_id 
_atom_site.pdbx_PDB_model_num 
ATOM   1    N  N   . GLY A 1 5   ? -3.769  -10.858 -17.073 1.00 23.53 ? 19  GLY A N   1 
ATOM   2    C  CA  . GLY A 1 5   ? -3.995  -11.740 -15.896 1.00 21.97 ? 19  GLY A CA  1 
ATOM   3    C  C   . GLY A 1 5   ? -4.054  -10.963 -14.545 1.00 22.35 ? 19  GLY A C   1 
ATOM   4    O  O   . GLY A 1 5   ? -4.341  -9.780  -14.458 1.00 24.36 ? 19  GLY A O   1 
ATOM   5    N  N   . SER A 1 6   ? -3.745  -11.714 -13.500 1.00 17.76 ? 20  SER A N   1 
ATOM   6    C  CA  . SER A 1 6   ? -3.957  -11.324 -12.085 1.00 15.68 ? 20  SER A CA  1 
ATOM   7    C  C   . SER A 1 6   ? -2.683  -11.587 -11.267 1.00 14.65 ? 20  SER A C   1 
ATOM   8    O  O   . SER A 1 6   ? -2.747  -12.358 -10.318 1.00 15.40 ? 20  SER A O   1 
ATOM   9    C  CB  . SER A 1 6   ? -5.049  -12.131 -11.475 1.00 17.08 ? 20  SER A CB  1 
ATOM   10   O  OG  . SER A 1 6   ? -6.266  -11.905 -12.204 1.00 20.84 ? 20  SER A OG  1 
ATOM   11   N  N   . PRO A 1 7   ? -1.547  -10.973 -11.591 1.00 14.12 ? 21  PRO A N   1 
ATOM   12   C  CA  . PRO A 1 7   ? -0.323  -11.291 -10.891 1.00 13.79 ? 21  PRO A CA  1 
ATOM   13   C  C   . PRO A 1 7   ? -0.319  -10.862 -9.386  1.00 12.68 ? 21  PRO A C   1 
ATOM   14   O  O   . PRO A 1 7   ? 0.344   -11.495 -8.604  1.00 11.46 ? 21  PRO A O   1 
ATOM   15   C  CB  . PRO A 1 7   ? 0.769   -10.531 -11.665 1.00 16.68 ? 21  PRO A CB  1 
ATOM   16   C  CG  . PRO A 1 7   ? 0.002   -9.493  -12.411 1.00 16.02 ? 21  PRO A CG  1 
ATOM   17   C  CD  . PRO A 1 7   ? -1.307  -10.103 -12.758 1.00 14.40 ? 21  PRO A CD  1 
ATOM   18   N  N   . ILE A 1 8   ? -0.933  -9.716  -9.093  1.00 13.31 ? 22  ILE A N   1 
ATOM   19   C  CA  . ILE A 1 8   ? -0.963  -9.107  -7.769  1.00 12.49 ? 22  ILE A CA  1 
ATOM   20   C  C   . ILE A 1 8   ? -2.379  -9.200  -7.240  1.00 11.69 ? 22  ILE A C   1 
ATOM   21   O  O   . ILE A 1 8   ? -3.372  -8.948  -7.960  1.00 12.59 ? 22  ILE A O   1 
ATOM   22   C  CB  . ILE A 1 8   ? -0.467  -7.667  -7.804  1.00 13.42 ? 22  ILE A CB  1 
ATOM   23   C  CG1 . ILE A 1 8   ? 0.808   -7.427  -8.644  1.00 14.45 ? 22  ILE A CG1 1 
ATOM   24   C  CG2 . ILE A 1 8   ? -0.308  -7.131  -6.375  1.00 14.48 ? 22  ILE A CG2 1 
ATOM   25   C  CD1 . ILE A 1 8   ? 2.017   -8.215  -8.176  1.00 15.21 ? 22  ILE A CD1 1 
ATOM   26   N  N   . PHE A 1 9   ? -2.518  -9.520  -5.973  1.00 9.65  ? 23  PHE A N   1 
ATOM   27   C  CA  . PHE A 1 9   ? -3.786  -9.503  -5.249  1.00 10.29 ? 23  PHE A CA  1 
ATOM   28   C  C   . PHE A 1 9   ? -3.614  -8.775  -3.915  1.00 11.15 ? 23  PHE A C   1 
ATOM   29   O  O   . PHE A 1 9   ? -2.509  -8.822  -3.313  1.00 11.99 ? 23  PHE A O   1 
ATOM   30   C  CB  . PHE A 1 9   ? -4.395  -10.914 -5.038  1.00 9.92  ? 23  PHE A CB  1 
ATOM   31   C  CG  . PHE A 1 9   ? -5.766  -10.948 -4.439  1.00 9.97  ? 23  PHE A CG  1 
ATOM   32   C  CD1 . PHE A 1 9   ? -6.841  -10.346 -5.038  1.00 9.77  ? 23  PHE A CD1 1 
ATOM   33   C  CD2 . PHE A 1 9   ? -6.014  -11.487 -3.193  1.00 10.97 ? 23  PHE A CD2 1 
ATOM   34   C  CE1 . PHE A 1 9   ? -8.112  -10.364 -4.482  1.00 9.69  ? 23  PHE A CE1 1 
ATOM   35   C  CE2 . PHE A 1 9   ? -7.233  -11.516 -2.650  1.00 11.11 ? 23  PHE A CE2 1 
ATOM   36   C  CZ  . PHE A 1 9   ? -8.317  -10.966 -3.233  1.00 11.05 ? 23  PHE A CZ  1 
ATOM   37   N  N   . GLY A 1 10  ? -4.649  -8.217  -3.389  1.00 9.80  ? 24  GLY A N   1 
ATOM   38   C  CA  . GLY A 1 10  ? -4.632  -7.509  -2.104  1.00 9.67  ? 24  GLY A CA  1 
ATOM   39   C  C   . GLY A 1 10  ? -6.074  -7.256  -1.707  1.00 10.03 ? 24  GLY A C   1 
ATOM   40   O  O   . GLY A 1 10  ? -6.974  -7.871  -2.252  1.00 9.42  ? 24  GLY A O   1 
ATOM   41   N  N   . PRO A 1 11  ? -6.297  -6.393  -0.734  1.00 9.49  ? 25  PRO A N   1 
ATOM   42   C  CA  . PRO A 1 11  ? -7.659  -6.095  -0.290  1.00 9.21  ? 25  PRO A CA  1 
ATOM   43   C  C   . PRO A 1 11  ? -8.243  -4.996  -1.197  1.00 8.74  ? 25  PRO A C   1 
ATOM   44   O  O   . PRO A 1 11  ? -7.767  -3.870  -1.247  1.00 9.86  ? 25  PRO A O   1 
ATOM   45   C  CB  . PRO A 1 11  ? -7.418  -5.564  1.100   1.00 10.77 ? 25  PRO A CB  1 
ATOM   46   C  CG  . PRO A 1 11  ? -6.045  -4.949  1.072   1.00 10.99 ? 25  PRO A CG  1 
ATOM   47   C  CD  . PRO A 1 11  ? -5.292  -5.614  -0.006  1.00 10.38 ? 25  PRO A CD  1 
ATOM   48   N  N   . GLN A 1 12  ? -9.329  -5.281  -1.888  1.00 9.62  ? 26  GLN A N   1 
ATOM   49   C  CA  . GLN A 1 12  ? -9.932  -4.359  -2.828  1.00 10.23 ? 26  GLN A CA  1 
ATOM   50   C  C   . GLN A 1 12  ? -10.398 -3.093  -2.103  1.00 10.34 ? 26  GLN A C   1 
ATOM   51   O  O   . GLN A 1 12  ? -10.283 -1.999  -2.632  1.00 10.54 ? 26  GLN A O   1 
ATOM   52   C  CB  . GLN A 1 12  ? -11.125 -5.067  -3.510  1.00 11.41 ? 26  GLN A CB  1 
ATOM   53   C  CG  . GLN A 1 12  ? -11.861 -4.201  -4.513  1.00 10.85 ? 26  GLN A CG  1 
ATOM   54   C  CD  . GLN A 1 12  ? -13.099 -4.900  -5.109  1.00 13.31 ? 26  GLN A CD  1 
ATOM   55   O  OE1 . GLN A 1 12  ? -13.317 -6.110  -4.868  1.00 13.96 ? 26  GLN A OE1 1 
ATOM   56   N  NE2 . GLN A 1 12  ? -13.936 -4.139  -5.728  1.00 14.63 ? 26  GLN A NE2 1 
ATOM   57   N  N   . GLU A 1 13  ? -10.997 -3.256  -0.916  1.00 11.06 ? 27  GLU A N   1 
ATOM   58   C  CA  . GLU A 1 13  ? -11.417 -2.156  -0.122  1.00 14.75 ? 27  GLU A CA  1 
ATOM   59   C  C   . GLU A 1 13  ? -10.994 -2.359  1.269   1.00 14.97 ? 27  GLU A C   1 
ATOM   60   O  O   . GLU A 1 13  ? -11.024 -3.477  1.823   1.00 16.95 ? 27  GLU A O   1 
ATOM   61   C  CB  . GLU A 1 13  ? -12.930 -2.012  -0.230  1.00 18.58 ? 27  GLU A CB  1 
ATOM   62   C  CG  . GLU A 1 13  ? -13.349 -0.647  0.291   1.00 29.87 ? 27  GLU A CG  1 
ATOM   63   C  CD  . GLU A 1 13  ? -14.039 -0.721  1.602   1.00 47.61 ? 27  GLU A CD  1 
ATOM   64   O  OE1 . GLU A 1 13  ? -13.736 -1.675  2.360   1.00 62.08 ? 27  GLU A OE1 1 
ATOM   65   O  OE2 . GLU A 1 13  ? -14.886 0.194   1.859   1.00 68.59 ? 27  GLU A OE2 1 
ATOM   66   N  N   . VAL A 1 14  ? -10.397 -1.308  1.848   1.00 12.74 ? 28  VAL A N   1 
ATOM   67   C  CA  . VAL A 1 14  ? -9.982  -1.301  3.233   1.00 13.94 ? 28  VAL A CA  1 
ATOM   68   C  C   . VAL A 1 14  ? -10.727 -0.187  3.950   1.00 13.97 ? 28  VAL A C   1 
ATOM   69   O  O   . VAL A 1 14  ? -10.718 0.925   3.476   1.00 14.07 ? 28  VAL A O   1 
ATOM   70   C  CB  . VAL A 1 14  ? -8.460  -1.045  3.375   1.00 14.44 ? 28  VAL A CB  1 
ATOM   71   C  CG1 . VAL A 1 14  ? -8.081  -0.947  4.838   1.00 16.97 ? 28  VAL A CG1 1 
ATOM   72   C  CG2 . VAL A 1 14  ? -7.675  -2.171  2.662   1.00 14.81 ? 28  VAL A CG2 1 
ATOM   73   N  N   . SER A 1 15  ? -11.510 -0.544  4.979   1.00 14.14 ? 29  SER A N   1 
ATOM   74   C  CA  . SER A 1 15  ? -12.308 0.455   5.726   1.00 16.77 ? 29  SER A CA  1 
ATOM   75   C  C   . SER A 1 15  ? -11.691 0.596   7.109   1.00 16.75 ? 29  SER A C   1 
ATOM   76   O  O   . SER A 1 15  ? -11.381 -0.409  7.756   1.00 20.65 ? 29  SER A O   1 
ATOM   77   C  CB  . SER A 1 15  ? -13.693 -0.039  5.904   1.00 22.36 ? 29  SER A CB  1 
ATOM   78   O  OG  . SER A 1 15  ? -14.303 -0.165  4.641   1.00 29.29 ? 29  SER A OG  1 
ATOM   79   N  N   . SER A 1 16  ? -11.500 1.822   7.574   1.00 14.73 ? 30  SER A N   1 
ATOM   80   C  CA  . SER A 1 16  ? -10.961 2.118   8.884   1.00 14.34 ? 30  SER A CA  1 
ATOM   81   C  C   . SER A 1 16  ? -11.638 3.346   9.426   1.00 13.19 ? 30  SER A C   1 
ATOM   82   O  O   . SER A 1 16  ? -12.514 3.972   8.777   1.00 13.23 ? 30  SER A O   1 
ATOM   83   C  CB  . SER A 1 16  ? -9.477  2.360   8.747   1.00 18.33 ? 30  SER A CB  1 
ATOM   84   O  OG  . SER A 1 16  ? -8.874  2.223   10.050  1.00 24.09 ? 30  SER A OG  1 
ATOM   85   N  N   . ILE A 1 17  ? -11.281 3.681   10.670  1.00 15.49 ? 31  ILE A N   1 
ATOM   86   C  CA  . ILE A 1 17  ? -11.712 4.879   11.358  1.00 16.03 ? 31  ILE A CA  1 
ATOM   87   C  C   . ILE A 1 17  ? -10.512 5.714   11.711  1.00 14.91 ? 31  ILE A C   1 
ATOM   88   O  O   . ILE A 1 17  ? -9.391  5.212   11.975  1.00 14.04 ? 31  ILE A O   1 
ATOM   89   C  CB  . ILE A 1 17  ? -12.454 4.467   12.641  1.00 19.92 ? 31  ILE A CB  1 
ATOM   90   C  CG1 . ILE A 1 17  ? -13.688 3.589   12.300  1.00 24.21 ? 31  ILE A CG1 1 
ATOM   91   C  CG2 . ILE A 1 17  ? -12.883 5.650   13.426  1.00 23.03 ? 31  ILE A CG2 1 
ATOM   92   C  CD1 . ILE A 1 17  ? -14.684 4.301   11.451  1.00 28.65 ? 31  ILE A CD1 1 
ATOM   93   N  N   . GLU A 1 18  ? -10.697 7.009   11.806  1.00 13.28 ? 32  GLU A N   1 
ATOM   94   C  CA  . GLU A 1 18  ? -9.625  7.918   12.206  1.00 13.80 ? 32  GLU A CA  1 
ATOM   95   C  C   . GLU A 1 18  ? -8.975  7.504   13.498  1.00 14.10 ? 32  GLU A C   1 
ATOM   96   O  O   . GLU A 1 18  ? -9.662  7.159   14.467  1.00 14.66 ? 32  GLU A O   1 
ATOM   97   C  CB  . GLU A 1 18  ? -10.062 9.382   12.401  1.00 17.83 ? 32  GLU A CB  1 
ATOM   98   C  CG  . GLU A 1 18  ? -10.592 10.173  11.251  1.00 22.12 ? 32  GLU A CG  1 
ATOM   99   C  CD  . GLU A 1 18  ? -10.187 11.635  11.405  1.00 23.60 ? 32  GLU A CD  1 
ATOM   100  O  OE1 . GLU A 1 18  ? -10.430 12.212  12.524  1.00 31.88 ? 32  GLU A OE1 1 
ATOM   101  O  OE2 . GLU A 1 18  ? -9.730  12.239  10.436  1.00 27.75 ? 32  GLU A OE2 1 
ATOM   102  N  N   . GLY A 1 19  ? -7.655  7.445   13.444  1.00 13.43 ? 33  GLY A N   1 
ATOM   103  C  CA  . GLY A 1 19  ? -6.836  6.981   14.586  1.00 14.36 ? 33  GLY A CA  1 
ATOM   104  C  C   . GLY A 1 19  ? -6.331  5.582   14.487  1.00 14.37 ? 33  GLY A C   1 
ATOM   105  O  O   . GLY A 1 19  ? -5.359  5.257   15.220  1.00 16.10 ? 33  GLY A O   1 
ATOM   106  N  N   . ASP A 1 20  ? -6.975  4.743   13.672  1.00 14.40 ? 34  ASP A N   1 
ATOM   107  C  CA  . ASP A 1 20  ? -6.695  3.378   13.469  1.00 14.29 ? 34  ASP A CA  1 
ATOM   108  C  C   . ASP A 1 20  ? -5.361  3.271   12.679  1.00 12.57 ? 34  ASP A C   1 
ATOM   109  O  O   . ASP A 1 20  ? -4.859  4.236   12.009  1.00 12.42 ? 34  ASP A O   1 
ATOM   110  C  CB  . ASP A 1 20  ? -7.745  2.686   12.597  1.00 19.58 ? 34  ASP A CB  1 
ATOM   111  C  CG  . ASP A 1 20  ? -9.021  2.211   13.272  1.00 24.36 ? 34  ASP A CG  1 
ATOM   112  O  OD1 . ASP A 1 20  ? -9.151  2.322   14.469  1.00 23.56 ? 34  ASP A OD1 1 
ATOM   113  O  OD2 . ASP A 1 20  ? -9.875  1.632   12.433  1.00 28.31 ? 34  ASP A OD2 1 
ATOM   114  N  N   . SER A 1 21  ? -4.883  2.028   12.628  1.00 12.74 ? 35  SER A N   1 
ATOM   115  C  CA  . SER A 1 21  ? -3.825  1.520   11.796  1.00 12.09 ? 35  SER A CA  1 
ATOM   116  C  C   . SER A 1 21  ? -4.394  0.457   10.895  1.00 13.14 ? 35  SER A C   1 
ATOM   117  O  O   . SER A 1 21  ? -5.353  -0.286  11.252  1.00 13.78 ? 35  SER A O   1 
ATOM   118  C  CB  . SER A 1 21  ? -2.765  0.883   12.655  1.00 12.49 ? 35  SER A CB  1 
ATOM   119  O  OG  . SER A 1 21  ? -2.128  1.747   13.572  1.00 17.54 ? 35  SER A OG  1 
ATOM   120  N  N   . VAL A 1 22  ? -3.755  0.317   9.728   1.00 11.87 ? 36  VAL A N   1 
ATOM   121  C  CA  . VAL A 1 22  ? -4.047  -0.776  8.843   1.00 12.36 ? 36  VAL A CA  1 
ATOM   122  C  C   . VAL A 1 22  ? -2.780  -1.508  8.406   1.00 11.89 ? 36  VAL A C   1 
ATOM   123  O  O   . VAL A 1 22  ? -1.679  -0.982  8.495   1.00 11.40 ? 36  VAL A O   1 
ATOM   124  C  CB  . VAL A 1 22  ? -4.795  -0.402  7.593   1.00 12.85 ? 36  VAL A CB  1 
ATOM   125  C  CG1 . VAL A 1 22  ? -6.201  0.065   7.915   1.00 14.37 ? 36  VAL A CG1 1 
ATOM   126  C  CG2 . VAL A 1 22  ? -3.991  0.603   6.805   1.00 12.85 ? 36  VAL A CG2 1 
ATOM   127  N  N   . SER A 1 23  ? -2.946  -2.795  8.030   1.00 11.43 ? 37  SER A N   1 
ATOM   128  C  CA  . SER A 1 23  ? -1.860  -3.621  7.555   1.00 11.66 ? 37  SER A CA  1 
ATOM   129  C  C   . SER A 1 23  ? -2.294  -4.293  6.324   1.00 12.37 ? 37  SER A C   1 
ATOM   130  O  O   . SER A 1 23  ? -3.183  -5.209  6.399   1.00 16.89 ? 37  SER A O   1 
ATOM   131  C  CB  . SER A 1 23  ? -1.490  -4.637  8.589   1.00 14.43 ? 37  SER A CB  1 
ATOM   132  O  OG  . SER A 1 23  ? -0.366  -5.405  8.302   1.00 17.43 ? 37  SER A OG  1 
ATOM   133  N  N   . ILE A 1 24  ? -1.789  -3.826  5.185   1.00 10.61 ? 38  ILE A N   1 
ATOM   134  C  CA  . ILE A 1 24  ? -2.305  -4.247  3.846   1.00 10.44 ? 38  ILE A CA  1 
ATOM   135  C  C   . ILE A 1 24  ? -1.350  -5.212  3.237   1.00 10.69 ? 38  ILE A C   1 
ATOM   136  O  O   . ILE A 1 24  ? -0.199  -4.875  3.018   1.00 12.02 ? 38  ILE A O   1 
ATOM   137  C  CB  . ILE A 1 24  ? -2.431  -3.033  2.979   1.00 11.25 ? 38  ILE A CB  1 
ATOM   138  C  CG1 . ILE A 1 24  ? -3.597  -2.130  3.528   1.00 13.19 ? 38  ILE A CG1 1 
ATOM   139  C  CG2 . ILE A 1 24  ? -2.667  -3.352  1.505   1.00 12.29 ? 38  ILE A CG2 1 
ATOM   140  C  CD1 . ILE A 1 24  ? -3.616  -0.756  2.997   1.00 15.08 ? 38  ILE A CD1 1 
ATOM   141  N  N   . THR A 1 25  ? -1.761  -6.467  3.008   1.00 9.48  ? 39  THR A N   1 
ATOM   142  C  CA  . THR A 1 25  ? -0.937  -7.508  2.421   1.00 10.10 ? 39  THR A CA  1 
ATOM   143  C  C   . THR A 1 25  ? -1.234  -7.619  0.949   1.00 9.20  ? 39  THR A C   1 
ATOM   144  O  O   . THR A 1 25  ? -2.379  -7.704  0.506   1.00 9.75  ? 39  THR A O   1 
ATOM   145  C  CB  . THR A 1 25  ? -1.190  -8.911  3.014   1.00 11.23 ? 39  THR A CB  1 
ATOM   146  O  OG1 . THR A 1 25  ? -0.754  -8.852  4.393   1.00 15.92 ? 39  THR A OG1 1 
ATOM   147  C  CG2 . THR A 1 25  ? -0.459  -9.977  2.284   1.00 12.37 ? 39  THR A CG2 1 
ATOM   148  N  N   . CYS A 1 26  ? -0.187  -7.479  0.163   1.00 9.71  ? 40  CYS A N   1 
ATOM   149  C  CA  . CYS A 1 26  ? -0.220  -7.720  -1.314  1.00 10.57 ? 40  CYS A CA  1 
ATOM   150  C  C   . CYS A 1 26  ? 0.594   -8.967  -1.606  1.00 9.75  ? 40  CYS A C   1 
ATOM   151  O  O   . CYS A 1 26  ? 1.709   -9.148  -1.127  1.00 10.94 ? 40  CYS A O   1 
ATOM   152  C  CB  . CYS A 1 26  ? 0.211   -6.535  -2.089  1.00 10.79 ? 40  CYS A CB  1 
ATOM   153  S  SG  . CYS A 1 26  ? -1.124  -5.217  -1.948  1.00 11.47 ? 40  CYS A SG  1 
ATOM   154  N  N   . TYR A 1 27  ? 0.039   -9.821  -2.498  1.00 9.13  ? 41  TYR A N   1 
ATOM   155  C  CA  . TYR A 1 27  ? 0.571   -11.084 -2.937  1.00 8.86  ? 41  TYR A CA  1 
ATOM   156  C  C   . TYR A 1 27  ? 1.087   -10.942 -4.360  1.00 9.79  ? 41  TYR A C   1 
ATOM   157  O  O   . TYR A 1 27  ? 0.467   -10.298 -5.192  1.00 11.65 ? 41  TYR A O   1 
ATOM   158  C  CB  . TYR A 1 27  ? -0.547  -12.110 -2.980  1.00 9.93  ? 41  TYR A CB  1 
ATOM   159  C  CG  . TYR A 1 27  ? -1.140  -12.456 -1.652  1.00 9.59  ? 41  TYR A CG  1 
ATOM   160  C  CD1 . TYR A 1 27  ? -2.168  -11.683 -1.123  1.00 10.00 ? 41  TYR A CD1 1 
ATOM   161  C  CD2 . TYR A 1 27  ? -0.789  -13.583 -0.981  1.00 11.34 ? 41  TYR A CD2 1 
ATOM   162  C  CE1 . TYR A 1 27  ? -2.774  -12.047 0.142   1.00 11.67 ? 41  TYR A CE1 1 
ATOM   163  C  CE2 . TYR A 1 27  ? -1.379  -13.910 0.220   1.00 12.14 ? 41  TYR A CE2 1 
ATOM   164  C  CZ  . TYR A 1 27  ? -2.370  -13.137 0.742   1.00 13.16 ? 41  TYR A CZ  1 
ATOM   165  O  OH  . TYR A 1 27  ? -3.012  -13.615 1.947   1.00 16.16 ? 41  TYR A OH  1 
ATOM   166  N  N   . TYR A 1 28  ? 2.251   -11.552 -4.600  1.00 9.04  ? 42  TYR A N   1 
ATOM   167  C  CA  . TYR A 1 28  ? 2.849   -11.480 -5.936  1.00 9.74  ? 42  TYR A CA  1 
ATOM   168  C  C   . TYR A 1 28  ? 3.215   -12.880 -6.431  1.00 9.90  ? 42  TYR A C   1 
ATOM   169  O  O   . TYR A 1 28  ? 3.177   -13.872 -5.673  1.00 9.79  ? 42  TYR A O   1 
ATOM   170  C  CB  . TYR A 1 28  ? 4.010   -10.500 -5.943  1.00 9.53  ? 42  TYR A CB  1 
ATOM   171  C  CG  . TYR A 1 28  ? 5.069   -10.716 -4.895  1.00 9.42  ? 42  TYR A CG  1 
ATOM   172  C  CD1 . TYR A 1 28  ? 6.037   -11.701 -5.030  1.00 9.27  ? 42  TYR A CD1 1 
ATOM   173  C  CD2 . TYR A 1 28  ? 5.147   -9.875  -3.786  1.00 10.09 ? 42  TYR A CD2 1 
ATOM   174  C  CE1 . TYR A 1 28  ? 7.029   -11.853 -4.082  1.00 10.22 ? 42  TYR A CE1 1 
ATOM   175  C  CE2 . TYR A 1 28  ? 6.159   -10.024 -2.863  1.00 9.82  ? 42  TYR A CE2 1 
ATOM   176  C  CZ  . TYR A 1 28  ? 7.084   -10.985 -3.035  1.00 9.36  ? 42  TYR A CZ  1 
ATOM   177  O  OH  . TYR A 1 28  ? 8.084   -11.121 -2.110  1.00 11.00 ? 42  TYR A OH  1 
ATOM   178  N  N   . PRO A 1 29  ? 3.556   -13.019 -7.717  1.00 9.85  ? 43  PRO A N   1 
ATOM   179  C  CA  . PRO A 1 29  ? 3.830   -14.369 -8.214  1.00 10.64 ? 43  PRO A CA  1 
ATOM   180  C  C   . PRO A 1 29  ? 5.147   -14.937 -7.605  1.00 11.54 ? 43  PRO A C   1 
ATOM   181  O  O   . PRO A 1 29  ? 6.089   -14.207 -7.295  1.00 11.59 ? 43  PRO A O   1 
ATOM   182  C  CB  . PRO A 1 29  ? 3.942   -14.167 -9.682  1.00 11.57 ? 43  PRO A CB  1 
ATOM   183  C  CG  . PRO A 1 29  ? 3.199   -12.900 -9.956  1.00 11.41 ? 43  PRO A CG  1 
ATOM   184  C  CD  . PRO A 1 29  ? 3.545   -12.029 -8.830  1.00 11.03 ? 43  PRO A CD  1 
ATOM   185  N  N   . ASP A 1 30  ? 5.193   -16.256 -7.513  1.00 12.73 ? 44  ASP A N   1 
ATOM   186  C  CA  . ASP A 1 30  ? 6.315   -16.989 -6.962  1.00 14.10 ? 44  ASP A CA  1 
ATOM   187  C  C   . ASP A 1 30  ? 7.439   -17.098 -7.974  1.00 14.30 ? 44  ASP A C   1 
ATOM   188  O  O   . ASP A 1 30  ? 7.567   -18.132 -8.677  1.00 16.87 ? 44  ASP A O   1 
ATOM   189  C  CB  . ASP A 1 30  ? 5.737   -18.370 -6.603  1.00 16.80 ? 44  ASP A CB  1 
ATOM   190  C  CG  . ASP A 1 30  ? 6.740   -19.383 -6.049  1.00 22.12 ? 44  ASP A CG  1 
ATOM   191  O  OD1 . ASP A 1 30  ? 7.926   -19.096 -5.827  1.00 20.70 ? 44  ASP A OD1 1 
ATOM   192  O  OD2 . ASP A 1 30  ? 6.208   -20.557 -5.941  1.00 21.82 ? 44  ASP A OD2 1 
ATOM   193  N  N   . THR A 1 31  ? 8.200   -16.043 -8.109  1.00 13.07 ? 45  THR A N   1 
ATOM   194  C  CA  . THR A 1 31  ? 9.423   -16.008 -8.898  1.00 13.17 ? 45  THR A CA  1 
ATOM   195  C  C   . THR A 1 31  ? 10.499  -15.237 -8.209  1.00 13.40 ? 45  THR A C   1 
ATOM   196  O  O   . THR A 1 31  ? 10.221  -14.334 -7.385  1.00 12.86 ? 45  THR A O   1 
ATOM   197  C  CB  . THR A 1 31  ? 9.226   -15.429 -10.322 1.00 16.00 ? 45  THR A CB  1 
ATOM   198  O  OG1 . THR A 1 31  ? 9.203   -14.000 -10.340 1.00 17.13 ? 45  THR A OG1 1 
ATOM   199  C  CG2 . THR A 1 31  ? 8.057   -16.079 -11.065 1.00 18.91 ? 45  THR A CG2 1 
ATOM   200  N  N   A SER A 1 32  ? 11.766  -15.552 -8.492  0.50 13.32 ? 46  SER A N   1 
ATOM   201  N  N   B SER A 1 32  ? 11.749  -15.551 -8.508  0.50 13.78 ? 46  SER A N   1 
ATOM   202  C  CA  A SER A 1 32  ? 12.873  -14.828 -7.902  0.50 13.15 ? 46  SER A CA  1 
ATOM   203  C  CA  B SER A 1 32  ? 12.837  -14.840 -7.921  0.50 13.73 ? 46  SER A CA  1 
ATOM   204  C  C   A SER A 1 32  ? 12.830  -13.355 -8.284  0.50 14.04 ? 46  SER A C   1 
ATOM   205  C  C   B SER A 1 32  ? 12.838  -13.367 -8.288  0.50 14.42 ? 46  SER A C   1 
ATOM   206  O  O   A SER A 1 32  ? 13.066  -12.518 -7.442  0.50 14.04 ? 46  SER A O   1 
ATOM   207  O  O   B SER A 1 32  ? 13.132  -12.548 -7.437  0.50 14.11 ? 46  SER A O   1 
ATOM   208  C  CB  A SER A 1 32  ? 14.221  -15.464 -8.325  0.50 14.55 ? 46  SER A CB  1 
ATOM   209  C  CB  B SER A 1 32  ? 14.139  -15.490 -8.361  0.50 15.74 ? 46  SER A CB  1 
ATOM   210  O  OG  A SER A 1 32  ? 15.374  -14.755 -7.831  0.50 15.87 ? 46  SER A OG  1 
ATOM   211  O  OG  B SER A 1 32  ? 14.165  -16.812 -7.891  0.50 17.90 ? 46  SER A OG  1 
ATOM   212  N  N   . VAL A 1 33  ? 12.575  -13.063 -9.552  1.00 15.06 ? 47  VAL A N   1 
ATOM   213  C  CA  . VAL A 1 33  ? 12.524  -11.662 -10.024 1.00 16.35 ? 47  VAL A CA  1 
ATOM   214  C  C   . VAL A 1 33  ? 11.529  -10.889 -9.184  1.00 14.40 ? 47  VAL A C   1 
ATOM   215  O  O   . VAL A 1 33  ? 11.835  -9.769  -8.713  1.00 15.15 ? 47  VAL A O   1 
ATOM   216  C  CB  . VAL A 1 33  ? 12.088  -11.577 -11.479 1.00 18.73 ? 47  VAL A CB  1 
ATOM   217  C  CG1 . VAL A 1 33  ? 11.721  -10.185 -11.884 1.00 21.80 ? 47  VAL A CG1 1 
ATOM   218  C  CG2 . VAL A 1 33  ? 13.238  -12.094 -12.343 1.00 21.99 ? 47  VAL A CG2 1 
ATOM   219  N  N   . ASN A 1 34  ? 10.364  -11.480 -8.897  1.00 13.13 ? 48  ASN A N   1 
ATOM   220  C  CA  . ASN A 1 34  ? 9.350   -10.727 -8.132  1.00 12.04 ? 48  ASN A CA  1 
ATOM   221  C  C   . ASN A 1 34  ? 9.751   -10.603 -6.692  1.00 11.55 ? 48  ASN A C   1 
ATOM   222  O  O   . ASN A 1 34  ? 9.574   -9.569  -6.019  1.00 11.55 ? 48  ASN A O   1 
ATOM   223  C  CB  . ASN A 1 34  ? 8.001   -11.375 -8.221  1.00 13.26 ? 48  ASN A CB  1 
ATOM   224  C  CG  . ASN A 1 34  ? 7.417   -11.240 -9.599  1.00 15.84 ? 48  ASN A CG  1 
ATOM   225  O  OD1 . ASN A 1 34  ? 7.724   -10.260 -10.274 1.00 19.81 ? 48  ASN A OD1 1 
ATOM   226  N  ND2 . ASN A 1 34  ? 6.759   -12.225 -10.086 1.00 16.55 ? 48  ASN A ND2 1 
ATOM   227  N  N   . ARG A 1 35  ? 10.323  -11.639 -6.080  1.00 11.15 ? 49  ARG A N   1 
ATOM   228  C  CA  . ARG A 1 35  ? 10.755  -11.505 -4.725  1.00 11.86 ? 49  ARG A CA  1 
ATOM   229  C  C   . ARG A 1 35  ? 11.746  -10.381 -4.470  1.00 12.05 ? 49  ARG A C   1 
ATOM   230  O  O   . ARG A 1 35  ? 11.757  -9.720  -3.394  1.00 13.83 ? 49  ARG A O   1 
ATOM   231  C  CB  . ARG A 1 35  ? 11.352  -12.850 -4.181  1.00 10.88 ? 49  ARG A CB  1 
ATOM   232  C  CG  . ARG A 1 35  ? 10.311  -13.911 -3.797  1.00 11.26 ? 49  ARG A CG  1 
ATOM   233  C  CD  . ARG A 1 35  ? 10.947  -15.166 -3.251  1.00 11.70 ? 49  ARG A CD  1 
ATOM   234  N  NE  . ARG A 1 35  ? 11.569  -15.968 -4.284  1.00 11.54 ? 49  ARG A NE  1 
ATOM   235  C  CZ  . ARG A 1 35  ? 10.933  -16.865 -5.009  1.00 10.74 ? 49  ARG A CZ  1 
ATOM   236  N  NH1 . ARG A 1 35  ? 9.635   -17.040 -4.891  1.00 11.35 ? 49  ARG A NH1 1 
ATOM   237  N  NH2 . ARG A 1 35  ? 11.556  -17.600 -5.908  1.00 13.11 ? 49  ARG A NH2 1 
ATOM   238  N  N   . HIS A 1 36  ? 12.668  -10.151 -5.461  1.00 11.96 ? 50  HIS A N   1 
ATOM   239  C  CA  . HIS A 1 36  ? 13.735  -9.191  -5.297  1.00 12.96 ? 50  HIS A CA  1 
ATOM   240  C  C   . HIS A 1 36  ? 13.502  -7.839  -5.935  1.00 13.04 ? 50  HIS A C   1 
ATOM   241  O  O   . HIS A 1 36  ? 14.289  -6.943  -5.642  1.00 16.17 ? 50  HIS A O   1 
ATOM   242  C  CB  . HIS A 1 36  ? 15.029  -9.795  -5.862  1.00 16.63 ? 50  HIS A CB  1 
ATOM   243  C  CG  . HIS A 1 36  ? 15.396  -11.071 -5.174  1.00 20.71 ? 50  HIS A CG  1 
ATOM   244  N  ND1 . HIS A 1 36  ? 15.780  -11.098 -3.842  1.00 30.21 ? 50  HIS A ND1 1 
ATOM   245  C  CD2 . HIS A 1 36  ? 15.283  -12.368 -5.547  1.00 21.80 ? 50  HIS A CD2 1 
ATOM   246  C  CE1 . HIS A 1 36  ? 15.974  -12.357 -3.462  1.00 32.63 ? 50  HIS A CE1 1 
ATOM   247  N  NE2 . HIS A 1 36  ? 15.680  -13.145 -4.487  1.00 25.25 ? 50  HIS A NE2 1 
ATOM   248  N  N   . THR A 1 37  ? 12.425  -7.629  -6.653  1.00 11.67 ? 51  THR A N   1 
ATOM   249  C  CA  . THR A 1 37  ? 12.165  -6.383  -7.362  1.00 11.70 ? 51  THR A CA  1 
ATOM   250  C  C   . THR A 1 37  ? 11.675  -5.328  -6.411  1.00 11.95 ? 51  THR A C   1 
ATOM   251  O  O   . THR A 1 37  ? 11.235  -5.627  -5.272  1.00 12.97 ? 51  THR A O   1 
ATOM   252  C  CB  . THR A 1 37  ? 11.261  -6.577  -8.532  1.00 14.75 ? 51  THR A CB  1 
ATOM   253  O  OG1 . THR A 1 37  ? 11.437  -5.447  -9.435  1.00 16.96 ? 51  THR A OG1 1 
ATOM   254  C  CG2 . THR A 1 37  ? 9.833   -6.775  -8.190  1.00 13.31 ? 51  THR A CG2 1 
ATOM   255  N  N   . ARG A 1 38  ? 11.664  -4.078  -6.865  1.00 10.71 ? 52  ARG A N   1 
ATOM   256  C  CA  . ARG A 1 38  ? 11.088  -2.958  -6.091  1.00 11.77 ? 52  ARG A CA  1 
ATOM   257  C  C   . ARG A 1 38  ? 9.598   -3.213  -5.806  1.00 11.26 ? 52  ARG A C   1 
ATOM   258  O  O   . ARG A 1 38  ? 8.832   -3.632  -6.683  1.00 11.18 ? 52  ARG A O   1 
ATOM   259  C  CB  . ARG A 1 38  ? 11.256  -1.659  -6.868  1.00 13.81 ? 52  ARG A CB  1 
ATOM   260  C  CG  . ARG A 1 38  ? 10.586  -0.459  -6.275  1.00 17.09 ? 52  ARG A CG  1 
ATOM   261  C  CD  . ARG A 1 38  ? 10.881  0.751   -7.112  1.00 21.95 ? 52  ARG A CD  1 
ATOM   262  N  NE  . ARG A 1 38  ? 10.175  1.988   -6.655  1.00 22.66 ? 52  ARG A NE  1 
ATOM   263  C  CZ  . ARG A 1 38  ? 9.002   2.411   -7.116  1.00 20.21 ? 52  ARG A CZ  1 
ATOM   264  N  NH1 . ARG A 1 38  ? 8.344   1.864   -8.127  1.00 22.71 ? 52  ARG A NH1 1 
ATOM   265  N  NH2 . ARG A 1 38  ? 8.549   3.551   -6.595  1.00 24.17 ? 52  ARG A NH2 1 
ATOM   266  N  N   . LYS A 1 39  ? 9.196   -2.990  -4.563  1.00 10.42 ? 53  LYS A N   1 
ATOM   267  C  CA  . LYS A 1 39  ? 7.819   -2.951  -4.166  1.00 9.01  ? 53  LYS A CA  1 
ATOM   268  C  C   . LYS A 1 39  ? 7.440   -1.542  -3.851  1.00 9.39  ? 53  LYS A C   1 
ATOM   269  O  O   . LYS A 1 39  ? 8.217   -0.756  -3.292  1.00 11.00 ? 53  LYS A O   1 
ATOM   270  C  CB  . LYS A 1 39  ? 7.615   -3.761  -2.886  1.00 10.32 ? 53  LYS A CB  1 
ATOM   271  C  CG  . LYS A 1 39  ? 8.295   -5.095  -2.783  1.00 11.42 ? 53  LYS A CG  1 
ATOM   272  C  CD  . LYS A 1 39  ? 7.937   -6.108  -3.801  1.00 12.35 ? 53  LYS A CD  1 
ATOM   273  C  CE  . LYS A 1 39  ? 8.549   -7.483  -3.704  1.00 12.43 ? 53  LYS A CE  1 
ATOM   274  N  NZ  . LYS A 1 39  ? 10.021  -7.424  -3.661  1.00 13.18 ? 53  LYS A NZ  1 
ATOM   275  N  N   . TYR A 1 40  ? 6.164   -1.200  -4.100  1.00 9.06  ? 54  TYR A N   1 
ATOM   276  C  CA  . TYR A 1 40  ? 5.693   0.178   -3.815  1.00 9.14  ? 54  TYR A CA  1 
ATOM   277  C  C   . TYR A 1 40  ? 4.246   0.217   -3.381  1.00 9.01  ? 54  TYR A C   1 
ATOM   278  O  O   . TYR A 1 40  ? 3.455   -0.671  -3.681  1.00 10.00 ? 54  TYR A O   1 
ATOM   279  C  CB  . TYR A 1 40  ? 5.921   1.110   -5.030  1.00 10.35 ? 54  TYR A CB  1 
ATOM   280  C  CG  . TYR A 1 40  ? 5.158   0.737   -6.247  1.00 10.81 ? 54  TYR A CG  1 
ATOM   281  C  CD1 . TYR A 1 40  ? 3.812   1.088   -6.418  1.00 11.27 ? 54  TYR A CD1 1 
ATOM   282  C  CD2 . TYR A 1 40  ? 5.701   -0.046  -7.256  1.00 11.62 ? 54  TYR A CD2 1 
ATOM   283  C  CE1 . TYR A 1 40  ? 3.108   0.690   -7.529  1.00 11.44 ? 54  TYR A CE1 1 
ATOM   284  C  CE2 . TYR A 1 40  ? 4.966   -0.438  -8.337  1.00 13.16 ? 54  TYR A CE2 1 
ATOM   285  C  CZ  . TYR A 1 40  ? 3.647   -0.079  -8.471  1.00 13.13 ? 54  TYR A CZ  1 
ATOM   286  O  OH  . TYR A 1 40  ? 2.890   -0.393  -9.609  1.00 16.95 ? 54  TYR A OH  1 
ATOM   287  N  N   . TRP A 1 41  ? 3.907   1.338   -2.755  1.00 8.99  ? 55  TRP A N   1 
ATOM   288  C  CA  . TRP A 1 41  ? 2.569   1.741   -2.401  1.00 9.33  ? 55  TRP A CA  1 
ATOM   289  C  C   . TRP A 1 41  ? 2.481   3.183   -2.913  1.00 9.75  ? 55  TRP A C   1 
ATOM   290  O  O   . TRP A 1 41  ? 3.255   4.031   -2.522  1.00 10.29 ? 55  TRP A O   1 
ATOM   291  C  CB  . TRP A 1 41  ? 2.346   1.661   -0.921  1.00 9.79  ? 55  TRP A CB  1 
ATOM   292  C  CG  . TRP A 1 41  ? 1.081   2.204   -0.361  1.00 9.37  ? 55  TRP A CG  1 
ATOM   293  C  CD1 . TRP A 1 41  ? 0.971   3.344   0.391   1.00 8.48  ? 55  TRP A CD1 1 
ATOM   294  C  CD2 . TRP A 1 41  ? -0.247  1.648   -0.446  1.00 9.05  ? 55  TRP A CD2 1 
ATOM   295  N  NE1 . TRP A 1 41  ? -0.330  3.564   0.773   1.00 9.62  ? 55  TRP A NE1 1 
ATOM   296  C  CE2 . TRP A 1 41  ? -1.091  2.489   0.313   1.00 10.17 ? 55  TRP A CE2 1 
ATOM   297  C  CE3 . TRP A 1 41  ? -0.788  0.518   -1.061  1.00 10.31 ? 55  TRP A CE3 1 
ATOM   298  C  CZ2 . TRP A 1 41  ? -2.446  2.234   0.496   1.00 10.24 ? 55  TRP A CZ2 1 
ATOM   299  C  CZ3 . TRP A 1 41  ? -2.123  0.273   -0.874  1.00 11.91 ? 55  TRP A CZ3 1 
ATOM   300  C  CH2 . TRP A 1 41  ? -2.925  1.125   -0.095  1.00 11.70 ? 55  TRP A CH2 1 
ATOM   301  N  N   . CYS A 1 42  ? 1.446   3.460   -3.687  1.00 10.19 ? 56  CYS A N   1 
ATOM   302  C  CA  . CYS A 1 42  ? 1.265   4.793   -4.312  1.00 10.78 ? 56  CYS A CA  1 
ATOM   303  C  C   . CYS A 1 42  ? -0.219  5.198   -4.254  1.00 10.40 ? 56  CYS A C   1 
ATOM   304  O  O   . CYS A 1 42  ? -1.109  4.369   -4.175  1.00 9.96  ? 56  CYS A O   1 
ATOM   305  C  CB  . CYS A 1 42  ? 1.792   4.791   -5.742  1.00 13.01 ? 56  CYS A CB  1 
ATOM   306  S  SG  . CYS A 1 42  ? 0.956   3.697   -6.903  1.00 15.02 ? 56  CYS A SG  1 
ATOM   307  N  N   . ARG A 1 43  ? -0.443  6.523   -4.292  1.00 11.01 ? 57  ARG A N   1 
ATOM   308  C  CA  . ARG A 1 43  ? -1.786  7.100   -4.332  1.00 10.24 ? 57  ARG A CA  1 
ATOM   309  C  C   . ARG A 1 43  ? -2.088  7.657   -5.695  1.00 12.48 ? 57  ARG A C   1 
ATOM   310  O  O   . ARG A 1 43  ? -1.295  8.381   -6.264  1.00 12.57 ? 57  ARG A O   1 
ATOM   311  C  CB  . ARG A 1 43  ? -1.862  8.275   -3.311  1.00 11.66 ? 57  ARG A CB  1 
ATOM   312  C  CG  . ARG A 1 43  ? -3.279  8.845   -3.166  1.00 14.50 ? 57  ARG A CG  1 
ATOM   313  C  CD  . ARG A 1 43  ? -3.449  9.811   -1.934  1.00 18.24 ? 57  ARG A CD  1 
ATOM   314  N  NE  . ARG A 1 43  ? -4.882  10.088  -1.748  1.00 22.78 ? 57  ARG A NE  1 
ATOM   315  C  CZ  . ARG A 1 43  ? -5.375  10.546  -0.651  1.00 26.17 ? 57  ARG A CZ  1 
ATOM   316  N  NH1 . ARG A 1 43  ? -4.638  10.795  0.386   1.00 25.67 ? 57  ARG A NH1 1 
ATOM   317  N  NH2 . ARG A 1 43  ? -6.667  10.830  -0.627  1.00 40.05 ? 57  ARG A NH2 1 
ATOM   318  N  N   . GLN A 1 44  ? -3.206  7.186   -6.233  1.00 12.20 ? 58  GLN A N   1 
ATOM   319  C  CA  . GLN A 1 44  ? -3.687  7.690   -7.515  1.00 14.63 ? 58  GLN A CA  1 
ATOM   320  C  C   . GLN A 1 44  ? -4.201  9.093   -7.385  1.00 15.39 ? 58  GLN A C   1 
ATOM   321  O  O   . GLN A 1 44  ? -4.959  9.467   -6.482  1.00 16.02 ? 58  GLN A O   1 
ATOM   322  C  CB  . GLN A 1 44  ? -4.848  6.801   -7.966  1.00 17.26 ? 58  GLN A CB  1 
ATOM   323  C  CG  . GLN A 1 44  ? -4.510  5.368   -8.155  1.00 23.67 ? 58  GLN A CG  1 
ATOM   324  C  CD  . GLN A 1 44  ? -5.309  4.669   -9.225  1.00 33.77 ? 58  GLN A CD  1 
ATOM   325  O  OE1 . GLN A 1 44  ? -5.059  4.905   -10.411 1.00 41.29 ? 58  GLN A OE1 1 
ATOM   326  N  NE2 . GLN A 1 44  ? -6.254  3.792   -8.824  1.00 37.13 ? 58  GLN A NE2 1 
ATOM   327  N  N   . GLY A 1 45  ? -3.728  9.966   -8.286  1.00 15.67 ? 59  GLY A N   1 
ATOM   328  C  CA  . GLY A 1 45  ? -4.132  11.342  -8.222  1.00 16.90 ? 59  GLY A CA  1 
ATOM   329  C  C   . GLY A 1 45  ? -4.926  11.813  -9.443  1.00 15.86 ? 59  GLY A C   1 
ATOM   330  O  O   . GLY A 1 45  ? -5.137  11.080  -10.349 1.00 17.38 ? 59  GLY A O   1 
ATOM   331  N  N   . ALA A 1 46  ? -5.373  13.032  -9.341  1.00 19.74 ? 60  ALA A N   1 
ATOM   332  C  CA  . ALA A 1 46  ? -6.263  13.583  -10.360 1.00 21.04 ? 60  ALA A CA  1 
ATOM   333  C  C   . ALA A 1 46  ? -5.580  13.716  -11.741 1.00 20.04 ? 60  ALA A C   1 
ATOM   334  O  O   . ALA A 1 46  ? -6.298  13.730  -12.779 1.00 22.82 ? 60  ALA A O   1 
ATOM   335  C  CB  . ALA A 1 46  ? -6.745  14.921  -9.884  1.00 25.97 ? 60  ALA A CB  1 
ATOM   336  N  N   . SER A 1 47  ? -4.241  13.782  -11.742 1.00 20.16 ? 61  SER A N   1 
ATOM   337  C  CA  . SER A 1 47  ? -3.423  13.939  -12.942 1.00 22.40 ? 61  SER A CA  1 
ATOM   338  C  C   . SER A 1 47  ? -3.281  12.665  -13.675 1.00 23.38 ? 61  SER A C   1 
ATOM   339  O  O   . SER A 1 47  ? -2.585  12.645  -14.718 1.00 25.04 ? 61  SER A O   1 
ATOM   340  C  CB  . SER A 1 47  ? -2.026  14.434  -12.540 1.00 26.70 ? 61  SER A CB  1 
ATOM   341  O  OG  . SER A 1 47  ? -1.271  13.347  -11.932 1.00 29.37 ? 61  SER A OG  1 
ATOM   342  N  N   . GLY A 1 48  ? -3.741  11.550  -13.102 1.00 17.59 ? 62  GLY A N   1 
ATOM   343  C  CA  . GLY A 1 48  ? -3.527  10.257  -13.650 1.00 20.95 ? 62  GLY A CA  1 
ATOM   344  C  C   . GLY A 1 48  ? -2.282  9.476   -13.228 1.00 19.60 ? 62  GLY A C   1 
ATOM   345  O  O   . GLY A 1 48  ? -2.111  8.316   -13.559 1.00 26.89 ? 62  GLY A O   1 
ATOM   346  N  N   . MET A 1 49  ? -1.424  10.098  -12.480 1.00 15.86 ? 63  MET A N   1 
ATOM   347  C  CA  . MET A 1 49  ? -0.216  9.472   -11.983 1.00 15.12 ? 63  MET A CA  1 
ATOM   348  C  C   . MET A 1 49  ? -0.530  8.846   -10.664 1.00 15.74 ? 63  MET A C   1 
ATOM   349  O  O   . MET A 1 49  ? -1.379  9.355   -9.937  1.00 17.09 ? 63  MET A O   1 
ATOM   350  C  CB  . MET A 1 49  ? 0.899   10.491  -11.669 1.00 18.06 ? 63  MET A CB  1 
ATOM   351  C  CG  . MET A 1 49  ? 1.543   11.039  -12.886 1.00 19.65 ? 63  MET A CG  1 
ATOM   352  S  SD  . MET A 1 49  ? 2.991   12.004  -12.406 1.00 19.14 ? 63  MET A SD  1 
ATOM   353  C  CE  . MET A 1 49  ? 2.287   13.393  -11.637 1.00 22.56 ? 63  MET A CE  1 
ATOM   354  N  N   . CYS A 1 50  ? 0.240   7.822   -10.333 1.00 15.81 ? 64  CYS A N   1 
ATOM   355  C  CA  . CYS A 1 50  ? 0.138   7.139   -8.987  1.00 15.65 ? 64  CYS A CA  1 
ATOM   356  C  C   . CYS A 1 50  ? 1.434   7.515   -8.324  1.00 16.43 ? 64  CYS A C   1 
ATOM   357  O  O   . CYS A 1 50  ? 2.503   7.023   -8.785  1.00 21.03 ? 64  CYS A O   1 
ATOM   358  C  CB  . CYS A 1 50  ? -0.103  5.659   -9.195  1.00 15.72 ? 64  CYS A CB  1 
ATOM   359  S  SG  . CYS A 1 50  ? -0.650  4.813   -7.632  1.00 19.46 ? 64  CYS A SG  1 
ATOM   360  N  N   . THR A 1 51  ? 1.367   8.374   -7.302  1.00 14.39 ? 65  THR A N   1 
ATOM   361  C  CA  . THR A 1 51  ? 2.509   8.968   -6.585  1.00 14.45 ? 65  THR A CA  1 
ATOM   362  C  C   . THR A 1 51  ? 2.954   8.029   -5.468  1.00 12.13 ? 65  THR A C   1 
ATOM   363  O  O   . THR A 1 51  ? 2.168   7.812   -4.582  1.00 12.14 ? 65  THR A O   1 
ATOM   364  C  CB  . THR A 1 51  ? 2.157   10.328  -6.034  1.00 16.57 ? 65  THR A CB  1 
ATOM   365  O  OG1 . THR A 1 51  ? 1.821   11.212  -7.169  1.00 22.53 ? 65  THR A OG1 1 
ATOM   366  C  CG2 . THR A 1 51  ? 3.237   10.931  -5.126  1.00 18.26 ? 65  THR A CG2 1 
ATOM   367  N  N   . THR A 1 52  ? 4.208   7.644   -5.553  1.00 13.65 ? 66  THR A N   1 
ATOM   368  C  CA  . THR A 1 52  ? 4.809   6.779   -4.532  1.00 13.73 ? 66  THR A CA  1 
ATOM   369  C  C   . THR A 1 52  ? 4.807   7.408   -3.213  1.00 12.23 ? 66  THR A C   1 
ATOM   370  O  O   . THR A 1 52  ? 5.297   8.550   -3.029  1.00 13.73 ? 66  THR A O   1 
ATOM   371  C  CB  . THR A 1 52  ? 6.208   6.346   -4.887  1.00 14.28 ? 66  THR A CB  1 
ATOM   372  O  OG1 . THR A 1 52  ? 6.187   5.750   -6.176  1.00 22.05 ? 66  THR A OG1 1 
ATOM   373  C  CG2 . THR A 1 52  ? 6.765   5.276   -3.928  1.00 14.47 ? 66  THR A CG2 1 
ATOM   374  N  N   . LEU A 1 53  ? 4.285   6.690   -2.210  1.00 11.94 ? 67  LEU A N   1 
ATOM   375  C  CA  . LEU A 1 53  ? 4.312   7.112   -0.833  1.00 11.52 ? 67  LEU A CA  1 
ATOM   376  C  C   . LEU A 1 53  ? 5.302   6.298   0.015   1.00 10.68 ? 67  LEU A C   1 
ATOM   377  O  O   . LEU A 1 53  ? 5.869   6.843   0.970   1.00 11.18 ? 67  LEU A O   1 
ATOM   378  C  CB  . LEU A 1 53  ? 2.916   6.974   -0.167  1.00 12.60 ? 67  LEU A CB  1 
ATOM   379  C  CG  . LEU A 1 53  ? 1.876   7.888   -0.831  1.00 13.93 ? 67  LEU A CG  1 
ATOM   380  C  CD1 . LEU A 1 53  ? 0.513   7.561   -0.276  1.00 14.13 ? 67  LEU A CD1 1 
ATOM   381  C  CD2 . LEU A 1 53  ? 2.225   9.373   -0.672  1.00 14.75 ? 67  LEU A CD2 1 
ATOM   382  N  N   . ILE A 1 54  ? 5.564   5.060   -0.364  1.00 10.12 ? 68  ILE A N   1 
ATOM   383  C  CA  . ILE A 1 54  ? 6.591   4.257   0.334   1.00 10.18 ? 68  ILE A CA  1 
ATOM   384  C  C   . ILE A 1 54  ? 7.084   3.216   -0.609  1.00 10.85 ? 68  ILE A C   1 
ATOM   385  O  O   . ILE A 1 54  ? 6.256   2.708   -1.438  1.00 11.59 ? 68  ILE A O   1 
ATOM   386  C  CB  . ILE A 1 54  ? 6.024   3.716   1.711   1.00 11.43 ? 68  ILE A CB  1 
ATOM   387  C  CG1 . ILE A 1 54  ? 7.122   3.023   2.456   1.00 10.38 ? 68  ILE A CG1 1 
ATOM   388  C  CG2 . ILE A 1 54  ? 4.817   2.853   1.499   1.00 14.06 ? 68  ILE A CG2 1 
ATOM   389  C  CD1 . ILE A 1 54  ? 6.737   2.746   3.944   1.00 12.59 ? 68  ILE A CD1 1 
ATOM   390  N  N   . SER A 1 55  ? 8.361   2.860   -0.606  1.00 10.22 ? 69  SER A N   1 
ATOM   391  C  CA  . SER A 1 55  ? 8.823   1.811   -1.425  1.00 11.70 ? 69  SER A CA  1 
ATOM   392  C  C   . SER A 1 55  ? 9.928   1.004   -0.696  1.00 12.29 ? 69  SER A C   1 
ATOM   393  O  O   . SER A 1 55  ? 10.576  1.524   0.259   1.00 12.50 ? 69  SER A O   1 
ATOM   394  C  CB  . SER A 1 55  ? 9.313   2.343   -2.786  1.00 15.22 ? 69  SER A CB  1 
ATOM   395  O  OG  . SER A 1 55  ? 10.643  2.897   -2.551  1.00 20.97 ? 69  SER A OG  1 
ATOM   396  N  N   . SER A 1 56  ? 10.185  -0.168  -1.209  1.00 11.71 ? 70  SER A N   1 
ATOM   397  C  CA  . SER A 1 56  ? 11.181  -1.084  -0.662  1.00 11.72 ? 70  SER A CA  1 
ATOM   398  C  C   . SER A 1 56  ? 12.623  -0.589  -0.903  1.00 13.89 ? 70  SER A C   1 
ATOM   399  O  O   . SER A 1 56  ? 13.543  -1.220  -0.325  1.00 19.77 ? 70  SER A O   1 
ATOM   400  C  CB  . SER A 1 56  ? 11.034  -2.512  -1.167  1.00 12.27 ? 70  SER A CB  1 
ATOM   401  O  OG  . SER A 1 56  ? 11.218  -2.564  -2.576  1.00 13.34 ? 70  SER A OG  1 
ATOM   402  N  N   . ASN A 1 57  ? 12.861  0.449   -1.720  1.00 13.97 ? 71  ASN A N   1 
ATOM   403  C  CA  . ASN A 1 57  ? 14.208  1.022   -1.811  1.00 15.75 ? 71  ASN A CA  1 
ATOM   404  C  C   . ASN A 1 57  ? 14.406  1.918   -0.594  1.00 15.96 ? 71  ASN A C   1 
ATOM   405  O  O   . ASN A 1 57  ? 15.477  2.542   -0.459  1.00 17.47 ? 71  ASN A O   1 
ATOM   406  C  CB  . ASN A 1 57  ? 14.324  1.837   -3.075  1.00 20.03 ? 71  ASN A CB  1 
ATOM   407  C  CG  . ASN A 1 57  ? 14.173  1.020   -4.362  1.00 29.94 ? 71  ASN A CG  1 
ATOM   408  O  OD1 . ASN A 1 57  ? 13.459  1.427   -5.324  1.00 43.09 ? 71  ASN A OD1 1 
ATOM   409  N  ND2 . ASN A 1 57  ? 14.831  -0.128  -4.400  1.00 32.95 ? 71  ASN A ND2 1 
ATOM   410  N  N   . GLY A 1 58  ? 13.471  2.008   0.335   1.00 14.46 ? 72  GLY A N   1 
ATOM   411  C  CA  . GLY A 1 58  ? 13.634  2.923   1.448   1.00 13.43 ? 72  GLY A CA  1 
ATOM   412  C  C   . GLY A 1 58  ? 13.127  4.327   1.199   1.00 14.19 ? 72  GLY A C   1 
ATOM   413  O  O   . GLY A 1 58  ? 13.532  5.228   1.935   1.00 15.76 ? 72  GLY A O   1 
ATOM   414  N  N   . TYR A 1 59  ? 12.241  4.572   0.283   1.00 11.79 ? 73  TYR A N   1 
ATOM   415  C  CA  . TYR A 1 59  ? 11.688  5.887   0.067   1.00 11.62 ? 73  TYR A CA  1 
ATOM   416  C  C   . TYR A 1 59  ? 10.427  6.059   0.892   1.00 10.43 ? 73  TYR A C   1 
ATOM   417  O  O   . TYR A 1 59  ? 9.626   5.100   0.979   1.00 11.51 ? 73  TYR A O   1 
ATOM   418  C  CB  . TYR A 1 59  ? 11.297  6.118   -1.415  1.00 12.10 ? 73  TYR A CB  1 
ATOM   419  C  CG  . TYR A 1 59  ? 10.601  7.384   -1.668  1.00 12.43 ? 73  TYR A CG  1 
ATOM   420  C  CD1 . TYR A 1 59  ? 11.327  8.562   -1.761  1.00 15.01 ? 73  TYR A CD1 1 
ATOM   421  C  CD2 . TYR A 1 59  ? 9.196   7.486   -1.696  1.00 12.35 ? 73  TYR A CD2 1 
ATOM   422  C  CE1 . TYR A 1 59  ? 10.658  9.759   -1.987  1.00 16.97 ? 73  TYR A CE1 1 
ATOM   423  C  CE2 . TYR A 1 59  ? 8.534   8.656   -1.832  1.00 13.47 ? 73  TYR A CE2 1 
ATOM   424  C  CZ  . TYR A 1 59  ? 9.254   9.797   -2.012  1.00 17.34 ? 73  TYR A CZ  1 
ATOM   425  O  OH  . TYR A 1 59  ? 8.605   10.996  -2.116  1.00 20.05 ? 73  TYR A OH  1 
ATOM   426  N  N   . LEU A 1 60  ? 10.282  7.226   1.496   1.00 10.77 ? 74  LEU A N   1 
ATOM   427  C  CA  . LEU A 1 60  ? 9.126   7.568   2.260   1.00 10.63 ? 74  LEU A CA  1 
ATOM   428  C  C   . LEU A 1 60  ? 8.644   8.962   1.965   1.00 11.31 ? 74  LEU A C   1 
ATOM   429  O  O   . LEU A 1 60  ? 9.443   9.899   2.064   1.00 12.53 ? 74  LEU A O   1 
ATOM   430  C  CB  . LEU A 1 60  ? 9.355   7.422   3.768   1.00 11.77 ? 74  LEU A CB  1 
ATOM   431  C  CG  . LEU A 1 60  ? 8.136   7.466   4.738   1.00 11.98 ? 74  LEU A CG  1 
ATOM   432  C  CD1 . LEU A 1 60  ? 7.345   6.156   4.499   1.00 12.60 ? 74  LEU A CD1 1 
ATOM   433  C  CD2 . LEU A 1 60  ? 8.550   7.606   6.172   1.00 13.47 ? 74  LEU A CD2 1 
ATOM   434  N  N   . SER A 1 61  ? 7.371   9.178   1.681   1.00 10.77 ? 75  SER A N   1 
ATOM   435  C  CA  . SER A 1 61  ? 6.814   10.485  1.562   1.00 10.98 ? 75  SER A CA  1 
ATOM   436  C  C   . SER A 1 61  ? 6.746   11.164  2.892   1.00 11.30 ? 75  SER A C   1 
ATOM   437  O  O   . SER A 1 61  ? 6.465   10.557  3.916   1.00 11.08 ? 75  SER A O   1 
ATOM   438  C  CB  . SER A 1 61  ? 5.372   10.353  1.052   1.00 12.61 ? 75  SER A CB  1 
ATOM   439  O  OG  . SER A 1 61  ? 4.681   11.635  1.148   1.00 14.21 ? 75  SER A OG  1 
ATOM   440  N  N   . LYS A 1 62  ? 6.932   12.493  2.896   1.00 11.33 ? 76  LYS A N   1 
ATOM   441  C  CA  . LYS A 1 62  ? 6.772   13.220  4.160   1.00 11.78 ? 76  LYS A CA  1 
ATOM   442  C  C   . LYS A 1 62  ? 5.381   13.065  4.730   1.00 10.95 ? 76  LYS A C   1 
ATOM   443  O  O   . LYS A 1 62  ? 5.184   13.206  5.952   1.00 11.47 ? 76  LYS A O   1 
ATOM   444  C  CB  . LYS A 1 62  ? 7.092   14.710  3.937   1.00 12.20 ? 76  LYS A CB  1 
ATOM   445  C  CG  . LYS A 1 62  ? 6.135   15.424  3.052   1.00 14.39 ? 76  LYS A CG  1 
ATOM   446  C  CD  . LYS A 1 62  ? 6.656   16.846  2.705   1.00 18.26 ? 76  LYS A CD  1 
ATOM   447  C  CE  . LYS A 1 62  ? 5.693   17.493  1.723   1.00 21.57 ? 76  LYS A CE  1 
ATOM   448  N  NZ  . LYS A 1 62  ? 6.336   18.782  1.251   1.00 26.63 ? 76  LYS A NZ  1 
ATOM   449  N  N   . GLU A 1 63  ? 4.369   12.723  3.915   1.00 11.26 ? 77  GLU A N   1 
ATOM   450  C  CA  . GLU A 1 63  ? 3.060   12.513  4.440   1.00 11.39 ? 77  GLU A CA  1 
ATOM   451  C  C   . GLU A 1 63  ? 2.969   11.302  5.372   1.00 10.25 ? 77  GLU A C   1 
ATOM   452  O  O   . GLU A 1 63  ? 1.974   11.168  6.126   1.00 11.23 ? 77  GLU A O   1 
ATOM   453  C  CB  . GLU A 1 63  ? 2.087   12.249  3.306   1.00 14.57 ? 77  GLU A CB  1 
ATOM   454  C  CG  . GLU A 1 63  ? 1.957   13.402  2.321   1.00 17.58 ? 77  GLU A CG  1 
ATOM   455  C  CD  . GLU A 1 63  ? 1.693   14.725  2.940   1.00 26.86 ? 77  GLU A CD  1 
ATOM   456  O  OE1 . GLU A 1 63  ? 1.010   14.796  4.024   1.00 28.85 ? 77  GLU A OE1 1 
ATOM   457  O  OE2 . GLU A 1 63  ? 2.204   15.734  2.343   1.00 32.32 ? 77  GLU A OE2 1 
ATOM   458  N  N   . TYR A 1 64  ? 3.935   10.390  5.260   1.00 10.18 ? 78  TYR A N   1 
ATOM   459  C  CA  . TYR A 1 64  ? 3.986   9.186   6.079   1.00 9.44  ? 78  TYR A CA  1 
ATOM   460  C  C   . TYR A 1 64  ? 5.122   9.168   7.109   1.00 10.34 ? 78  TYR A C   1 
ATOM   461  O  O   . TYR A 1 64  ? 5.309   8.175   7.781   1.00 10.18 ? 78  TYR A O   1 
ATOM   462  C  CB  . TYR A 1 64  ? 4.136   7.965   5.177   1.00 10.15 ? 78  TYR A CB  1 
ATOM   463  C  CG  . TYR A 1 64  ? 2.898   7.449   4.527   1.00 9.75  ? 78  TYR A CG  1 
ATOM   464  C  CD1 . TYR A 1 64  ? 1.676   8.045   4.686   1.00 11.74 ? 78  TYR A CD1 1 
ATOM   465  C  CD2 . TYR A 1 64  ? 2.939   6.303   3.784   1.00 11.55 ? 78  TYR A CD2 1 
ATOM   466  C  CE1 . TYR A 1 64  ? 0.539   7.482   4.081   1.00 11.15 ? 78  TYR A CE1 1 
ATOM   467  C  CE2 . TYR A 1 64  ? 1.797   5.752   3.196   1.00 10.48 ? 78  TYR A CE2 1 
ATOM   468  C  CZ  . TYR A 1 64  ? 0.624   6.383   3.313   1.00 10.71 ? 78  TYR A CZ  1 
ATOM   469  O  OH  . TYR A 1 64  ? -0.506  5.816   2.727   1.00 11.86 ? 78  TYR A OH  1 
ATOM   470  N  N   . SER A 1 65  ? 5.827   10.284  7.334   1.00 11.36 ? 79  SER A N   1 
ATOM   471  C  CA  . SER A 1 65  ? 6.913   10.341  8.321   1.00 11.17 ? 79  SER A CA  1 
ATOM   472  C  C   . SER A 1 65  ? 6.329   9.880   9.641   1.00 9.83  ? 79  SER A C   1 
ATOM   473  O  O   . SER A 1 65  ? 5.286   10.302  10.119  1.00 11.88 ? 79  SER A O   1 
ATOM   474  C  CB  . SER A 1 65  ? 7.401   11.787  8.527   1.00 12.42 ? 79  SER A CB  1 
ATOM   475  O  OG  . SER A 1 65  ? 8.197   12.186  7.396   1.00 13.48 ? 79  SER A OG  1 
ATOM   476  N  N   . GLY A 1 66  ? 7.040   8.982   10.272  1.00 9.37  ? 80  GLY A N   1 
ATOM   477  C  CA  . GLY A 1 66  ? 6.658   8.478   11.548  1.00 9.21  ? 80  GLY A CA  1 
ATOM   478  C  C   . GLY A 1 66  ? 5.490   7.505   11.639  1.00 10.06 ? 80  GLY A C   1 
ATOM   479  O  O   . GLY A 1 66  ? 5.111   7.123   12.815  1.00 11.41 ? 80  GLY A O   1 
ATOM   480  N  N   . ARG A 1 67  ? 4.954   7.051   10.529  1.00 10.50 ? 81  ARG A N   1 
ATOM   481  C  CA  . ARG A 1 67  ? 3.708   6.299   10.584  1.00 9.60  ? 81  ARG A CA  1 
ATOM   482  C  C   . ARG A 1 67  ? 3.537   5.241   9.572   1.00 10.59 ? 81  ARG A C   1 
ATOM   483  O  O   . ARG A 1 67  ? 2.409   4.757   9.363   1.00 10.87 ? 81  ARG A O   1 
ATOM   484  C  CB  . ARG A 1 67  ? 2.475   7.200   10.659  1.00 10.19 ? 81  ARG A CB  1 
ATOM   485  C  CG  . ARG A 1 67  ? 2.159   7.959   9.389   1.00 10.55 ? 81  ARG A CG  1 
ATOM   486  C  CD  . ARG A 1 67  ? 0.971   8.887   9.522   1.00 10.91 ? 81  ARG A CD  1 
ATOM   487  N  NE  . ARG A 1 67  ? 0.608   9.528   8.270   1.00 11.47 ? 81  ARG A NE  1 
ATOM   488  C  CZ  . ARG A 1 67  ? -0.538  9.364   7.611   1.00 10.94 ? 81  ARG A CZ  1 
ATOM   489  N  NH1 . ARG A 1 67  ? -1.439  8.508   8.042   1.00 12.16 ? 81  ARG A NH1 1 
ATOM   490  N  NH2 . ARG A 1 67  ? -0.792  9.997   6.507   1.00 10.48 ? 81  ARG A NH2 1 
ATOM   491  N  N   . ALA A 1 68  ? 4.557   4.831   8.845   1.00 9.64  ? 82  ALA A N   1 
ATOM   492  C  CA  . ALA A 1 68  ? 4.364   3.786   7.831   1.00 9.11  ? 82  ALA A CA  1 
ATOM   493  C  C   . ALA A 1 68  ? 5.563   2.903   7.694   1.00 10.69 ? 82  ALA A C   1 
ATOM   494  O  O   . ALA A 1 68  ? 6.715   3.261   7.981   1.00 11.51 ? 82  ALA A O   1 
ATOM   495  C  CB  . ALA A 1 68  ? 3.963   4.339   6.470   1.00 9.61  ? 82  ALA A CB  1 
ATOM   496  N  N   . ASN A 1 69  ? 5.362   1.683   7.183   1.00 10.01 ? 83  ASN A N   1 
ATOM   497  C  CA  . ASN A 1 69  ? 6.457   0.708   6.920   1.00 10.24 ? 83  ASN A CA  1 
ATOM   498  C  C   . ASN A 1 69  ? 5.937   -0.098  5.706   1.00 10.47 ? 83  ASN A C   1 
ATOM   499  O  O   . ASN A 1 69  ? 4.749   -0.221  5.418   1.00 11.57 ? 83  ASN A O   1 
ATOM   500  C  CB  . ASN A 1 69  ? 6.656   -0.219  8.154   1.00 11.64 ? 83  ASN A CB  1 
ATOM   501  C  CG  . ASN A 1 69  ? 7.932   -1.047  8.143   1.00 13.65 ? 83  ASN A CG  1 
ATOM   502  O  OD1 . ASN A 1 69  ? 8.724   -0.963  7.269   1.00 12.67 ? 83  ASN A OD1 1 
ATOM   503  N  ND2 . ASN A 1 69  ? 8.107   -1.887  9.181   1.00 13.47 ? 83  ASN A ND2 1 
ATOM   504  N  N   . LEU A 1 70  ? 6.884   -0.603  4.947   1.00 10.66 ? 84  LEU A N   1 
ATOM   505  C  CA  . LEU A 1 70  ? 6.629   -1.556  3.864   1.00 9.47  ? 84  LEU A CA  1 
ATOM   506  C  C   . LEU A 1 70  ? 7.599   -2.693  4.134   1.00 11.36 ? 84  LEU A C   1 
ATOM   507  O  O   . LEU A 1 70  ? 8.819   -2.481  4.139   1.00 11.46 ? 84  LEU A O   1 
ATOM   508  C  CB  . LEU A 1 70  ? 6.740   -0.950  2.494   1.00 10.20 ? 84  LEU A CB  1 
ATOM   509  C  CG  . LEU A 1 70  ? 6.337   -1.833  1.317   1.00 11.07 ? 84  LEU A CG  1 
ATOM   510  C  CD1 . LEU A 1 70  ? 6.141   -0.992  0.101   1.00 13.06 ? 84  LEU A CD1 1 
ATOM   511  C  CD2 . LEU A 1 70  ? 7.390   -2.903  0.970   1.00 12.67 ? 84  LEU A CD2 1 
ATOM   512  N  N   . ILE A 1 71  ? 7.120   -3.911  4.374   1.00 10.10 ? 85  ILE A N   1 
ATOM   513  C  CA  . ILE A 1 71  ? 7.969   -5.036  4.686   1.00 10.65 ? 85  ILE A CA  1 
ATOM   514  C  C   . ILE A 1 71  ? 7.777   -6.125  3.633   1.00 10.59 ? 85  ILE A C   1 
ATOM   515  O  O   . ILE A 1 71  ? 6.623   -6.583  3.432   1.00 10.42 ? 85  ILE A O   1 
ATOM   516  C  CB  . ILE A 1 71  ? 7.609   -5.685  6.029   1.00 11.74 ? 85  ILE A CB  1 
ATOM   517  C  CG1 . ILE A 1 71  ? 7.511   -4.651  7.153   1.00 13.79 ? 85  ILE A CG1 1 
ATOM   518  C  CG2 . ILE A 1 71  ? 8.629   -6.773  6.361   1.00 12.52 ? 85  ILE A CG2 1 
ATOM   519  C  CD1 . ILE A 1 71  ? 6.946   -5.146  8.484   1.00 17.35 ? 85  ILE A CD1 1 
ATOM   520  N  N   . ASN A 1 72  ? 8.828   -6.472  2.952   1.00 8.81  ? 86  ASN A N   1 
ATOM   521  C  CA  . ASN A 1 72  ? 8.844   -7.572  2.015   1.00 9.37  ? 86  ASN A CA  1 
ATOM   522  C  C   . ASN A 1 72  ? 9.023   -8.842  2.764   1.00 10.14 ? 86  ASN A C   1 
ATOM   523  O  O   . ASN A 1 72  ? 9.913   -8.996  3.585   1.00 10.36 ? 86  ASN A O   1 
ATOM   524  C  CB  . ASN A 1 72  ? 9.855   -7.428  0.893   1.00 9.94  ? 86  ASN A CB  1 
ATOM   525  C  CG  . ASN A 1 72  ? 9.710   -8.504  -0.202  1.00 11.87 ? 86  ASN A CG  1 
ATOM   526  O  OD1 . ASN A 1 72  ? 8.617   -8.836  -0.577  1.00 12.03 ? 86  ASN A OD1 1 
ATOM   527  N  ND2 . ASN A 1 72  ? 10.843  -9.003  -0.689  1.00 12.30 ? 86  ASN A ND2 1 
ATOM   528  N  N   . PHE A 1 73  ? 8.214   -9.854  2.414   1.00 10.10 ? 87  PHE A N   1 
ATOM   529  C  CA  . PHE A 1 73  ? 8.311   -11.212 2.953   1.00 10.78 ? 87  PHE A CA  1 
ATOM   530  C  C   . PHE A 1 73  ? 8.559   -12.197 1.800   1.00 11.04 ? 87  PHE A C   1 
ATOM   531  O  O   . PHE A 1 73  ? 7.600   -12.878 1.350   1.00 10.95 ? 87  PHE A O   1 
ATOM   532  C  CB  . PHE A 1 73  ? 7.054   -11.581 3.756   1.00 11.65 ? 87  PHE A CB  1 
ATOM   533  C  CG  . PHE A 1 73  ? 6.858   -10.830 5.015   1.00 12.28 ? 87  PHE A CG  1 
ATOM   534  C  CD1 . PHE A 1 73  ? 7.704   -11.049 6.085   1.00 16.62 ? 87  PHE A CD1 1 
ATOM   535  C  CD2 . PHE A 1 73  ? 5.778   -9.968  5.150   1.00 15.21 ? 87  PHE A CD2 1 
ATOM   536  C  CE1 . PHE A 1 73  ? 7.528   -10.392 7.282   1.00 18.49 ? 87  PHE A CE1 1 
ATOM   537  C  CE2 . PHE A 1 73  ? 5.629   -9.323  6.375   1.00 15.74 ? 87  PHE A CE2 1 
ATOM   538  C  CZ  . PHE A 1 73  ? 6.532   -9.515  7.398   1.00 17.49 ? 87  PHE A CZ  1 
ATOM   539  N  N   . PRO A 1 74  ? 9.768   -12.294 1.290   1.00 10.83 ? 88  PRO A N   1 
ATOM   540  C  CA  . PRO A 1 74  ? 10.021  -13.205 0.202   1.00 11.36 ? 88  PRO A CA  1 
ATOM   541  C  C   . PRO A 1 74  ? 9.702   -14.630 0.558   1.00 11.22 ? 88  PRO A C   1 
ATOM   542  O  O   . PRO A 1 74  ? 9.320   -15.402 -0.349  1.00 12.83 ? 88  PRO A O   1 
ATOM   543  C  CB  . PRO A 1 74  ? 11.463  -12.975 -0.128  1.00 12.68 ? 88  PRO A CB  1 
ATOM   544  C  CG  . PRO A 1 74  ? 11.998  -12.318 1.075   1.00 13.37 ? 88  PRO A CG  1 
ATOM   545  C  CD  . PRO A 1 74  ? 10.969  -11.560 1.713   1.00 12.13 ? 88  PRO A CD  1 
ATOM   546  N  N   . GLU A 1 75  ? 9.739   -14.970 1.827   1.00 11.75 ? 89  GLU A N   1 
ATOM   547  C  CA  . GLU A 1 75  ? 9.501   -16.350 2.296   1.00 12.67 ? 89  GLU A CA  1 
ATOM   548  C  C   . GLU A 1 75  ? 8.097   -16.818 2.020   1.00 12.20 ? 89  GLU A C   1 
ATOM   549  O  O   . GLU A 1 75  ? 7.873   -18.010 1.942   1.00 14.77 ? 89  GLU A O   1 
ATOM   550  C  CB  . GLU A 1 75  ? 9.808   -16.479 3.760   1.00 16.92 ? 89  GLU A CB  1 
ATOM   551  C  CG  . GLU A 1 75  ? 9.037   -15.577 4.662   1.00 21.13 ? 89  GLU A CG  1 
ATOM   552  C  CD  . GLU A 1 75  ? 9.828   -14.339 5.088   1.00 27.62 ? 89  GLU A CD  1 
ATOM   553  O  OE1 . GLU A 1 75  ? 10.368  -13.578 4.235   1.00 18.92 ? 89  GLU A OE1 1 
ATOM   554  O  OE2 . GLU A 1 75  ? 9.906   -14.156 6.349   1.00 30.04 ? 89  GLU A OE2 1 
ATOM   555  N  N   . ASN A 1 76  ? 7.132   -15.916 1.756   1.00 10.31 ? 90  ASN A N   1 
ATOM   556  C  CA  . ASN A 1 76  ? 5.816   -16.314 1.351   1.00 9.56  ? 90  ASN A CA  1 
ATOM   557  C  C   . ASN A 1 76  ? 5.247   -15.526 0.181   1.00 10.00 ? 90  ASN A C   1 
ATOM   558  O  O   . ASN A 1 76  ? 4.058   -15.537 -0.081  1.00 9.67  ? 90  ASN A O   1 
ATOM   559  C  CB  . ASN A 1 76  ? 4.823   -16.379 2.497   1.00 10.42 ? 90  ASN A CB  1 
ATOM   560  C  CG  . ASN A 1 76  ? 4.728   -15.087 3.241   1.00 10.90 ? 90  ASN A CG  1 
ATOM   561  O  OD1 . ASN A 1 76  ? 4.939   -14.039 2.715   1.00 10.85 ? 90  ASN A OD1 1 
ATOM   562  N  ND2 . ASN A 1 76  ? 4.293   -15.187 4.518   1.00 13.59 ? 90  ASN A ND2 1 
ATOM   563  N  N   . ASN A 1 77  ? 6.158   -14.849 -0.531  1.00 9.79  ? 91  ASN A N   1 
ATOM   564  C  CA  . ASN A 1 77  ? 5.792   -14.110 -1.735  1.00 9.29  ? 91  ASN A CA  1 
ATOM   565  C  C   . ASN A 1 77  ? 4.733   -13.031 -1.486  1.00 8.83  ? 91  ASN A C   1 
ATOM   566  O  O   . ASN A 1 77  ? 3.774   -12.890 -2.253  1.00 9.27  ? 91  ASN A O   1 
ATOM   567  C  CB  . ASN A 1 77  ? 5.405   -15.053 -2.874  1.00 9.45  ? 91  ASN A CB  1 
ATOM   568  C  CG  . ASN A 1 77  ? 6.485   -16.040 -3.125  1.00 12.00 ? 91  ASN A CG  1 
ATOM   569  O  OD1 . ASN A 1 77  ? 7.640   -15.637 -3.341  1.00 11.27 ? 91  ASN A OD1 1 
ATOM   570  N  ND2 . ASN A 1 77  ? 6.152   -17.306 -3.207  1.00 12.49 ? 91  ASN A ND2 1 
ATOM   571  N  N   . THR A 1 78  ? 4.878   -12.290 -0.397  1.00 9.27  ? 92  THR A N   1 
ATOM   572  C  CA  . THR A 1 78  ? 4.033   -11.179 -0.100  1.00 8.79  ? 92  THR A CA  1 
ATOM   573  C  C   . THR A 1 78  ? 4.850   -9.981  0.344   1.00 9.15  ? 92  THR A C   1 
ATOM   574  O  O   . THR A 1 78  ? 6.009   -10.114 0.701   1.00 9.10  ? 92  THR A O   1 
ATOM   575  C  CB  . THR A 1 78  ? 3.030   -11.467 1.055   1.00 9.50  ? 92  THR A CB  1 
ATOM   576  O  OG1 . THR A 1 78  ? 3.683   -11.627 2.314   1.00 10.43 ? 92  THR A OG1 1 
ATOM   577  C  CG2 . THR A 1 78  ? 2.225   -12.708 0.735   1.00 9.51  ? 92  THR A CG2 1 
ATOM   578  N  N   . PHE A 1 79  ? 4.202   -8.834  0.358   1.00 9.21  ? 93  PHE A N   1 
ATOM   579  C  CA  . PHE A 1 79  ? 4.708   -7.685  1.143   1.00 9.32  ? 93  PHE A CA  1 
ATOM   580  C  C   . PHE A 1 79  ? 3.559   -6.994  1.840   1.00 9.42  ? 93  PHE A C   1 
ATOM   581  O  O   . PHE A 1 79  ? 2.395   -7.190  1.473   1.00 8.96  ? 93  PHE A O   1 
ATOM   582  C  CB  . PHE A 1 79  ? 5.504   -6.655  0.265   1.00 9.31  ? 93  PHE A CB  1 
ATOM   583  C  CG  . PHE A 1 79  ? 4.754   -5.940  -0.840  1.00 10.73 ? 93  PHE A CG  1 
ATOM   584  C  CD1 . PHE A 1 79  ? 4.492   -6.592  -2.036  1.00 12.48 ? 93  PHE A CD1 1 
ATOM   585  C  CD2 . PHE A 1 79  ? 4.398   -4.565  -0.707  1.00 11.93 ? 93  PHE A CD2 1 
ATOM   586  C  CE1 . PHE A 1 79  ? 3.805   -5.925  -3.054  1.00 14.99 ? 93  PHE A CE1 1 
ATOM   587  C  CE2 . PHE A 1 79  ? 3.770   -3.947  -1.756  1.00 11.37 ? 93  PHE A CE2 1 
ATOM   588  C  CZ  . PHE A 1 79  ? 3.526   -4.593  -2.892  1.00 12.85 ? 93  PHE A CZ  1 
ATOM   589  N  N   . VAL A 1 80  ? 3.887   -6.284  2.907   1.00 9.69  ? 94  VAL A N   1 
ATOM   590  C  CA  . VAL A 1 80  ? 2.890   -5.648  3.773   1.00 11.08 ? 94  VAL A CA  1 
ATOM   591  C  C   . VAL A 1 80  ? 3.163   -4.143  3.848   1.00 10.37 ? 94  VAL A C   1 
ATOM   592  O  O   . VAL A 1 80  ? 4.336   -3.752  3.977   1.00 10.58 ? 94  VAL A O   1 
ATOM   593  C  CB  . VAL A 1 80  ? 2.839   -6.292  5.127   1.00 13.61 ? 94  VAL A CB  1 
ATOM   594  C  CG1 . VAL A 1 80  ? 1.793   -5.688  5.996   1.00 16.57 ? 94  VAL A CG1 1 
ATOM   595  C  CG2 . VAL A 1 80  ? 2.627   -7.762  5.014   1.00 16.52 ? 94  VAL A CG2 1 
ATOM   596  N  N   . ILE A 1 81  ? 2.088   -3.369  3.742   1.00 9.15  ? 95  ILE A N   1 
ATOM   597  C  CA  . ILE A 1 81  ? 2.160   -1.951  3.972   1.00 10.17 ? 95  ILE A CA  1 
ATOM   598  C  C   . ILE A 1 81  ? 1.404   -1.644  5.230   1.00 9.75  ? 95  ILE A C   1 
ATOM   599  O  O   . ILE A 1 81  ? 0.208   -1.888  5.341   1.00 10.14 ? 95  ILE A O   1 
ATOM   600  C  CB  . ILE A 1 81  ? 1.528   -1.191  2.774   1.00 11.00 ? 95  ILE A CB  1 
ATOM   601  C  CG1 . ILE A 1 81  ? 2.155   -1.578  1.447   1.00 12.98 ? 95  ILE A CG1 1 
ATOM   602  C  CG2 . ILE A 1 81  ? 1.661   0.290   2.989   1.00 12.92 ? 95  ILE A CG2 1 
ATOM   603  C  CD1 . ILE A 1 81  ? 1.251   -2.310  0.523   1.00 17.64 ? 95  ILE A CD1 1 
ATOM   604  N  N   . ASN A 1 82  ? 2.125   -1.130  6.207   1.00 8.67  ? 96  ASN A N   1 
ATOM   605  C  CA  . ASN A 1 82  ? 1.516   -0.698  7.500   1.00 9.61  ? 96  ASN A CA  1 
ATOM   606  C  C   . ASN A 1 82  ? 1.399   0.796   7.516   1.00 9.94  ? 96  ASN A C   1 
ATOM   607  O  O   . ASN A 1 82  ? 2.378   1.491   7.207   1.00 10.79 ? 96  ASN A O   1 
ATOM   608  C  CB  . ASN A 1 82  ? 2.400   -1.184  8.640   1.00 9.60  ? 96  ASN A CB  1 
ATOM   609  C  CG  . ASN A 1 82  ? 2.405   -2.702  8.823   1.00 12.33 ? 96  ASN A CG  1 
ATOM   610  O  OD1 . ASN A 1 82  ? 1.434   -3.334  8.574   1.00 13.99 ? 96  ASN A OD1 1 
ATOM   611  N  ND2 . ASN A 1 82  ? 3.498   -3.216  9.269   1.00 15.51 ? 96  ASN A ND2 1 
ATOM   612  N  N   . ILE A 1 83  ? 0.228   1.298   7.820   1.00 10.05 ? 97  ILE A N   1 
ATOM   613  C  CA  . ILE A 1 83  ? -0.080  2.725   7.858   1.00 10.51 ? 97  ILE A CA  1 
ATOM   614  C  C   . ILE A 1 83  ? -0.802  3.016   9.128   1.00 11.03 ? 97  ILE A C   1 
ATOM   615  O  O   . ILE A 1 83  ? -1.824  2.419   9.387   1.00 12.40 ? 97  ILE A O   1 
ATOM   616  C  CB  . ILE A 1 83  ? -0.915  3.228   6.643   1.00 11.22 ? 97  ILE A CB  1 
ATOM   617  C  CG1 . ILE A 1 83  ? -0.407  2.604   5.292   1.00 12.50 ? 97  ILE A CG1 1 
ATOM   618  C  CG2 . ILE A 1 83  ? -0.854  4.740   6.601   1.00 13.09 ? 97  ILE A CG2 1 
ATOM   619  C  CD1 . ILE A 1 83  ? -1.402  2.836   4.215   1.00 14.71 ? 97  ILE A CD1 1 
ATOM   620  N  N   . GLU A 1 84  ? -0.268  3.929   9.901   1.00 9.91  ? 98  GLU A N   1 
ATOM   621  C  CA  . GLU A 1 84  ? -0.762  4.252   11.230  1.00 11.43 ? 98  GLU A CA  1 
ATOM   622  C  C   . GLU A 1 84  ? -1.280  5.674   11.299  1.00 10.96 ? 98  GLU A C   1 
ATOM   623  O  O   . GLU A 1 84  ? -1.070  6.484   10.433  1.00 10.17 ? 98  GLU A O   1 
ATOM   624  C  CB  . GLU A 1 84  ? 0.284   3.992   12.321  1.00 13.08 ? 98  GLU A CB  1 
ATOM   625  C  CG  . GLU A 1 84  ? 0.844   2.605   12.136  1.00 16.07 ? 98  GLU A CG  1 
ATOM   626  C  CD  . GLU A 1 84  ? 2.281   2.401   12.346  1.00 25.11 ? 98  GLU A CD  1 
ATOM   627  O  OE1 . GLU A 1 84  ? 2.960   3.406   12.771  1.00 25.32 ? 98  GLU A OE1 1 
ATOM   628  O  OE2 . GLU A 1 84  ? 2.680   1.165   12.116  1.00 27.00 ? 98  GLU A OE2 1 
ATOM   629  N  N   . GLN A 1 85  ? -1.962  5.984   12.397  1.00 11.42 ? 99  GLN A N   1 
ATOM   630  C  CA  . GLN A 1 85  ? -2.446  7.358   12.644  1.00 12.29 ? 99  GLN A CA  1 
ATOM   631  C  C   . GLN A 1 85  ? -3.279  7.865   11.494  1.00 11.30 ? 99  GLN A C   1 
ATOM   632  O  O   . GLN A 1 85  ? -3.120  8.955   11.019  1.00 12.74 ? 99  GLN A O   1 
ATOM   633  C  CB  . GLN A 1 85  ? -1.290  8.295   12.965  1.00 13.60 ? 99  GLN A CB  1 
ATOM   634  C  CG  . GLN A 1 85  ? -0.566  7.823   14.198  1.00 16.84 ? 99  GLN A CG  1 
ATOM   635  C  CD  . GLN A 1 85  ? 0.602   8.715   14.523  1.00 23.59 ? 99  GLN A CD  1 
ATOM   636  O  OE1 . GLN A 1 85  ? 0.407   9.922   14.732  1.00 29.33 ? 99  GLN A OE1 1 
ATOM   637  N  NE2 . GLN A 1 85  ? 1.843   8.156   14.473  1.00 25.12 ? 99  GLN A NE2 1 
ATOM   638  N  N   . LEU A 1 86  ? -4.194  7.005   11.022  1.00 11.03 ? 100 LEU A N   1 
ATOM   639  C  CA  . LEU A 1 86  ? -5.013  7.353   9.873   1.00 10.71 ? 100 LEU A CA  1 
ATOM   640  C  C   . LEU A 1 86  ? -5.891  8.512   10.166  1.00 12.18 ? 100 LEU A C   1 
ATOM   641  O  O   . LEU A 1 86  ? -6.372  8.684   11.305  1.00 13.05 ? 100 LEU A O   1 
ATOM   642  C  CB  . LEU A 1 86  ? -5.809  6.158   9.408   1.00 11.78 ? 100 LEU A CB  1 
ATOM   643  C  CG  . LEU A 1 86  ? -5.004  5.004   8.857   1.00 11.08 ? 100 LEU A CG  1 
ATOM   644  C  CD1 . LEU A 1 86  ? -5.833  3.807   8.673   1.00 13.74 ? 100 LEU A CD1 1 
ATOM   645  C  CD2 . LEU A 1 86  ? -4.373  5.330   7.480   1.00 11.65 ? 100 LEU A CD2 1 
ATOM   646  N  N   . THR A 1 87  ? -6.125  9.315   9.174   1.00 12.63 ? 101 THR A N   1 
ATOM   647  C  CA  . THR A 1 87  ? -7.199  10.316  9.254   1.00 11.83 ? 101 THR A CA  1 
ATOM   648  C  C   . THR A 1 87  ? -8.049  10.234  8.000   1.00 12.13 ? 101 THR A C   1 
ATOM   649  O  O   . THR A 1 87  ? -7.785  9.533   7.001   1.00 10.49 ? 101 THR A O   1 
ATOM   650  C  CB  . THR A 1 87  ? -6.686  11.751  9.412   1.00 13.33 ? 101 THR A CB  1 
ATOM   651  O  OG1 . THR A 1 87  ? -6.262  12.245  8.139   1.00 13.86 ? 101 THR A OG1 1 
ATOM   652  C  CG2 . THR A 1 87  ? -5.614  11.816  10.445  1.00 15.63 ? 101 THR A CG2 1 
ATOM   653  N  N   . GLN A 1 88  ? -9.195  10.970  7.994   1.00 11.19 ? 102 GLN A N   1 
ATOM   654  C  CA  . GLN A 1 88  ? -10.005 11.047  6.828   1.00 11.24 ? 102 GLN A CA  1 
ATOM   655  C  C   . GLN A 1 88  ? -9.254  11.461  5.573   1.00 10.36 ? 102 GLN A C   1 
ATOM   656  O  O   . GLN A 1 88  ? -9.613  11.068  4.468   1.00 11.60 ? 102 GLN A O   1 
ATOM   657  C  CB  . GLN A 1 88  ? -11.225 11.912  7.026   1.00 10.97 ? 102 GLN A CB  1 
ATOM   658  C  CG  . GLN A 1 88  ? -12.174 11.508  8.106   1.00 11.67 ? 102 GLN A CG  1 
ATOM   659  C  CD  . GLN A 1 88  ? -13.250 12.524  8.239   1.00 12.43 ? 102 GLN A CD  1 
ATOM   660  O  OE1 . GLN A 1 88  ? -13.003 13.582  8.972   1.00 18.22 ? 102 GLN A OE1 1 
ATOM   661  N  NE2 . GLN A 1 88  ? -14.354 12.267  7.729   1.00 10.88 ? 102 GLN A NE2 1 
ATOM   662  N  N   . ASP A 1 89  ? -8.194  12.240  5.727   1.00 10.70 ? 103 ASP A N   1 
ATOM   663  C  CA  . ASP A 1 89  ? -7.390  12.698  4.589   1.00 11.53 ? 103 ASP A CA  1 
ATOM   664  C  C   . ASP A 1 89  ? -6.601  11.542  3.887   1.00 10.63 ? 103 ASP A C   1 
ATOM   665  O  O   . ASP A 1 89  ? -6.173  11.684  2.744   1.00 13.39 ? 103 ASP A O   1 
ATOM   666  C  CB  . ASP A 1 89  ? -6.470  13.859  4.984   1.00 12.44 ? 103 ASP A CB  1 
ATOM   667  C  CG  . ASP A 1 89  ? -7.234  15.086  5.399   1.00 13.73 ? 103 ASP A CG  1 
ATOM   668  O  OD1 . ASP A 1 89  ? -8.405  15.214  5.081   1.00 15.23 ? 103 ASP A OD1 1 
ATOM   669  O  OD2 . ASP A 1 89  ? -6.567  15.913  6.045   1.00 19.30 ? 103 ASP A OD2 1 
ATOM   670  N  N   . ASP A 1 90  ? -6.494  10.416  4.539   1.00 10.61 ? 104 ASP A N   1 
ATOM   671  C  CA  . ASP A 1 90  ? -5.917  9.170   3.939   1.00 10.90 ? 104 ASP A CA  1 
ATOM   672  C  C   . ASP A 1 90  ? -6.898  8.457   3.007   1.00 11.55 ? 104 ASP A C   1 
ATOM   673  O  O   . ASP A 1 90  ? -6.478  7.601   2.216   1.00 11.65 ? 104 ASP A O   1 
ATOM   674  C  CB  . ASP A 1 90  ? -5.441  8.237   4.986   1.00 10.91 ? 104 ASP A CB  1 
ATOM   675  C  CG  . ASP A 1 90  ? -4.220  8.760   5.732   1.00 12.07 ? 104 ASP A CG  1 
ATOM   676  O  OD1 . ASP A 1 90  ? -3.178  9.010   5.023   1.00 13.50 ? 104 ASP A OD1 1 
ATOM   677  O  OD2 . ASP A 1 90  ? -4.254  8.970   6.963   1.00 12.48 ? 104 ASP A OD2 1 
ATOM   678  N  N   . THR A 1 91  ? -8.176  8.798   3.024   1.00 10.45 ? 105 THR A N   1 
ATOM   679  C  CA  . THR A 1 91  ? -9.152  8.204   2.078   1.00 10.58 ? 105 THR A CA  1 
ATOM   680  C  C   . THR A 1 91  ? -8.661  8.447   0.680   1.00 10.37 ? 105 THR A C   1 
ATOM   681  O  O   . THR A 1 91  ? -8.308  9.550   0.367   1.00 14.56 ? 105 THR A O   1 
ATOM   682  C  CB  . THR A 1 91  ? -10.548 8.831   2.302   1.00 10.80 ? 105 THR A CB  1 
ATOM   683  O  OG1 . THR A 1 91  ? -10.979 8.510   3.652   1.00 11.94 ? 105 THR A OG1 1 
ATOM   684  C  CG2 . THR A 1 91  ? -11.503 8.383   1.315   1.00 11.36 ? 105 THR A CG2 1 
ATOM   685  N  N   . GLY A 1 92  ? -8.719  7.428   -0.120  1.00 10.31 ? 106 GLY A N   1 
ATOM   686  C  CA  . GLY A 1 92  ? -8.292  7.605   -1.515  1.00 12.04 ? 106 GLY A CA  1 
ATOM   687  C  C   . GLY A 1 92  ? -8.200  6.250   -2.202  1.00 10.97 ? 106 GLY A C   1 
ATOM   688  O  O   . GLY A 1 92  ? -8.528  5.186   -1.696  1.00 10.40 ? 106 GLY A O   1 
ATOM   689  N  N   . SER A 1 93  ? -7.692  6.370   -3.414  1.00 9.90  ? 107 SER A N   1 
ATOM   690  C  CA  . SER A 1 93  ? -7.462  5.256   -4.375  1.00 10.80 ? 107 SER A CA  1 
ATOM   691  C  C   . SER A 1 93  ? -5.952  5.078   -4.481  1.00 10.81 ? 107 SER A C   1 
ATOM   692  O  O   . SER A 1 93  ? -5.230  6.019   -4.743  1.00 10.85 ? 107 SER A O   1 
ATOM   693  C  CB  . SER A 1 93  ? -8.023  5.603   -5.753  1.00 12.68 ? 107 SER A CB  1 
ATOM   694  O  OG  . SER A 1 93  ? -9.430  5.740   -5.668  1.00 16.82 ? 107 SER A OG  1 
ATOM   695  N  N   . TYR A 1 94  ? -5.517  3.868   -4.163  1.00 9.37  ? 108 TYR A N   1 
ATOM   696  C  CA  . TYR A 1 94  ? -4.098  3.482   -4.085  1.00 9.19  ? 108 TYR A CA  1 
ATOM   697  C  C   . TYR A 1 94  ? -3.792  2.276   -4.935  1.00 8.77  ? 108 TYR A C   1 
ATOM   698  O  O   . TYR A 1 94  ? -4.682  1.535   -5.370  1.00 10.09 ? 108 TYR A O   1 
ATOM   699  C  CB  . TYR A 1 94  ? -3.738  3.203   -2.603  1.00 8.71  ? 108 TYR A CB  1 
ATOM   700  C  CG  . TYR A 1 94  ? -3.891  4.379   -1.685  1.00 8.50  ? 108 TYR A CG  1 
ATOM   701  C  CD1 . TYR A 1 94  ? -5.107  4.706   -1.144  1.00 8.59  ? 108 TYR A CD1 1 
ATOM   702  C  CD2 . TYR A 1 94  ? -2.809  5.122   -1.327  1.00 8.44  ? 108 TYR A CD2 1 
ATOM   703  C  CE1 . TYR A 1 94  ? -5.249  5.825   -0.311  1.00 8.89  ? 108 TYR A CE1 1 
ATOM   704  C  CE2 . TYR A 1 94  ? -2.922  6.206   -0.444  1.00 8.74  ? 108 TYR A CE2 1 
ATOM   705  C  CZ  . TYR A 1 94  ? -4.144  6.538   0.076   1.00 8.46  ? 108 TYR A CZ  1 
ATOM   706  O  OH  . TYR A 1 94  ? -4.235  7.587   0.985   1.00 10.16 ? 108 TYR A OH  1 
ATOM   707  N  N   . LYS A 1 95  ? -2.478  2.021   -5.094  1.00 8.82  ? 109 LYS A N   1 
ATOM   708  C  CA  . LYS A 1 95  ? -2.021  0.777   -5.675  1.00 9.54  ? 109 LYS A CA  1 
ATOM   709  C  C   . LYS A 1 95  ? -0.868  0.184   -4.854  1.00 9.68  ? 109 LYS A C   1 
ATOM   710  O  O   . LYS A 1 95  ? -0.050  0.967   -4.370  1.00 9.56  ? 109 LYS A O   1 
ATOM   711  C  CB  . LYS A 1 95  ? -1.564  0.939   -7.148  1.00 11.57 ? 109 LYS A CB  1 
ATOM   712  C  CG  . LYS A 1 95  ? -2.613  1.394   -8.099  1.00 14.06 ? 109 LYS A CG  1 
ATOM   713  C  CD  . LYS A 1 95  ? -1.999  1.513   -9.478  1.00 18.07 ? 109 LYS A CD  1 
ATOM   714  C  CE  . LYS A 1 95  ? -2.928  2.248   -10.418 1.00 26.99 ? 109 LYS A CE  1 
ATOM   715  N  NZ  . LYS A 1 95  ? -4.185  1.506   -10.718 1.00 35.08 ? 109 LYS A NZ  1 
ATOM   716  N  N   . CYS A 1 96  ? -0.873  -1.111  -4.695  1.00 10.31 ? 110 CYS A N   1 
ATOM   717  C  CA  . CYS A 1 96  ? 0.361   -1.800  -4.302  1.00 9.88  ? 110 CYS A CA  1 
ATOM   718  C  C   . CYS A 1 96  ? 0.928   -2.452  -5.549  1.00 10.86 ? 110 CYS A C   1 
ATOM   719  O  O   . CYS A 1 96  ? 0.149   -2.931  -6.383  1.00 11.16 ? 110 CYS A O   1 
ATOM   720  C  CB  . CYS A 1 96  ? 0.141   -2.797  -3.189  1.00 11.00 ? 110 CYS A CB  1 
ATOM   721  S  SG  . CYS A 1 96  ? -0.946  -4.157  -3.670  1.00 11.13 ? 110 CYS A SG  1 
ATOM   722  N  N   . GLY A 1 97  ? 2.229   -2.478  -5.737  1.00 9.41  ? 111 GLY A N   1 
ATOM   723  C  CA  . GLY A 1 97  ? 2.792   -3.035  -6.891  1.00 10.13 ? 111 GLY A CA  1 
ATOM   724  C  C   . GLY A 1 97  ? 4.236   -3.387  -6.825  1.00 10.35 ? 111 GLY A C   1 
ATOM   725  O  O   . GLY A 1 97  ? 4.955   -3.129  -5.845  1.00 9.38  ? 111 GLY A O   1 
ATOM   726  N  N   . LEU A 1 98  ? 4.691   -3.944  -7.974  1.00 11.01 ? 112 LEU A N   1 
ATOM   727  C  CA  . LEU A 1 98  ? 6.070   -4.366  -8.196  1.00 11.84 ? 112 LEU A CA  1 
ATOM   728  C  C   . LEU A 1 98  ? 6.628   -3.603  -9.405  1.00 11.79 ? 112 LEU A C   1 
ATOM   729  O  O   . LEU A 1 98  ? 5.964   -3.476  -10.430 1.00 13.29 ? 112 LEU A O   1 
ATOM   730  C  CB  . LEU A 1 98  ? 6.164   -5.859  -8.490  1.00 12.89 ? 112 LEU A CB  1 
ATOM   731  C  CG  . LEU A 1 98  ? 6.301   -6.790  -7.270  1.00 13.86 ? 112 LEU A CG  1 
ATOM   732  C  CD1 . LEU A 1 98  ? 5.179   -6.627  -6.326  1.00 15.65 ? 112 LEU A CD1 1 
ATOM   733  C  CD2 . LEU A 1 98  ? 6.429   -8.234  -7.778  1.00 16.08 ? 112 LEU A CD2 1 
ATOM   734  N  N   . GLY A 1 99  ? 7.906   -3.206  -9.268  1.00 13.04 ? 113 GLY A N   1 
ATOM   735  C  CA  . GLY A 1 99  ? 8.605   -2.523  -10.368 1.00 16.55 ? 113 GLY A CA  1 
ATOM   736  C  C   . GLY A 1 99  ? 8.492   -1.035  -10.142 1.00 18.85 ? 113 GLY A C   1 
ATOM   737  O  O   . GLY A 1 99  ? 8.785   -0.552  -9.142  1.00 19.02 ? 113 GLY A O   1 
ATOM   738  N  N   . THR A 1 100 ? 8.028   -0.362  -11.204 1.00 36.66 ? 114 THR A N   1 
ATOM   739  C  CA  . THR A 1 100 ? 7.882   1.107   -11.281 1.00 47.35 ? 114 THR A CA  1 
ATOM   740  C  C   . THR A 1 100 ? 6.500   1.631   -10.888 1.00 46.29 ? 114 THR A C   1 
ATOM   741  O  O   . THR A 1 100 ? 5.533   1.271   -11.530 1.00 46.88 ? 114 THR A O   1 
ATOM   742  C  CB  . THR A 1 100 ? 8.124   1.560   -12.720 1.00 51.31 ? 114 THR A CB  1 
ATOM   743  O  OG1 . THR A 1 100 ? 9.417   1.087   -13.164 1.00 52.43 ? 114 THR A OG1 1 
ATOM   744  C  CG2 . THR A 1 100 ? 8.005   3.097   -12.805 1.00 55.56 ? 114 THR A CG2 1 
ATOM   745  N  N   . GLY A 1 104 ? 3.158   -1.328  -14.865 1.00 53.04 ? 118 GLY A N   1 
ATOM   746  C  CA  . GLY A 1 104 ? 3.795   -2.578  -14.327 1.00 55.54 ? 118 GLY A CA  1 
ATOM   747  C  C   . GLY A 1 104 ? 2.862   -3.398  -13.430 1.00 47.85 ? 118 GLY A C   1 
ATOM   748  O  O   . GLY A 1 104 ? 1.620   -3.139  -13.472 1.00 54.74 ? 118 GLY A O   1 
ATOM   749  N  N   . LEU A 1 105 ? 3.380   -4.332  -12.583 1.00 34.13 ? 119 LEU A N   1 
ATOM   750  C  CA  . LEU A 1 105 ? 2.429   -5.170  -11.941 1.00 23.79 ? 119 LEU A CA  1 
ATOM   751  C  C   . LEU A 1 105 ? 1.824   -4.485  -10.700 1.00 17.84 ? 119 LEU A C   1 
ATOM   752  O  O   . LEU A 1 105 ? 2.541   -4.149  -9.832  1.00 15.63 ? 119 LEU A O   1 
ATOM   753  C  CB  . LEU A 1 105 ? 3.036   -6.485  -11.517 1.00 25.89 ? 119 LEU A CB  1 
ATOM   754  C  CG  . LEU A 1 105 ? 3.926   -7.212  -12.513 1.00 34.76 ? 119 LEU A CG  1 
ATOM   755  C  CD1 . LEU A 1 105 ? 4.358   -8.557  -11.914 1.00 37.23 ? 119 LEU A CD1 1 
ATOM   756  C  CD2 . LEU A 1 105 ? 3.151   -7.382  -13.797 1.00 34.54 ? 119 LEU A CD2 1 
ATOM   757  N  N   . SER A 1 106 ? 0.499   -4.282  -10.714 1.00 13.42 ? 120 SER A N   1 
ATOM   758  C  CA  . SER A 1 106 ? -0.142  -3.627  -9.570  1.00 13.29 ? 120 SER A CA  1 
ATOM   759  C  C   . SER A 1 106 ? -1.554  -4.049  -9.322  1.00 13.15 ? 120 SER A C   1 
ATOM   760  O  O   . SER A 1 106 ? -2.159  -4.769  -10.144 1.00 13.67 ? 120 SER A O   1 
ATOM   761  C  CB  . SER A 1 106 ? -0.103  -2.156  -9.756  1.00 15.65 ? 120 SER A CB  1 
ATOM   762  O  OG  . SER A 1 106 ? -0.931  -1.768  -10.841 1.00 17.17 ? 120 SER A OG  1 
ATOM   763  N  N   . PHE A 1 107 ? -2.039  -3.729  -8.104  1.00 10.86 ? 121 PHE A N   1 
ATOM   764  C  CA  . PHE A 1 107 ? -3.348  -4.038  -7.621  1.00 10.94 ? 121 PHE A CA  1 
ATOM   765  C  C   . PHE A 1 107 ? -3.955  -2.811  -6.985  1.00 10.21 ? 121 PHE A C   1 
ATOM   766  O  O   . PHE A 1 107 ? -3.263  -2.139  -6.203  1.00 11.06 ? 121 PHE A O   1 
ATOM   767  C  CB  . PHE A 1 107 ? -3.319  -5.218  -6.669  1.00 11.68 ? 121 PHE A CB  1 
ATOM   768  C  CG  . PHE A 1 107 ? -4.653  -5.577  -6.121  1.00 9.94  ? 121 PHE A CG  1 
ATOM   769  C  CD1 . PHE A 1 107 ? -5.493  -6.515  -6.764  1.00 10.80 ? 121 PHE A CD1 1 
ATOM   770  C  CD2 . PHE A 1 107 ? -5.107  -5.039  -4.919  1.00 9.99  ? 121 PHE A CD2 1 
ATOM   771  C  CE1 . PHE A 1 107 ? -6.700  -6.820  -6.222  1.00 10.72 ? 121 PHE A CE1 1 
ATOM   772  C  CE2 . PHE A 1 107 ? -6.335  -5.328  -4.449  1.00 11.07 ? 121 PHE A CE2 1 
ATOM   773  C  CZ  . PHE A 1 107 ? -7.134  -6.259  -5.065  1.00 10.83 ? 121 PHE A CZ  1 
ATOM   774  N  N   . ASP A 1 108 ? -5.212  -2.498  -7.310  1.00 11.30 ? 122 ASP A N   1 
ATOM   775  C  CA  . ASP A 1 108 ? -5.911  -1.265  -6.830  1.00 9.99  ? 122 ASP A CA  1 
ATOM   776  C  C   . ASP A 1 108 ? -6.564  -1.567  -5.473  1.00 9.69  ? 122 ASP A C   1 
ATOM   777  O  O   . ASP A 1 108 ? -7.350  -2.504  -5.337  1.00 11.02 ? 122 ASP A O   1 
ATOM   778  C  CB  . ASP A 1 108 ? -6.978  -0.856  -7.810  1.00 11.98 ? 122 ASP A CB  1 
ATOM   779  C  CG  . ASP A 1 108 ? -6.415  -0.403  -9.127  1.00 18.12 ? 122 ASP A CG  1 
ATOM   780  O  OD1 . ASP A 1 108 ? -5.210  -0.234  -9.376  1.00 20.75 ? 122 ASP A OD1 1 
ATOM   781  O  OD2 . ASP A 1 108 ? -7.311  -0.310  -10.024 1.00 26.40 ? 122 ASP A OD2 1 
ATOM   782  N  N   . VAL A 1 109 ? -6.286  -0.675  -4.532  1.00 9.48  ? 123 VAL A N   1 
ATOM   783  C  CA  . VAL A 1 109 ? -6.825  -0.713  -3.179  1.00 9.69  ? 123 VAL A CA  1 
ATOM   784  C  C   . VAL A 1 109 ? -7.586  0.587   -2.922  1.00 10.57 ? 123 VAL A C   1 
ATOM   785  O  O   . VAL A 1 109 ? -7.001  1.697   -3.061  1.00 12.06 ? 123 VAL A O   1 
ATOM   786  C  CB  . VAL A 1 109 ? -5.695  -0.893  -2.181  1.00 10.00 ? 123 VAL A CB  1 
ATOM   787  C  CG1 . VAL A 1 109 ? -6.257  -0.872  -0.762  1.00 11.05 ? 123 VAL A CG1 1 
ATOM   788  C  CG2 . VAL A 1 109 ? -4.903  -2.146  -2.424  1.00 10.70 ? 123 VAL A CG2 1 
ATOM   789  N  N   . SER A 1 110 ? -8.852  0.524   -2.507  1.00 10.65 ? 124 SER A N   1 
ATOM   790  C  CA  . SER A 1 110 ? -9.583  1.689   -2.121  1.00 11.01 ? 124 SER A CA  1 
ATOM   791  C  C   . SER A 1 110 ? -9.545  1.754   -0.588  1.00 12.22 ? 124 SER A C   1 
ATOM   792  O  O   . SER A 1 110 ? -9.901  0.812   0.126   1.00 14.75 ? 124 SER A O   1 
ATOM   793  C  CB  . SER A 1 110 ? -10.994 1.491   -2.568  1.00 15.04 ? 124 SER A CB  1 
ATOM   794  O  OG  . SER A 1 110 ? -11.879 2.458   -2.011  1.00 20.25 ? 124 SER A OG  1 
ATOM   795  N  N   . LEU A 1 111 ? -8.994  2.861   -0.065  1.00 10.61 ? 125 LEU A N   1 
ATOM   796  C  CA  . LEU A 1 111 ? -8.897  3.004   1.387   1.00 11.44 ? 125 LEU A CA  1 
ATOM   797  C  C   . LEU A 1 111 ? -9.947  4.049   1.801   1.00 11.23 ? 125 LEU A C   1 
ATOM   798  O  O   . LEU A 1 111 ? -9.923  5.181   1.299   1.00 11.53 ? 125 LEU A O   1 
ATOM   799  C  CB  . LEU A 1 111 ? -7.484  3.467   1.760   1.00 12.57 ? 125 LEU A CB  1 
ATOM   800  C  CG  . LEU A 1 111 ? -7.216  3.780   3.214   1.00 13.27 ? 125 LEU A CG  1 
ATOM   801  C  CD1 . LEU A 1 111 ? -7.498  2.606   4.120   1.00 13.07 ? 125 LEU A CD1 1 
ATOM   802  C  CD2 . LEU A 1 111 ? -5.784  4.325   3.373   1.00 13.22 ? 125 LEU A CD2 1 
ATOM   803  N  N   . GLU A 1 112 ? -10.814 3.679   2.730   1.00 11.84 ? 126 GLU A N   1 
ATOM   804  C  CA  . GLU A 1 112 ? -11.800 4.591   3.268   1.00 14.13 ? 126 GLU A CA  1 
ATOM   805  C  C   . GLU A 1 112 ? -11.516 4.765   4.744   1.00 13.65 ? 126 GLU A C   1 
ATOM   806  O  O   . GLU A 1 112 ? -11.562 3.784   5.495   1.00 17.15 ? 126 GLU A O   1 
ATOM   807  C  CB  . GLU A 1 112 ? -13.249 4.101   3.110   1.00 17.40 ? 126 GLU A CB  1 
ATOM   808  C  CG  . GLU A 1 112 ? -14.231 4.938   3.970   1.00 21.89 ? 126 GLU A CG  1 
ATOM   809  C  CD  . GLU A 1 112 ? -14.428 6.432   3.572   1.00 27.48 ? 126 GLU A CD  1 
ATOM   810  O  OE1 . GLU A 1 112 ? -14.155 6.806   2.399   1.00 30.30 ? 126 GLU A OE1 1 
ATOM   811  O  OE2 . GLU A 1 112 ? -14.915 7.227   4.463   1.00 26.19 ? 126 GLU A OE2 1 
ATOM   812  N  N   . VAL A 1 113 ? -11.269 5.967   5.169   1.00 12.26 ? 127 VAL A N   1 
ATOM   813  C  CA  . VAL A 1 113 ? -11.079 6.248   6.577   1.00 12.44 ? 127 VAL A CA  1 
ATOM   814  C  C   . VAL A 1 113 ? -12.243 7.180   7.017   1.00 11.78 ? 127 VAL A C   1 
ATOM   815  O  O   . VAL A 1 113 ? -12.304 8.320   6.620   1.00 13.75 ? 127 VAL A O   1 
ATOM   816  C  CB  . VAL A 1 113 ? -9.738  6.908   6.893   1.00 12.28 ? 127 VAL A CB  1 
ATOM   817  C  CG1 . VAL A 1 113 ? -9.567  7.185   8.364   1.00 12.39 ? 127 VAL A CG1 1 
ATOM   818  C  CG2 . VAL A 1 113 ? -8.587  6.075   6.392   1.00 12.77 ? 127 VAL A CG2 1 
ATOM   819  N  N   . SER A 1 114 ? -13.105 6.622   7.854   1.00 13.89 ? 128 SER A N   1 
ATOM   820  C  CA  . SER A 1 114 ? -14.268 7.386   8.278   1.00 14.21 ? 128 SER A CA  1 
ATOM   821  C  C   . SER A 1 114 ? -14.062 8.056   9.631   1.00 13.04 ? 128 SER A C   1 
ATOM   822  O  O   . SER A 1 114 ? -13.113 7.772   10.400  1.00 12.88 ? 128 SER A O   1 
ATOM   823  C  CB  . SER A 1 114 ? -15.408 6.477   8.390   1.00 16.50 ? 128 SER A CB  1 
ATOM   824  O  OG  . SER A 1 114 ? -15.643 5.831   7.128   1.00 20.55 ? 128 SER A OG  1 
ATOM   825  N  N   . GLN A 1 115 ? -14.913 9.044   9.902   1.00 12.13 ? 129 GLN A N   1 
ATOM   826  C  CA  . GLN A 1 115 ? -14.856 9.791   11.126  1.00 12.94 ? 129 GLN A CA  1 
ATOM   827  C  C   . GLN A 1 115 ? -15.134 8.799   12.270  1.00 14.42 ? 129 GLN A C   1 
ATOM   828  O  O   . GLN A 1 115 ? -15.805 7.792   12.147  1.00 15.65 ? 129 GLN A O   1 
ATOM   829  C  CB  . GLN A 1 115 ? -15.904 10.919  11.062  1.00 13.33 ? 129 GLN A CB  1 
ATOM   830  C  CG  . GLN A 1 115 ? -17.347 10.460  11.109  1.00 14.65 ? 129 GLN A CG  1 
ATOM   831  C  CD  . GLN A 1 115 ? -18.280 11.507  10.600  1.00 14.99 ? 129 GLN A CD  1 
ATOM   832  O  OE1 . GLN A 1 115 ? -19.012 12.179  11.373  1.00 19.21 ? 129 GLN A OE1 1 
ATOM   833  N  NE2 . GLN A 1 115 ? -18.297 11.618  9.332   1.00 13.88 ? 129 GLN A NE2 1 
ATOM   834  N  N   . VAL A 1 116 ? -14.564 9.179   13.410  1.00 16.79 ? 130 VAL A N   1 
ATOM   835  C  CA  . VAL A 1 116 ? -14.857 8.477   14.648  1.00 17.54 ? 130 VAL A CA  1 
ATOM   836  C  C   . VAL A 1 116 ? -16.337 8.812   14.968  1.00 18.96 ? 130 VAL A C   1 
ATOM   837  O  O   . VAL A 1 116 ? -16.737 9.989   14.927  1.00 20.08 ? 130 VAL A O   1 
ATOM   838  C  CB  . VAL A 1 116 ? -14.018 8.984   15.841  1.00 19.11 ? 130 VAL A CB  1 
ATOM   839  C  CG1 . VAL A 1 116 ? -14.333 8.112   17.027  1.00 22.11 ? 130 VAL A CG1 1 
ATOM   840  C  CG2 . VAL A 1 116 ? -12.547 8.853   15.614  1.00 19.03 ? 130 VAL A CG2 1 
ATOM   841  N  N   . PRO A 1 117 ? -17.107 7.765   15.207  1.00 20.39 ? 131 PRO A N   1 
ATOM   842  C  CA  . PRO A 1 117 ? -18.501 8.009   15.488  1.00 22.29 ? 131 PRO A CA  1 
ATOM   843  C  C   . PRO A 1 117 ? -18.693 8.846   16.776  1.00 25.37 ? 131 PRO A C   1 
ATOM   844  O  O   . PRO A 1 117 ? -17.875 8.765   17.718  1.00 26.76 ? 131 PRO A O   1 
ATOM   845  C  CB  . PRO A 1 117 ? -19.038 6.587   15.668  1.00 23.07 ? 131 PRO A CB  1 
ATOM   846  C  CG  . PRO A 1 117 ? -18.227 5.742   14.788  1.00 26.62 ? 131 PRO A CG  1 
ATOM   847  C  CD  . PRO A 1 117 ? -16.856 6.319   15.017  1.00 21.75 ? 131 PRO A CD  1 
ATOM   848  N  N   . GLU A 1 118 ? -19.753 9.658   16.787  1.00 24.97 ? 132 GLU A N   1 
ATOM   849  C  CA  . GLU A 1 118 ? -20.026 10.537  17.926  1.00 26.09 ? 132 GLU A CA  1 
ATOM   850  C  C   . GLU A 1 118 ? -20.439 9.538   19.038  1.00 28.95 ? 132 GLU A C   1 
ATOM   851  O  O   . GLU A 1 118 ? -20.985 8.460   18.779  1.00 31.15 ? 132 GLU A O   1 
ATOM   852  C  CB  . GLU A 1 118 ? -21.168 11.554  17.697  1.00 26.68 ? 132 GLU A CB  1 
ATOM   853  C  CG  . GLU A 1 118 ? -21.016 12.461  16.471  1.00 28.06 ? 132 GLU A CG  1 
ATOM   854  C  CD  . GLU A 1 118 ? -19.878 13.465  16.517  1.00 32.69 ? 132 GLU A CD  1 
ATOM   855  O  OE1 . GLU A 1 118 ? -19.538 13.995  17.595  1.00 34.59 ? 132 GLU A OE1 1 
ATOM   856  O  OE2 . GLU A 1 118 ? -19.360 13.775  15.400  1.00 32.39 ? 132 GLU A OE2 1 
ATOM   857  N  N   . LEU A 1 119 ? -20.166 9.919   20.276  1.00 34.56 ? 133 LEU A N   1 
ATOM   858  C  CA  . LEU A 1 119 ? -20.596 9.037   21.375  1.00 35.75 ? 133 LEU A CA  1 
ATOM   859  C  C   . LEU A 1 119 ? -22.110 9.183   21.690  1.00 35.75 ? 133 LEU A C   1 
ATOM   860  O  O   . LEU A 1 119 ? -22.557 10.319  21.889  1.00 38.68 ? 133 LEU A O   1 
ATOM   861  C  CB  . LEU A 1 119 ? -19.738 9.271   22.626  1.00 40.58 ? 133 LEU A CB  1 
ATOM   862  C  CG  . LEU A 1 119 ? -18.261 8.944   22.427  1.00 39.64 ? 133 LEU A CG  1 
ATOM   863  C  CD1 . LEU A 1 119 ? -17.447 9.467   23.613  1.00 38.38 ? 133 LEU A CD1 1 
ATOM   864  C  CD2 . LEU A 1 119 ? -18.134 7.453   22.177  1.00 40.98 ? 133 LEU A CD2 1 
HETATM 865  C  C1  . NAG B 2 .   ? 4.186   -14.111 5.454   1.00 17.18 ? 201 NAG A C1  1 
HETATM 866  C  C2  . NAG B 2 .   ? 2.876   -14.154 6.223   1.00 18.07 ? 201 NAG A C2  1 
HETATM 867  C  C3  . NAG B 2 .   ? 2.901   -13.210 7.432   1.00 21.13 ? 201 NAG A C3  1 
HETATM 868  C  C4  . NAG B 2 .   ? 4.111   -13.526 8.266   1.00 22.22 ? 201 NAG A C4  1 
HETATM 869  C  C5  . NAG B 2 .   ? 5.316   -13.398 7.341   1.00 21.56 ? 201 NAG A C5  1 
HETATM 870  C  C6  . NAG B 2 .   ? 6.630   -13.689 8.111   1.00 23.26 ? 201 NAG A C6  1 
HETATM 871  C  C7  . NAG B 2 .   ? 0.817   -14.551 4.913   1.00 20.50 ? 201 NAG A C7  1 
HETATM 872  C  C8  . NAG B 2 .   ? -0.236  -13.965 3.975   1.00 20.17 ? 201 NAG A C8  1 
HETATM 873  N  N2  . NAG B 2 .   ? 1.827   -13.745 5.281   1.00 17.94 ? 201 NAG A N2  1 
HETATM 874  O  O3  . NAG B 2 .   ? 1.723   -13.475 8.223   1.00 23.23 ? 201 NAG A O3  1 
HETATM 875  O  O4  . NAG B 2 .   ? 4.277   -12.595 9.385   1.00 25.89 ? 201 NAG A O4  1 
HETATM 876  O  O5  . NAG B 2 .   ? 5.241   -14.398 6.345   1.00 18.00 ? 201 NAG A O5  1 
HETATM 877  O  O6  . NAG B 2 .   ? 6.541   -14.996 8.737   1.00 27.72 ? 201 NAG A O6  1 
HETATM 878  O  O7  . NAG B 2 .   ? 0.775   -15.753 5.227   1.00 21.64 ? 201 NAG A O7  1 
HETATM 879  MG MG  . MG  C 3 .   ? -15.615 9.231   4.337   0.75 18.44 ? 202 MG  A MG  1 
HETATM 880  C  C1  . EDO D 4 .   ? 0.955   -16.647 1.962   1.00 25.61 ? 203 EDO A C1  1 
HETATM 881  O  O1  . EDO D 4 .   ? 1.439   -17.776 2.712   1.00 27.93 ? 203 EDO A O1  1 
HETATM 882  C  C2  . EDO D 4 .   ? 0.828   -16.920 0.461   1.00 23.14 ? 203 EDO A C2  1 
HETATM 883  O  O2  . EDO D 4 .   ? 2.046   -17.368 -0.057  1.00 17.85 ? 203 EDO A O2  1 
HETATM 884  C  C1  . EDO E 4 .   ? -1.389  10.895  2.701   1.00 27.69 ? 204 EDO A C1  1 
HETATM 885  O  O1  . EDO E 4 .   ? -2.813  11.124  2.736   1.00 31.06 ? 204 EDO A O1  1 
HETATM 886  C  C2  . EDO E 4 .   ? -1.104  10.096  1.500   1.00 31.13 ? 204 EDO A C2  1 
HETATM 887  O  O2  . EDO E 4 .   ? -1.430  10.830  0.314   1.00 28.61 ? 204 EDO A O2  1 
HETATM 888  C  C1  . EDO F 4 .   ? -6.765  -3.981  7.193   1.00 35.25 ? 205 EDO A C1  1 
HETATM 889  O  O1  . EDO F 4 .   ? -5.711  -3.819  8.178   1.00 26.21 ? 205 EDO A O1  1 
HETATM 890  C  C2  . EDO F 4 .   ? -6.110  -3.987  5.824   1.00 34.97 ? 205 EDO A C2  1 
HETATM 891  O  O2  . EDO F 4 .   ? -6.277  -5.160  4.981   1.00 33.67 ? 205 EDO A O2  1 
HETATM 892  O  O   . HOH G 5 .   ? 9.338   7.516   9.549   1.00 10.17 ? 301 HOH A O   1 
HETATM 893  O  O   . HOH G 5 .   ? -3.119  -13.195 -7.807  1.00 12.73 ? 302 HOH A O   1 
HETATM 894  O  O   . HOH G 5 .   ? 15.938  4.771   2.951   1.00 15.53 ? 303 HOH A O   1 
HETATM 895  O  O   . HOH G 5 .   ? 10.625  11.469  8.381   1.00 11.77 ? 304 HOH A O   1 
HETATM 896  O  O   . HOH G 5 .   ? -6.655  8.998   -4.354  1.00 17.21 ? 305 HOH A O   1 
HETATM 897  O  O   . HOH G 5 .   ? 10.833  -2.629  2.300   1.00 14.68 ? 306 HOH A O   1 
HETATM 898  O  O   . HOH G 5 .   ? -10.305 -1.107  -5.333  1.00 18.78 ? 307 HOH A O   1 
HETATM 899  O  O   . HOH G 5 .   ? -0.622  -1.779  10.929  1.00 23.70 ? 308 HOH A O   1 
HETATM 900  O  O   . HOH G 5 .   ? -2.802  4.217   14.603  1.00 15.69 ? 309 HOH A O   1 
HETATM 901  O  O   . HOH G 5 .   ? -2.226  -16.118 2.732   1.00 21.72 ? 310 HOH A O   1 
HETATM 902  O  O   . HOH G 5 .   ? -9.805  -8.172  -1.821  1.00 12.97 ? 311 HOH A O   1 
HETATM 903  O  O   . HOH G 5 .   ? 5.462   12.328  12.130  1.00 17.95 ? 312 HOH A O   1 
HETATM 904  O  O   . HOH G 5 .   ? -3.702  11.656  7.366   1.00 16.92 ? 313 HOH A O   1 
HETATM 905  O  O   . HOH G 5 .   ? -6.979  2.331   -6.742  1.00 18.48 ? 314 HOH A O   1 
HETATM 906  O  O   . HOH G 5 .   ? -2.710  7.056   3.195   1.00 15.98 ? 315 HOH A O   1 
HETATM 907  O  O   . HOH G 5 .   ? -8.221  -10.013 -12.586 1.00 19.72 ? 316 HOH A O   1 
HETATM 908  O  O   . HOH G 5 .   ? -4.554  -7.082  3.692   1.00 16.14 ? 317 HOH A O   1 
HETATM 909  O  O   . HOH G 5 .   ? 14.583  -3.345  0.655   1.00 17.96 ? 318 HOH A O   1 
HETATM 910  O  O   . HOH G 5 .   ? 12.692  -15.252 -11.775 1.00 21.29 ? 319 HOH A O   1 
HETATM 911  O  O   . HOH G 5 .   ? -19.140 13.207  7.266   1.00 13.06 ? 320 HOH A O   1 
HETATM 912  O  O   . HOH G 5 .   ? 9.502   -20.033 3.118   1.00 20.21 ? 321 HOH A O   1 
HETATM 913  O  O   . HOH G 5 .   ? -6.471  -4.086  -9.443  1.00 20.32 ? 322 HOH A O   1 
HETATM 914  O  O   . HOH G 5 .   ? 11.623  -5.847  -1.775  1.00 19.65 ? 323 HOH A O   1 
HETATM 915  O  O   . HOH G 5 .   ? -11.459 -3.289  5.906   1.00 26.66 ? 324 HOH A O   1 
HETATM 916  O  O   . HOH G 5 .   ? 4.402   -1.503  -11.571 1.00 21.75 ? 325 HOH A O   1 
HETATM 917  O  O   . HOH G 5 .   ? 2.904   11.470  9.257   1.00 19.75 ? 326 HOH A O   1 
HETATM 918  O  O   . HOH G 5 .   ? -9.070  -4.257  -6.852  1.00 21.91 ? 327 HOH A O   1 
HETATM 919  O  O   . HOH G 5 .   ? -18.103 6.781   11.122  1.00 24.64 ? 328 HOH A O   1 
HETATM 920  O  O   . HOH G 5 .   ? 7.730   13.749  0.411   1.00 24.72 ? 329 HOH A O   1 
HETATM 921  O  O   . HOH G 5 .   ? 8.792   17.769  -0.155  1.00 25.06 ? 330 HOH A O   1 
HETATM 922  O  O   . HOH G 5 .   ? -3.914  -11.668 4.005   1.00 29.61 ? 331 HOH A O   1 
HETATM 923  O  O   . HOH G 5 .   ? -16.470 10.448  7.883   1.00 22.84 ? 332 HOH A O   1 
HETATM 924  O  O   . HOH G 5 .   ? 12.234  -17.991 -10.053 1.00 27.00 ? 333 HOH A O   1 
HETATM 925  O  O   . HOH G 5 .   ? 5.630   -12.607 -12.876 1.00 32.02 ? 334 HOH A O   1 
HETATM 926  O  O   . HOH G 5 .   ? 3.748   -6.043  10.412  1.00 31.55 ? 335 HOH A O   1 
HETATM 927  O  O   . HOH G 5 .   ? 11.378  -10.469 5.559   1.00 27.18 ? 336 HOH A O   1 
HETATM 928  O  O   . HOH G 5 .   ? -2.762  -7.740  -10.732 1.00 23.68 ? 337 HOH A O   1 
HETATM 929  O  O   . HOH G 5 .   ? 10.159  -19.696 -7.366  1.00 23.15 ? 338 HOH A O   1 
HETATM 930  O  O   . HOH G 5 .   ? -18.760 11.553  14.039  1.00 23.51 ? 339 HOH A O   1 
HETATM 931  O  O   . HOH G 5 .   ? -5.194  10.062  13.577  1.00 25.78 ? 340 HOH A O   1 
HETATM 932  O  O   . HOH G 5 .   ? 3.408   13.704  8.053   1.00 30.96 ? 341 HOH A O   1 
HETATM 933  O  O   . HOH G 5 .   ? -2.915  -7.859  6.134   1.00 29.47 ? 342 HOH A O   1 
HETATM 934  O  O   . HOH G 5 .   ? 13.478  -8.420  0.722   1.00 28.37 ? 343 HOH A O   1 
HETATM 935  O  O   . HOH G 5 .   ? 2.161   5.214   14.683  1.00 34.02 ? 344 HOH A O   1 
HETATM 936  O  O   . HOH G 5 .   ? -1.722  11.220  11.006  1.00 25.81 ? 345 HOH A O   1 
HETATM 937  O  O   . HOH G 5 .   ? -14.711 3.377   6.820   1.00 26.56 ? 346 HOH A O   1 
HETATM 938  O  O   . HOH G 5 .   ? -5.573  -10.030 -8.434  1.00 25.11 ? 347 HOH A O   1 
HETATM 939  O  O   . HOH G 5 .   ? 13.724  -2.787  -3.377  1.00 28.10 ? 348 HOH A O   1 
HETATM 940  O  O   . HOH G 5 .   ? -0.578  11.402  -7.984  1.00 26.61 ? 349 HOH A O   1 
HETATM 941  O  O   . HOH G 5 .   ? -14.278 9.971   5.554   1.00 33.29 ? 350 HOH A O   1 
HETATM 942  O  O   . HOH G 5 .   ? 6.107   -20.051 -10.048 1.00 41.81 ? 351 HOH A O   1 
HETATM 943  O  O   . HOH G 5 .   ? 3.367   -20.516 -4.996  1.00 25.00 ? 352 HOH A O   1 
HETATM 944  O  O   . HOH G 5 .   ? 10.730  -2.825  6.292   1.00 17.25 ? 353 HOH A O   1 
HETATM 945  O  O   . HOH G 5 .   ? -9.487  1.468   -6.002  1.00 21.54 ? 354 HOH A O   1 
HETATM 946  O  O   . HOH G 5 .   ? -1.904  -16.742 5.236   1.00 26.82 ? 355 HOH A O   1 
HETATM 947  O  O   . HOH G 5 .   ? 15.112  -3.874  -5.819  1.00 38.30 ? 356 HOH A O   1 
HETATM 948  O  O   . HOH G 5 .   ? -8.349  -0.386  11.037  1.00 30.45 ? 357 HOH A O   1 
HETATM 949  O  O   . HOH G 5 .   ? 5.974   8.647   -7.777  1.00 28.61 ? 358 HOH A O   1 
HETATM 950  O  O   . HOH G 5 .   ? -1.740  12.736  8.784   1.00 27.14 ? 359 HOH A O   1 
HETATM 951  O  O   . HOH G 5 .   ? 14.375  -8.515  -9.386  1.00 28.02 ? 360 HOH A O   1 
HETATM 952  O  O   . HOH G 5 .   ? 11.239  4.603   -4.873  1.00 31.95 ? 361 HOH A O   1 
HETATM 953  O  O   . HOH G 5 .   ? -14.659 9.528   2.617   1.00 26.81 ? 362 HOH A O   1 
HETATM 954  O  O   . HOH G 5 .   ? -17.325 8.436   3.324   1.00 29.70 ? 363 HOH A O   1 
HETATM 955  O  O   . HOH G 5 .   ? 6.183   11.010  -3.153  1.00 28.03 ? 364 HOH A O   1 
HETATM 956  O  O   . HOH G 5 .   ? 10.462  -3.651  9.787   1.00 24.73 ? 365 HOH A O   1 
HETATM 957  O  O   . HOH G 5 .   ? -16.521 14.113  17.093  1.00 34.56 ? 366 HOH A O   1 
HETATM 958  O  O   . HOH G 5 .   ? -11.757 5.367   -1.303  1.00 29.38 ? 367 HOH A O   1 
HETATM 959  O  O   . HOH G 5 .   ? -10.630 -5.182  3.718   1.00 36.10 ? 368 HOH A O   1 
HETATM 960  O  O   . HOH G 5 .   ? 15.355  -15.483 -12.410 1.00 40.65 ? 369 HOH A O   1 
HETATM 961  O  O   . HOH G 5 .   ? -16.784 8.588   5.970   1.00 27.07 ? 370 HOH A O   1 
HETATM 962  O  O   . HOH G 5 .   ? 1.006   11.519  12.160  1.00 33.62 ? 371 HOH A O   1 
HETATM 963  O  O   . HOH G 5 .   ? 1.266   -20.291 2.894   1.00 82.96 ? 372 HOH A O   1 
HETATM 964  O  O   . HOH G 5 .   ? 16.614  -17.660 -9.120  1.00 31.25 ? 373 HOH A O   1 
HETATM 965  O  O   . HOH G 5 .   ? -13.238 -1.278  -5.701  1.00 33.24 ? 374 HOH A O   1 
HETATM 966  O  O   . HOH G 5 .   ? -10.680 -2.315  -7.686  1.00 32.56 ? 375 HOH A O   1 
HETATM 967  O  O   . HOH G 5 .   ? -2.888  12.863  5.013   1.00 31.44 ? 376 HOH A O   1 
HETATM 968  O  O   . HOH G 5 .   ? 4.024   10.909  14.145  1.00 38.60 ? 377 HOH A O   1 
HETATM 969  O  O   . HOH G 5 .   ? 16.135  -12.803 -9.794  1.00 36.85 ? 378 HOH A O   1 
HETATM 970  O  O   . HOH G 5 .   ? 2.154   6.759   -12.260 1.00 29.15 ? 379 HOH A O   1 
HETATM 971  O  O   . HOH G 5 .   ? 1.699   -1.048  12.113  1.00 26.92 ? 380 HOH A O   1 
HETATM 972  O  O   . HOH G 5 .   ? -8.685  10.757  -3.763  1.00 39.81 ? 381 HOH A O   1 
HETATM 973  O  O   . HOH G 5 .   ? 13.997  -6.309  -10.558 1.00 31.13 ? 382 HOH A O   1 
HETATM 974  O  O   . HOH G 5 .   ? 8.780   -13.017 -12.760 1.00 30.20 ? 383 HOH A O   1 
HETATM 975  O  O   . HOH G 5 .   ? -14.525 -6.229  -1.998  1.00 28.13 ? 384 HOH A O   1 
HETATM 976  O  O   . HOH G 5 .   ? -1.749  11.578  -5.448  1.00 36.38 ? 385 HOH A O   1 
HETATM 977  O  O   . HOH G 5 .   ? -9.702  5.149   16.362  1.00 36.35 ? 386 HOH A O   1 
HETATM 978  O  O   . HOH G 5 .   ? -1.395  12.979  -9.974  1.00 46.12 ? 387 HOH A O   1 
HETATM 979  O  O   . HOH G 5 .   ? -11.054 4.213   -4.189  1.00 52.28 ? 388 HOH A O   1 
HETATM 980  O  O   . HOH G 5 .   ? -9.873  -1.141  -9.937  1.00 41.10 ? 389 HOH A O   1 
HETATM 981  O  O   . HOH G 5 .   ? -0.730  -12.199 7.599   1.00 37.72 ? 390 HOH A O   1 
HETATM 982  O  O   . HOH G 5 .   ? -13.982 -3.065  3.612   1.00 38.45 ? 391 HOH A O   1 
HETATM 983  O  O   . HOH G 5 .   ? -16.249 -1.796  -4.616  1.00 40.16 ? 392 HOH A O   1 
HETATM 984  O  O   . HOH G 5 .   ? -1.890  8.444   -16.628 1.00 35.52 ? 393 HOH A O   1 
HETATM 985  O  O   . HOH G 5 .   ? -4.355  14.964  -7.264  1.00 46.71 ? 394 HOH A O   1 
HETATM 986  O  O   . HOH G 5 .   ? -8.791  12.173  1.135   1.00 30.30 ? 395 HOH A O   1 
HETATM 987  O  O   . HOH G 5 .   ? 4.862   19.867  -0.840  1.00 44.66 ? 396 HOH A O   1 
HETATM 988  O  O   . HOH G 5 .   ? 3.452   15.438  0.044   1.00 37.27 ? 397 HOH A O   1 
HETATM 989  O  O   . HOH G 5 .   ? -13.969 5.982   0.034   1.00 37.82 ? 398 HOH A O   1 
HETATM 990  O  O   . HOH G 5 .   ? -15.397 1.961   8.793   1.00 52.67 ? 399 HOH A O   1 
HETATM 991  O  O   . HOH G 5 .   ? -8.637  -6.429  4.750   1.00 35.00 ? 400 HOH A O   1 
HETATM 992  O  O   . HOH G 5 .   ? -3.734  -1.953  -10.978 1.00 32.47 ? 401 HOH A O   1 
HETATM 993  O  O   . HOH G 5 .   ? 6.933   10.612  -6.003  1.00 61.90 ? 402 HOH A O   1 
HETATM 994  O  O   . HOH G 5 .   ? 9.632   7.292   -5.935  1.00 41.07 ? 403 HOH A O   1 
HETATM 995  O  O   . HOH G 5 .   ? -2.842  -2.983  11.888  1.00 41.38 ? 404 HOH A O   1 
HETATM 996  O  O   . HOH G 5 .   ? 16.541  -10.034 -9.464  1.00 40.36 ? 405 HOH A O   1 
HETATM 997  O  O   . HOH G 5 .   ? -6.265  1.361   -12.202 1.00 51.30 ? 406 HOH A O   1 
HETATM 998  O  O   . HOH G 5 .   ? 4.484   12.674  -1.437  1.00 36.33 ? 407 HOH A O   1 
HETATM 999  O  O   . HOH G 5 .   ? 0.836   -10.287 7.319   1.00 42.02 ? 408 HOH A O   1 
HETATM 1000 O  O   . HOH G 5 .   ? 4.719   -4.399  6.299   1.00 70.75 ? 409 HOH A O   1 
HETATM 1001 O  O   . HOH G 5 .   ? 2.096   -11.066 4.470   1.00 21.75 ? 410 HOH A O   1 
# 
